data_1T0Z
# 
_entry.id   1T0Z 
# 
_audit_conform.dict_name       mmcif_pdbx.dic 
_audit_conform.dict_version    5.398 
_audit_conform.dict_location   http://mmcif.pdb.org/dictionaries/ascii/mmcif_pdbx.dic 
# 
loop_
_database_2.database_id 
_database_2.database_code 
_database_2.pdbx_database_accession 
_database_2.pdbx_DOI 
PDB   1T0Z         pdb_00001t0z 10.2210/pdb1t0z/pdb 
RCSB  RCSB022176   ?            ?                   
WWPDB D_1000022176 ?            ?                   
# 
loop_
_pdbx_audit_revision_history.ordinal 
_pdbx_audit_revision_history.data_content_type 
_pdbx_audit_revision_history.major_revision 
_pdbx_audit_revision_history.minor_revision 
_pdbx_audit_revision_history.revision_date 
1 'Structure model' 1 0 2004-12-28 
2 'Structure model' 1 1 2008-04-30 
3 'Structure model' 1 2 2011-07-13 
4 'Structure model' 1 3 2024-10-30 
# 
_pdbx_audit_revision_details.ordinal             1 
_pdbx_audit_revision_details.revision_ordinal    1 
_pdbx_audit_revision_details.data_content_type   'Structure model' 
_pdbx_audit_revision_details.provider            repository 
_pdbx_audit_revision_details.type                'Initial release' 
_pdbx_audit_revision_details.description         ? 
_pdbx_audit_revision_details.details             ? 
# 
loop_
_pdbx_audit_revision_group.ordinal 
_pdbx_audit_revision_group.revision_ordinal 
_pdbx_audit_revision_group.data_content_type 
_pdbx_audit_revision_group.group 
1 2 'Structure model' 'Version format compliance' 
2 3 'Structure model' 'Version format compliance' 
3 4 'Structure model' 'Data collection'           
4 4 'Structure model' 'Database references'       
5 4 'Structure model' 'Derived calculations'      
6 4 'Structure model' 'Structure summary'         
# 
loop_
_pdbx_audit_revision_category.ordinal 
_pdbx_audit_revision_category.revision_ordinal 
_pdbx_audit_revision_category.data_content_type 
_pdbx_audit_revision_category.category 
1 4 'Structure model' chem_comp_atom            
2 4 'Structure model' chem_comp_bond            
3 4 'Structure model' database_2                
4 4 'Structure model' pdbx_entry_details        
5 4 'Structure model' pdbx_modification_feature 
6 4 'Structure model' struct_site               
# 
loop_
_pdbx_audit_revision_item.ordinal 
_pdbx_audit_revision_item.revision_ordinal 
_pdbx_audit_revision_item.data_content_type 
_pdbx_audit_revision_item.item 
1 4 'Structure model' '_database_2.pdbx_DOI'                
2 4 'Structure model' '_database_2.pdbx_database_accession' 
3 4 'Structure model' '_struct_site.pdbx_auth_asym_id'      
4 4 'Structure model' '_struct_site.pdbx_auth_comp_id'      
5 4 'Structure model' '_struct_site.pdbx_auth_seq_id'       
# 
_pdbx_database_status.status_code                     REL 
_pdbx_database_status.entry_id                        1T0Z 
_pdbx_database_status.recvd_initial_deposition_date   2004-04-14 
_pdbx_database_status.deposit_site                    RCSB 
_pdbx_database_status.process_site                    RCSB 
_pdbx_database_status.status_code_sf                  REL 
_pdbx_database_status.status_code_mr                  ? 
_pdbx_database_status.SG_entry                        ? 
_pdbx_database_status.pdb_format_compatible           Y 
_pdbx_database_status.status_code_cs                  ? 
_pdbx_database_status.status_code_nmr_data            ? 
_pdbx_database_status.methods_development_category    ? 
# 
loop_
_audit_author.name 
_audit_author.pdbx_ordinal 
'Li, C.'      1 
'Guan, R.-J.' 2 
'Xiang, Y.'   3 
'Zhang, Y.'   4 
'Wang, D.-C.' 5 
# 
loop_
_citation.id 
_citation.title 
_citation.journal_abbrev 
_citation.journal_volume 
_citation.page_first 
_citation.page_last 
_citation.year 
_citation.journal_id_ASTM 
_citation.country 
_citation.journal_id_ISSN 
_citation.journal_id_CSD 
_citation.book_publisher 
_citation.pdbx_database_id_PubMed 
_citation.pdbx_database_id_DOI 
primary 
'Structure of an excitatory insect-specific toxin with an analgesic effect on mammals from the scorpion Buthus martensii Karsch.' 
'Acta Crystallogr.,Sect.D' 61 14   21   2005 ABCRE6 DK 0907-4449 0766 ? 15608371 10.1107/S0907444904025703       
1       
;Molecular characterization of a new excitatory insect neurotoxin with an analgesic effect on mice from the scorpion Buthus martensii Karsch
;
Toxicon                    37 1165 1180 1999 TOXIA6 UK 0041-0101 2043 ? ?        '10.1016/S0041-0101(98)00253-0' 
2       
;Crystallization and preliminary X-ray analyses of insect neurotoxins with analgesic effect from the scorpion Buthus martensii Karsch
;
'Acta Crystallogr.,Sect.D' 56 1012 1014 2000 ABCRE6 DK 0907-4449 0766 ? ?        10.1107/S0907444900006004       
# 
loop_
_citation_author.citation_id 
_citation_author.name 
_citation_author.ordinal 
_citation_author.identifier_ORCID 
primary 'Li, C.'       1  ? 
primary 'Guan, R.J.'   2  ? 
primary 'Xiang, Y.'    3  ? 
primary 'Zhang, Y.'    4  ? 
primary 'Wang, D.C.'   5  ? 
1       'Xiong, Y.-M.' 6  ? 
1       'Lan, Z.-D.'   7  ? 
1       'Wang, M.'     8  ? 
1       'Liu, B.'      9  ? 
1       'Liu, X.-Q.'   10 ? 
1       'Fei, H.'      11 ? 
1       'Xu, L.-G.'    12 ? 
1       'Xia, Q.-C.'   13 ? 
1       'Wang, C.-G.'  14 ? 
1       'Wang, D.-C.'  15 ? 
1       'Chi, Z.-W.'   16 ? 
2       'Guan, R.-J.'  17 ? 
2       'Liu, X.-Q.'   18 ? 
2       'Liu, B.'      19 ? 
2       'Wang, M.'     20 ? 
2       'Wang, D.-C.'  21 ? 
# 
loop_
_entity.id 
_entity.type 
_entity.src_method 
_entity.pdbx_description 
_entity.formula_weight 
_entity.pdbx_number_of_molecules 
_entity.pdbx_ec 
_entity.pdbx_mutation 
_entity.pdbx_fragment 
_entity.details 
1 polymer     nat 'insect neurotoxin' 8165.270 2  ? ? ? ? 
2 non-polymer syn 'SULFATE ION'       96.063   11 ? ? ? ? 
3 water       nat water               18.015   66 ? ? ? ? 
# 
_entity_poly.entity_id                      1 
_entity_poly.type                           'polypeptide(L)' 
_entity_poly.nstd_linkage                   no 
_entity_poly.nstd_monomer                   no 
_entity_poly.pdbx_seq_one_letter_code       KKNGYAVDSSGKVAECLFNNYCNNECTKVYYADKGYCCLLKCYCFGLADDKPVLDIWDSTKNYCDVQIIDLS 
_entity_poly.pdbx_seq_one_letter_code_can   KKNGYAVDSSGKVAECLFNNYCNNECTKVYYADKGYCCLLKCYCFGLADDKPVLDIWDSTKNYCDVQIIDLS 
_entity_poly.pdbx_strand_id                 A,B 
_entity_poly.pdbx_target_identifier         ? 
# 
loop_
_pdbx_entity_nonpoly.entity_id 
_pdbx_entity_nonpoly.name 
_pdbx_entity_nonpoly.comp_id 
2 'SULFATE ION' SO4 
3 water         HOH 
# 
loop_
_entity_poly_seq.entity_id 
_entity_poly_seq.num 
_entity_poly_seq.mon_id 
_entity_poly_seq.hetero 
1 1  LYS n 
1 2  LYS n 
1 3  ASN n 
1 4  GLY n 
1 5  TYR n 
1 6  ALA n 
1 7  VAL n 
1 8  ASP n 
1 9  SER n 
1 10 SER n 
1 11 GLY n 
1 12 LYS n 
1 13 VAL n 
1 14 ALA n 
1 15 GLU n 
1 16 CYS n 
1 17 LEU n 
1 18 PHE n 
1 19 ASN n 
1 20 ASN n 
1 21 TYR n 
1 22 CYS n 
1 23 ASN n 
1 24 ASN n 
1 25 GLU n 
1 26 CYS n 
1 27 THR n 
1 28 LYS n 
1 29 VAL n 
1 30 TYR n 
1 31 TYR n 
1 32 ALA n 
1 33 ASP n 
1 34 LYS n 
1 35 GLY n 
1 36 TYR n 
1 37 CYS n 
1 38 CYS n 
1 39 LEU n 
1 40 LEU n 
1 41 LYS n 
1 42 CYS n 
1 43 TYR n 
1 44 CYS n 
1 45 PHE n 
1 46 GLY n 
1 47 LEU n 
1 48 ALA n 
1 49 ASP n 
1 50 ASP n 
1 51 LYS n 
1 52 PRO n 
1 53 VAL n 
1 54 LEU n 
1 55 ASP n 
1 56 ILE n 
1 57 TRP n 
1 58 ASP n 
1 59 SER n 
1 60 THR n 
1 61 LYS n 
1 62 ASN n 
1 63 TYR n 
1 64 CYS n 
1 65 ASP n 
1 66 VAL n 
1 67 GLN n 
1 68 ILE n 
1 69 ILE n 
1 70 ASP n 
1 71 LEU n 
1 72 SER n 
# 
_entity_src_nat.entity_id                  1 
_entity_src_nat.pdbx_src_id                1 
_entity_src_nat.pdbx_alt_source_flag       sample 
_entity_src_nat.pdbx_beg_seq_num           ? 
_entity_src_nat.pdbx_end_seq_num           ? 
_entity_src_nat.common_name                'Chinese scorpion' 
_entity_src_nat.pdbx_organism_scientific   'Mesobuthus martensii' 
_entity_src_nat.pdbx_ncbi_taxonomy_id      34649 
_entity_src_nat.genus                      Mesobuthus 
_entity_src_nat.species                    ? 
_entity_src_nat.strain                     ? 
_entity_src_nat.tissue                     ? 
_entity_src_nat.tissue_fraction            ? 
_entity_src_nat.pdbx_secretion             ? 
_entity_src_nat.pdbx_fragment              ? 
_entity_src_nat.pdbx_variant               ? 
_entity_src_nat.pdbx_cell_line             ? 
_entity_src_nat.pdbx_atcc                  ? 
_entity_src_nat.pdbx_cellular_location     ? 
_entity_src_nat.pdbx_organ                 ? 
_entity_src_nat.pdbx_organelle             ? 
_entity_src_nat.pdbx_cell                  ? 
_entity_src_nat.pdbx_plasmid_name          ? 
_entity_src_nat.pdbx_plasmid_details       ? 
_entity_src_nat.details                    ? 
# 
loop_
_chem_comp.id 
_chem_comp.type 
_chem_comp.mon_nstd_flag 
_chem_comp.name 
_chem_comp.pdbx_synonyms 
_chem_comp.formula 
_chem_comp.formula_weight 
ALA 'L-peptide linking' y ALANINE         ? 'C3 H7 N O2'     89.093  
ASN 'L-peptide linking' y ASPARAGINE      ? 'C4 H8 N2 O3'    132.118 
ASP 'L-peptide linking' y 'ASPARTIC ACID' ? 'C4 H7 N O4'     133.103 
CYS 'L-peptide linking' y CYSTEINE        ? 'C3 H7 N O2 S'   121.158 
GLN 'L-peptide linking' y GLUTAMINE       ? 'C5 H10 N2 O3'   146.144 
GLU 'L-peptide linking' y 'GLUTAMIC ACID' ? 'C5 H9 N O4'     147.129 
GLY 'peptide linking'   y GLYCINE         ? 'C2 H5 N O2'     75.067  
HOH non-polymer         . WATER           ? 'H2 O'           18.015  
ILE 'L-peptide linking' y ISOLEUCINE      ? 'C6 H13 N O2'    131.173 
LEU 'L-peptide linking' y LEUCINE         ? 'C6 H13 N O2'    131.173 
LYS 'L-peptide linking' y LYSINE          ? 'C6 H15 N2 O2 1' 147.195 
PHE 'L-peptide linking' y PHENYLALANINE   ? 'C9 H11 N O2'    165.189 
PRO 'L-peptide linking' y PROLINE         ? 'C5 H9 N O2'     115.130 
SER 'L-peptide linking' y SERINE          ? 'C3 H7 N O3'     105.093 
SO4 non-polymer         . 'SULFATE ION'   ? 'O4 S -2'        96.063  
THR 'L-peptide linking' y THREONINE       ? 'C4 H9 N O3'     119.119 
TRP 'L-peptide linking' y TRYPTOPHAN      ? 'C11 H12 N2 O2'  204.225 
TYR 'L-peptide linking' y TYROSINE        ? 'C9 H11 N O3'    181.189 
VAL 'L-peptide linking' y VALINE          ? 'C5 H11 N O2'    117.146 
# 
loop_
_pdbx_poly_seq_scheme.asym_id 
_pdbx_poly_seq_scheme.entity_id 
_pdbx_poly_seq_scheme.seq_id 
_pdbx_poly_seq_scheme.mon_id 
_pdbx_poly_seq_scheme.ndb_seq_num 
_pdbx_poly_seq_scheme.pdb_seq_num 
_pdbx_poly_seq_scheme.auth_seq_num 
_pdbx_poly_seq_scheme.pdb_mon_id 
_pdbx_poly_seq_scheme.auth_mon_id 
_pdbx_poly_seq_scheme.pdb_strand_id 
_pdbx_poly_seq_scheme.pdb_ins_code 
_pdbx_poly_seq_scheme.hetero 
A 1 1  LYS 1  1  1  LYS LYS A . n 
A 1 2  LYS 2  2  2  LYS LYS A . n 
A 1 3  ASN 3  3  3  ASN ASN A . n 
A 1 4  GLY 4  4  4  GLY GLY A . n 
A 1 5  TYR 5  5  5  TYR TYR A . n 
A 1 6  ALA 6  6  6  ALA ALA A . n 
A 1 7  VAL 7  7  7  VAL VAL A . n 
A 1 8  ASP 8  8  8  ASP ASP A . n 
A 1 9  SER 9  9  9  SER SER A . n 
A 1 10 SER 10 10 10 SER SER A . n 
A 1 11 GLY 11 11 11 GLY GLY A . n 
A 1 12 LYS 12 12 12 LYS LYS A . n 
A 1 13 VAL 13 13 13 VAL VAL A . n 
A 1 14 ALA 14 14 14 ALA ALA A . n 
A 1 15 GLU 15 15 15 GLU GLU A . n 
A 1 16 CYS 16 16 16 CYS CYS A . n 
A 1 17 LEU 17 17 17 LEU LEU A . n 
A 1 18 PHE 18 18 18 PHE PHE A . n 
A 1 19 ASN 19 19 19 ASN ASN A . n 
A 1 20 ASN 20 20 20 ASN ASN A . n 
A 1 21 TYR 21 21 21 TYR TYR A . n 
A 1 22 CYS 22 22 22 CYS CYS A . n 
A 1 23 ASN 23 23 23 ASN ASN A . n 
A 1 24 ASN 24 24 24 ASN ASN A . n 
A 1 25 GLU 25 25 25 GLU GLU A . n 
A 1 26 CYS 26 26 26 CYS CYS A . n 
A 1 27 THR 27 27 27 THR THR A . n 
A 1 28 LYS 28 28 28 LYS LYS A . n 
A 1 29 VAL 29 29 29 VAL VAL A . n 
A 1 30 TYR 30 30 30 TYR TYR A . n 
A 1 31 TYR 31 31 31 TYR TYR A . n 
A 1 32 ALA 32 32 32 ALA ALA A . n 
A 1 33 ASP 33 33 33 ASP ASP A . n 
A 1 34 LYS 34 34 34 LYS LYS A . n 
A 1 35 GLY 35 35 35 GLY GLY A . n 
A 1 36 TYR 36 36 36 TYR TYR A . n 
A 1 37 CYS 37 37 37 CYS CYS A . n 
A 1 38 CYS 38 38 38 CYS CYS A . n 
A 1 39 LEU 39 39 39 LEU LEU A . n 
A 1 40 LEU 40 40 40 LEU LEU A . n 
A 1 41 LYS 41 41 41 LYS LYS A . n 
A 1 42 CYS 42 42 42 CYS CYS A . n 
A 1 43 TYR 43 43 43 TYR TYR A . n 
A 1 44 CYS 44 44 44 CYS CYS A . n 
A 1 45 PHE 45 45 45 PHE PHE A . n 
A 1 46 GLY 46 46 46 GLY GLY A . n 
A 1 47 LEU 47 47 47 LEU LEU A . n 
A 1 48 ALA 48 48 48 ALA ALA A . n 
A 1 49 ASP 49 49 49 ASP ASP A . n 
A 1 50 ASP 50 50 50 ASP ASP A . n 
A 1 51 LYS 51 51 51 LYS LYS A . n 
A 1 52 PRO 52 52 52 PRO PRO A . n 
A 1 53 VAL 53 53 53 VAL VAL A . n 
A 1 54 LEU 54 54 54 LEU LEU A . n 
A 1 55 ASP 55 55 55 ASP ASP A . n 
A 1 56 ILE 56 56 56 ILE ILE A . n 
A 1 57 TRP 57 57 57 TRP TRP A . n 
A 1 58 ASP 58 58 58 ASP ASP A . n 
A 1 59 SER 59 59 59 SER SER A . n 
A 1 60 THR 60 60 60 THR THR A . n 
A 1 61 LYS 61 61 61 LYS LYS A . n 
A 1 62 ASN 62 62 62 ASN ASN A . n 
A 1 63 TYR 63 63 63 TYR TYR A . n 
A 1 64 CYS 64 64 64 CYS CYS A . n 
A 1 65 ASP 65 65 65 ASP ASP A . n 
A 1 66 VAL 66 66 66 VAL VAL A . n 
A 1 67 GLN 67 67 67 GLN GLN A . n 
A 1 68 ILE 68 68 68 ILE ILE A . n 
A 1 69 ILE 69 69 69 ILE ILE A . n 
A 1 70 ASP 70 70 70 ASP ASP A . n 
A 1 71 LEU 71 71 71 LEU LEU A . n 
A 1 72 SER 72 72 72 SER SER A . n 
B 1 1  LYS 1  1  1  LYS LYS B . n 
B 1 2  LYS 2  2  2  LYS LYS B . n 
B 1 3  ASN 3  3  3  ASN ASN B . n 
B 1 4  GLY 4  4  4  GLY GLY B . n 
B 1 5  TYR 5  5  5  TYR TYR B . n 
B 1 6  ALA 6  6  6  ALA ALA B . n 
B 1 7  VAL 7  7  7  VAL VAL B . n 
B 1 8  ASP 8  8  8  ASP ASP B . n 
B 1 9  SER 9  9  9  SER SER B . n 
B 1 10 SER 10 10 10 SER SER B . n 
B 1 11 GLY 11 11 11 GLY GLY B . n 
B 1 12 LYS 12 12 12 LYS LYS B . n 
B 1 13 VAL 13 13 13 VAL VAL B . n 
B 1 14 ALA 14 14 14 ALA ALA B . n 
B 1 15 GLU 15 15 15 GLU GLU B . n 
B 1 16 CYS 16 16 16 CYS CYS B . n 
B 1 17 LEU 17 17 17 LEU LEU B . n 
B 1 18 PHE 18 18 18 PHE PHE B . n 
B 1 19 ASN 19 19 19 ASN ASN B . n 
B 1 20 ASN 20 20 20 ASN ASN B . n 
B 1 21 TYR 21 21 21 TYR TYR B . n 
B 1 22 CYS 22 22 22 CYS CYS B . n 
B 1 23 ASN 23 23 23 ASN ASN B . n 
B 1 24 ASN 24 24 24 ASN ASN B . n 
B 1 25 GLU 25 25 25 GLU GLU B . n 
B 1 26 CYS 26 26 26 CYS CYS B . n 
B 1 27 THR 27 27 27 THR THR B . n 
B 1 28 LYS 28 28 28 LYS LYS B . n 
B 1 29 VAL 29 29 29 VAL VAL B . n 
B 1 30 TYR 30 30 30 TYR TYR B . n 
B 1 31 TYR 31 31 31 TYR TYR B . n 
B 1 32 ALA 32 32 32 ALA ALA B . n 
B 1 33 ASP 33 33 33 ASP ASP B . n 
B 1 34 LYS 34 34 34 LYS LYS B . n 
B 1 35 GLY 35 35 35 GLY GLY B . n 
B 1 36 TYR 36 36 36 TYR TYR B . n 
B 1 37 CYS 37 37 37 CYS CYS B . n 
B 1 38 CYS 38 38 38 CYS CYS B . n 
B 1 39 LEU 39 39 39 LEU LEU B . n 
B 1 40 LEU 40 40 40 LEU LEU B . n 
B 1 41 LYS 41 41 41 LYS LYS B . n 
B 1 42 CYS 42 42 42 CYS CYS B . n 
B 1 43 TYR 43 43 43 TYR TYR B . n 
B 1 44 CYS 44 44 44 CYS CYS B . n 
B 1 45 PHE 45 45 45 PHE PHE B . n 
B 1 46 GLY 46 46 46 GLY GLY B . n 
B 1 47 LEU 47 47 47 LEU LEU B . n 
B 1 48 ALA 48 48 48 ALA ALA B . n 
B 1 49 ASP 49 49 49 ASP ASP B . n 
B 1 50 ASP 50 50 50 ASP ASP B . n 
B 1 51 LYS 51 51 51 LYS LYS B . n 
B 1 52 PRO 52 52 52 PRO PRO B . n 
B 1 53 VAL 53 53 53 VAL VAL B . n 
B 1 54 LEU 54 54 54 LEU LEU B . n 
B 1 55 ASP 55 55 55 ASP ASP B . n 
B 1 56 ILE 56 56 56 ILE ILE B . n 
B 1 57 TRP 57 57 57 TRP TRP B . n 
B 1 58 ASP 58 58 58 ASP ASP B . n 
B 1 59 SER 59 59 59 SER SER B . n 
B 1 60 THR 60 60 60 THR THR B . n 
B 1 61 LYS 61 61 61 LYS LYS B . n 
B 1 62 ASN 62 62 62 ASN ASN B . n 
B 1 63 TYR 63 63 63 TYR TYR B . n 
B 1 64 CYS 64 64 64 CYS CYS B . n 
B 1 65 ASP 65 65 65 ASP ASP B . n 
B 1 66 VAL 66 66 66 VAL VAL B . n 
B 1 67 GLN 67 67 67 GLN GLN B . n 
B 1 68 ILE 68 68 68 ILE ILE B . n 
B 1 69 ILE 69 69 69 ILE ILE B . n 
B 1 70 ASP 70 70 70 ASP ASP B . n 
B 1 71 LEU 71 71 71 LEU LEU B . n 
B 1 72 SER 72 72 72 SER SER B . n 
# 
loop_
_pdbx_nonpoly_scheme.asym_id 
_pdbx_nonpoly_scheme.entity_id 
_pdbx_nonpoly_scheme.mon_id 
_pdbx_nonpoly_scheme.ndb_seq_num 
_pdbx_nonpoly_scheme.pdb_seq_num 
_pdbx_nonpoly_scheme.auth_seq_num 
_pdbx_nonpoly_scheme.pdb_mon_id 
_pdbx_nonpoly_scheme.auth_mon_id 
_pdbx_nonpoly_scheme.pdb_strand_id 
_pdbx_nonpoly_scheme.pdb_ins_code 
C 2 SO4 1  101 1  SO4 SO4 A . 
D 2 SO4 1  102 2  SO4 SO4 A . 
E 2 SO4 1  103 3  SO4 SO4 A . 
F 2 SO4 1  104 4  SO4 SO4 A . 
G 2 SO4 1  105 5  SO4 SO4 A . 
H 2 SO4 1  107 7  SO4 SO4 A . 
I 2 SO4 1  108 8  SO4 SO4 A . 
J 2 SO4 1  110 10 SO4 SO4 A . 
K 2 SO4 1  106 6  SO4 SO4 B . 
L 2 SO4 1  109 9  SO4 SO4 B . 
M 2 SO4 1  111 11 SO4 SO4 B . 
N 3 HOH 1  111 72 HOH HOH A . 
N 3 HOH 2  112 1  HOH HOH A . 
N 3 HOH 3  113 2  HOH HOH A . 
N 3 HOH 4  114 3  HOH HOH A . 
N 3 HOH 5  115 4  HOH HOH A . 
N 3 HOH 6  116 5  HOH HOH A . 
N 3 HOH 7  117 6  HOH HOH A . 
N 3 HOH 8  118 7  HOH HOH A . 
N 3 HOH 9  119 8  HOH HOH A . 
N 3 HOH 10 120 9  HOH HOH A . 
N 3 HOH 11 121 10 HOH HOH A . 
N 3 HOH 12 122 11 HOH HOH A . 
N 3 HOH 13 123 12 HOH HOH A . 
N 3 HOH 14 124 13 HOH HOH A . 
N 3 HOH 15 125 14 HOH HOH A . 
N 3 HOH 16 126 15 HOH HOH A . 
N 3 HOH 17 127 17 HOH HOH A . 
N 3 HOH 18 128 18 HOH HOH A . 
N 3 HOH 19 129 19 HOH HOH A . 
N 3 HOH 20 130 20 HOH HOH A . 
N 3 HOH 21 131 21 HOH HOH A . 
N 3 HOH 22 132 22 HOH HOH A . 
N 3 HOH 23 133 23 HOH HOH A . 
N 3 HOH 24 134 24 HOH HOH A . 
N 3 HOH 25 135 25 HOH HOH A . 
N 3 HOH 26 136 26 HOH HOH A . 
N 3 HOH 27 137 27 HOH HOH A . 
N 3 HOH 28 138 29 HOH HOH A . 
N 3 HOH 29 139 31 HOH HOH A . 
N 3 HOH 30 140 32 HOH HOH A . 
N 3 HOH 31 141 33 HOH HOH A . 
N 3 HOH 32 142 34 HOH HOH A . 
N 3 HOH 33 143 36 HOH HOH A . 
N 3 HOH 34 144 37 HOH HOH A . 
N 3 HOH 35 145 40 HOH HOH A . 
N 3 HOH 36 146 56 HOH HOH A . 
N 3 HOH 37 147 58 HOH HOH A . 
N 3 HOH 38 148 61 HOH HOH A . 
N 3 HOH 39 149 62 HOH HOH A . 
N 3 HOH 40 150 64 HOH HOH A . 
N 3 HOH 41 151 65 HOH HOH A . 
O 3 HOH 1  112 16 HOH HOH B . 
O 3 HOH 2  113 28 HOH HOH B . 
O 3 HOH 3  114 30 HOH HOH B . 
O 3 HOH 4  115 35 HOH HOH B . 
O 3 HOH 5  116 38 HOH HOH B . 
O 3 HOH 6  117 39 HOH HOH B . 
O 3 HOH 7  118 41 HOH HOH B . 
O 3 HOH 8  119 42 HOH HOH B . 
O 3 HOH 9  120 43 HOH HOH B . 
O 3 HOH 10 121 44 HOH HOH B . 
O 3 HOH 11 122 45 HOH HOH B . 
O 3 HOH 12 123 46 HOH HOH B . 
O 3 HOH 13 124 47 HOH HOH B . 
O 3 HOH 14 125 48 HOH HOH B . 
O 3 HOH 15 126 49 HOH HOH B . 
O 3 HOH 16 127 50 HOH HOH B . 
O 3 HOH 17 128 51 HOH HOH B . 
O 3 HOH 18 129 52 HOH HOH B . 
O 3 HOH 19 130 53 HOH HOH B . 
O 3 HOH 20 131 54 HOH HOH B . 
O 3 HOH 21 132 55 HOH HOH B . 
O 3 HOH 22 133 57 HOH HOH B . 
O 3 HOH 23 134 59 HOH HOH B . 
O 3 HOH 24 135 60 HOH HOH B . 
O 3 HOH 25 136 63 HOH HOH B . 
# 
loop_
_software.name 
_software.classification 
_software.version 
_software.citation_id 
_software.pdbx_ordinal 
CNS       refinement       1.1 ? 1 
DENZO     'data reduction' .   ? 2 
SCALEPACK 'data scaling'   .   ? 3 
MOLREP    phasing          .   ? 4 
# 
_cell.entry_id           1T0Z 
_cell.length_a           64.971 
_cell.length_b           64.971 
_cell.length_c           173.482 
_cell.angle_alpha        90.00 
_cell.angle_beta         90.00 
_cell.angle_gamma        120.00 
_cell.Z_PDB              24 
_cell.pdbx_unique_axis   ? 
# 
_symmetry.entry_id                         1T0Z 
_symmetry.space_group_name_H-M             'P 64 2 2' 
_symmetry.pdbx_full_space_group_name_H-M   ? 
_symmetry.cell_setting                     ? 
_symmetry.Int_Tables_number                181 
_symmetry.space_group_name_Hall            ? 
# 
_exptl.entry_id          1T0Z 
_exptl.method            'X-RAY DIFFRACTION' 
_exptl.crystals_number   1 
# 
_exptl_crystal.id                    1 
_exptl_crystal.density_meas          ? 
_exptl_crystal.density_Matthews      3.24 
_exptl_crystal.density_percent_sol   61.99 
_exptl_crystal.description           ? 
_exptl_crystal.F_000                 ? 
_exptl_crystal.preparation           ? 
# 
_exptl_crystal_grow.crystal_id      1 
_exptl_crystal_grow.method          'VAPOR DIFFUSION, HANGING DROP' 
_exptl_crystal_grow.temp            295 
_exptl_crystal_grow.temp_details    ? 
_exptl_crystal_grow.pH              8.5 
_exptl_crystal_grow.pdbx_details    'ammonium sulfate, Dioxane, pH 8.5, VAPOR DIFFUSION, HANGING DROP, temperature 295K' 
_exptl_crystal_grow.pdbx_pH_range   . 
# 
_diffrn.id                     1 
_diffrn.ambient_temp           283 
_diffrn.ambient_temp_details   ? 
_diffrn.crystal_id             1 
# 
_diffrn_detector.diffrn_id              1 
_diffrn_detector.detector               CCD 
_diffrn_detector.type                   'ADSC QUANTUM 4' 
_diffrn_detector.pdbx_collection_date   2002-03-14 
_diffrn_detector.details                ? 
# 
_diffrn_radiation.diffrn_id                        1 
_diffrn_radiation.wavelength_id                    1 
_diffrn_radiation.pdbx_monochromatic_or_laue_m_l   M 
_diffrn_radiation.monochromator                    ? 
_diffrn_radiation.pdbx_diffrn_protocol             'SINGLE WAVELENGTH' 
_diffrn_radiation.pdbx_scattering_type             x-ray 
# 
_diffrn_radiation_wavelength.id           1 
_diffrn_radiation_wavelength.wavelength   1.0000 
_diffrn_radiation_wavelength.wt           1.0 
# 
_diffrn_source.diffrn_id                   1 
_diffrn_source.source                      SYNCHROTRON 
_diffrn_source.type                        'PHOTON FACTORY BEAMLINE BL-18B' 
_diffrn_source.pdbx_synchrotron_site       'Photon Factory' 
_diffrn_source.pdbx_synchrotron_beamline   BL-18B 
_diffrn_source.pdbx_wavelength             ? 
_diffrn_source.pdbx_wavelength_list        1.0000 
# 
_reflns.entry_id                     1T0Z 
_reflns.observed_criterion_sigma_I   0 
_reflns.observed_criterion_sigma_F   0 
_reflns.d_resolution_low             500 
_reflns.d_resolution_high            2.60 
_reflns.number_obs                   7244 
_reflns.number_all                   ? 
_reflns.percent_possible_obs         100 
_reflns.pdbx_Rmerge_I_obs            ? 
_reflns.pdbx_Rsym_value              ? 
_reflns.pdbx_netI_over_sigmaI        ? 
_reflns.B_iso_Wilson_estimate        41.7 
_reflns.pdbx_redundancy              ? 
_reflns.R_free_details               ? 
_reflns.limit_h_max                  ? 
_reflns.limit_h_min                  ? 
_reflns.limit_k_max                  ? 
_reflns.limit_k_min                  ? 
_reflns.limit_l_max                  ? 
_reflns.limit_l_min                  ? 
_reflns.observed_criterion_F_max     ? 
_reflns.observed_criterion_F_min     ? 
_reflns.pdbx_chi_squared             ? 
_reflns.pdbx_scaling_rejects         ? 
_reflns.pdbx_diffrn_id               1 
_reflns.pdbx_ordinal                 1 
# 
_reflns_shell.d_res_high             2.60 
_reflns_shell.d_res_low              2.76 
_reflns_shell.percent_possible_all   100 
_reflns_shell.Rmerge_I_obs           ? 
_reflns_shell.pdbx_Rsym_value        ? 
_reflns_shell.meanI_over_sigI_obs    ? 
_reflns_shell.pdbx_redundancy        ? 
_reflns_shell.percent_possible_obs   ? 
_reflns_shell.number_unique_all      ? 
_reflns_shell.number_measured_all    ? 
_reflns_shell.number_measured_obs    ? 
_reflns_shell.number_unique_obs      ? 
_reflns_shell.pdbx_chi_squared       ? 
_reflns_shell.pdbx_diffrn_id         ? 
_reflns_shell.pdbx_ordinal           1 
# 
_refine.entry_id                                 1T0Z 
_refine.ls_number_reflns_obs                     7027 
_refine.ls_number_reflns_all                     ? 
_refine.pdbx_ls_sigma_I                          ? 
_refine.pdbx_ls_sigma_F                          0.0 
_refine.pdbx_data_cutoff_high_absF               102842.89 
_refine.pdbx_data_cutoff_low_absF                0.000000 
_refine.pdbx_data_cutoff_high_rms_absF           ? 
_refine.ls_d_res_low                             29.53 
_refine.ls_d_res_high                            2.60 
_refine.ls_percent_reflns_obs                    97.5 
_refine.ls_R_factor_obs                          ? 
_refine.ls_R_factor_all                          ? 
_refine.ls_R_factor_R_work                       0.2 
_refine.ls_R_factor_R_free                       0.249 
_refine.ls_R_factor_R_free_error                 0.009 
_refine.ls_R_factor_R_free_error_details         ? 
_refine.ls_percent_reflns_R_free                 10.9 
_refine.ls_number_reflns_R_free                  763 
_refine.ls_number_parameters                     ? 
_refine.ls_number_restraints                     ? 
_refine.occupancy_min                            ? 
_refine.occupancy_max                            ? 
_refine.correlation_coeff_Fo_to_Fc               ? 
_refine.correlation_coeff_Fo_to_Fc_free          ? 
_refine.B_iso_mean                               33.8 
_refine.aniso_B[1][1]                            0.42 
_refine.aniso_B[2][2]                            0.42 
_refine.aniso_B[3][3]                            -0.84 
_refine.aniso_B[1][2]                            2.19 
_refine.aniso_B[1][3]                            0.00 
_refine.aniso_B[2][3]                            0.00 
_refine.solvent_model_details                    'FLAT MODEL' 
_refine.solvent_model_param_ksol                 0.360574 
_refine.solvent_model_param_bsol                 65.3929 
_refine.pdbx_solvent_vdw_probe_radii             ? 
_refine.pdbx_solvent_ion_probe_radii             ? 
_refine.pdbx_solvent_shrinkage_radii             ? 
_refine.pdbx_ls_cross_valid_method               THROUGHOUT 
_refine.details                                  ? 
_refine.pdbx_starting_model                      ? 
_refine.pdbx_method_to_determine_struct          'MOLECULAR REPLACEMENT' 
_refine.pdbx_isotropic_thermal_model             RESTRAINED 
_refine.pdbx_stereochemistry_target_values       ? 
_refine.pdbx_stereochem_target_val_spec_case     ? 
_refine.pdbx_R_Free_selection_details            RANDOM 
_refine.pdbx_overall_ESU_R                       ? 
_refine.pdbx_overall_ESU_R_Free                  ? 
_refine.overall_SU_ML                            ? 
_refine.overall_SU_B                             ? 
_refine.ls_redundancy_reflns_obs                 ? 
_refine.B_iso_min                                ? 
_refine.B_iso_max                                ? 
_refine.overall_SU_R_Cruickshank_DPI             ? 
_refine.overall_SU_R_free                        ? 
_refine.ls_wR_factor_R_free                      ? 
_refine.ls_wR_factor_R_work                      ? 
_refine.overall_FOM_free_R_set                   ? 
_refine.overall_FOM_work_R_set                   ? 
_refine.pdbx_refine_id                           'X-RAY DIFFRACTION' 
_refine.pdbx_diffrn_id                           1 
_refine.pdbx_TLS_residual_ADP_flag               ? 
_refine.pdbx_overall_phase_error                 ? 
_refine.pdbx_overall_SU_R_free_Cruickshank_DPI   ? 
_refine.pdbx_overall_SU_R_Blow_DPI               ? 
_refine.pdbx_overall_SU_R_free_Blow_DPI          ? 
# 
_refine_analyze.entry_id                        1T0Z 
_refine_analyze.Luzzati_coordinate_error_obs    0.27 
_refine_analyze.Luzzati_sigma_a_obs             0.25 
_refine_analyze.Luzzati_d_res_low_obs           5.00 
_refine_analyze.Luzzati_coordinate_error_free   0.36 
_refine_analyze.Luzzati_sigma_a_free            0.30 
_refine_analyze.Luzzati_d_res_low_free          ? 
_refine_analyze.number_disordered_residues      ? 
_refine_analyze.occupancy_sum_hydrogen          ? 
_refine_analyze.occupancy_sum_non_hydrogen      ? 
_refine_analyze.pdbx_Luzzati_d_res_high_obs     ? 
_refine_analyze.pdbx_refine_id                  'X-RAY DIFFRACTION' 
# 
_refine_hist.pdbx_refine_id                   'X-RAY DIFFRACTION' 
_refine_hist.cycle_id                         LAST 
_refine_hist.pdbx_number_atoms_protein        1136 
_refine_hist.pdbx_number_atoms_nucleic_acid   0 
_refine_hist.pdbx_number_atoms_ligand         55 
_refine_hist.number_atoms_solvent             66 
_refine_hist.number_atoms_total               1257 
_refine_hist.d_res_high                       2.60 
_refine_hist.d_res_low                        29.53 
# 
loop_
_refine_ls_restr.type 
_refine_ls_restr.dev_ideal 
_refine_ls_restr.dev_ideal_target 
_refine_ls_restr.weight 
_refine_ls_restr.number 
_refine_ls_restr.pdbx_refine_id 
_refine_ls_restr.pdbx_restraint_function 
c_bond_d           0.008 ? ? ? 'X-RAY DIFFRACTION' ? 
c_angle_deg        1.3   ? ? ? 'X-RAY DIFFRACTION' ? 
c_dihedral_angle_d 21.8  ? ? ? 'X-RAY DIFFRACTION' ? 
c_improper_angle_d 0.79  ? ? ? 'X-RAY DIFFRACTION' ? 
# 
_refine_ls_shell.pdbx_total_number_of_bins_used   6 
_refine_ls_shell.d_res_high                       2.60 
_refine_ls_shell.d_res_low                        2.76 
_refine_ls_shell.number_reflns_R_work             942 
_refine_ls_shell.R_factor_R_work                  0.242 
_refine_ls_shell.percent_reflns_obs               91.8 
_refine_ls_shell.R_factor_R_free                  0.297 
_refine_ls_shell.R_factor_R_free_error            0.028 
_refine_ls_shell.percent_reflns_R_free            10.6 
_refine_ls_shell.number_reflns_R_free             112 
_refine_ls_shell.number_reflns_obs                ? 
_refine_ls_shell.redundancy_reflns_obs            ? 
_refine_ls_shell.number_reflns_all                ? 
_refine_ls_shell.pdbx_refine_id                   'X-RAY DIFFRACTION' 
_refine_ls_shell.R_factor_all                     ? 
# 
loop_
_pdbx_xplor_file.serial_no 
_pdbx_xplor_file.param_file 
_pdbx_xplor_file.topol_file 
_pdbx_xplor_file.pdbx_refine_id 
1 PROTEIN_REP.PARAM PROTEIN.TOP 'X-RAY DIFFRACTION' 
2 WATER_REP.PARAM   WATER.TOP   'X-RAY DIFFRACTION' 
3 ION.PARAM         INP.TOP     'X-RAY DIFFRACTION' 
# 
_struct.entry_id                  1T0Z 
_struct.title                     
'Structure of an Excitatory Insect-specific Toxin with an Analgesic Effect on Mammalian from Scorpion Buthus martensii Karsch' 
_struct.pdbx_model_details        ? 
_struct.pdbx_CASP_flag            ? 
_struct.pdbx_model_type_details   ? 
# 
_struct_keywords.entry_id        1T0Z 
_struct_keywords.pdbx_keywords   TOXIN 
_struct_keywords.text            'alpha-beta, TOXIN' 
# 
loop_
_struct_asym.id 
_struct_asym.pdbx_blank_PDB_chainid_flag 
_struct_asym.pdbx_modified 
_struct_asym.entity_id 
_struct_asym.details 
A N N 1 ? 
B N N 1 ? 
C N N 2 ? 
D N N 2 ? 
E N N 2 ? 
F N N 2 ? 
G N N 2 ? 
H N N 2 ? 
I N N 2 ? 
J N N 2 ? 
K N N 2 ? 
L N N 2 ? 
M N N 2 ? 
N N N 3 ? 
O N N 3 ? 
# 
_struct_ref.id                         1 
_struct_ref.db_name                    UNP 
_struct_ref.db_code                    SIXP_MESMA 
_struct_ref.pdbx_db_accession          O77091 
_struct_ref.entity_id                  1 
_struct_ref.pdbx_seq_one_letter_code   KKNGYAVDSSGKVAECLFNNYCNNECTKVYYADKGYCCLLKCYCFGLADDKPVLDIWDSTKNYCDVQIIDLS 
_struct_ref.pdbx_align_begin           19 
_struct_ref.pdbx_db_isoform            ? 
# 
loop_
_struct_ref_seq.align_id 
_struct_ref_seq.ref_id 
_struct_ref_seq.pdbx_PDB_id_code 
_struct_ref_seq.pdbx_strand_id 
_struct_ref_seq.seq_align_beg 
_struct_ref_seq.pdbx_seq_align_beg_ins_code 
_struct_ref_seq.seq_align_end 
_struct_ref_seq.pdbx_seq_align_end_ins_code 
_struct_ref_seq.pdbx_db_accession 
_struct_ref_seq.db_align_beg 
_struct_ref_seq.pdbx_db_align_beg_ins_code 
_struct_ref_seq.db_align_end 
_struct_ref_seq.pdbx_db_align_end_ins_code 
_struct_ref_seq.pdbx_auth_seq_align_beg 
_struct_ref_seq.pdbx_auth_seq_align_end 
1 1 1T0Z A 1 ? 72 ? O77091 19 ? 90 ? 1 72 
2 1 1T0Z B 1 ? 72 ? O77091 19 ? 90 ? 1 72 
# 
loop_
_pdbx_struct_assembly.id 
_pdbx_struct_assembly.details 
_pdbx_struct_assembly.method_details 
_pdbx_struct_assembly.oligomeric_details 
_pdbx_struct_assembly.oligomeric_count 
1 author_defined_assembly              ?    monomeric  1 
2 author_and_software_defined_assembly PISA monomeric  1 
3 software_defined_assembly            PISA octameric  8 
4 software_defined_assembly            PISA tetrameric 4 
5 software_defined_assembly            PISA tetrameric 4 
6 software_defined_assembly            PISA tetrameric 4 
7 software_defined_assembly            PISA tetrameric 4 
8 software_defined_assembly            PISA dimeric    2 
9 software_defined_assembly            PISA dimeric    2 
# 
loop_
_pdbx_struct_assembly_prop.biol_id 
_pdbx_struct_assembly_prop.type 
_pdbx_struct_assembly_prop.value 
_pdbx_struct_assembly_prop.details 
3 'ABSA (A^2)' 14660 ? 
3 MORE         -742  ? 
3 'SSA (A^2)'  32290 ? 
4 'ABSA (A^2)' 5850  ? 
4 MORE         -359  ? 
4 'SSA (A^2)'  17630 ? 
5 'ABSA (A^2)' 6280  ? 
5 MORE         -367  ? 
5 'SSA (A^2)'  17190 ? 
6 'ABSA (A^2)' 5640  ? 
6 MORE         -330  ? 
6 'SSA (A^2)'  17830 ? 
7 'ABSA (A^2)' 6530  ? 
7 MORE         -360  ? 
7 'SSA (A^2)'  16950 ? 
8 'ABSA (A^2)' 2590  ? 
8 MORE         -173  ? 
8 'SSA (A^2)'  9150  ? 
9 'ABSA (A^2)' 3660  ? 
9 MORE         -219  ? 
9 'SSA (A^2)'  8590  ? 
# 
loop_
_pdbx_struct_assembly_gen.assembly_id 
_pdbx_struct_assembly_gen.oper_expression 
_pdbx_struct_assembly_gen.asym_id_list 
1 1       A,C,D,E,F,G,H,I,J,N           
2 1       B,K,L,M,O                     
3 1,2,3,4 A,B,C,D,E,F,G,H,I,J,K,L,M,N,O 
4 1,2     A,C,D,E,F,G,H,I,J,N           
4 3,4     B,K,L,M,O                     
5 1,5     A,C,D,E,F,G,H,I,J,N           
5 6,3     B,K,L,M,O                     
6 1,5     A,C,D,E,F,G,H,I,J,N           
6 7,4     B,K,L,M,O                     
7 1,3     A,B,C,D,E,F,G,H,I,J,K,L,M,N,O 
8 1       A,C,D,E,F,G,H,I,J,N           
8 3       B,K,L,M,O                     
9 1,5     A,C,D,E,F,G,H,I,J,N           
# 
loop_
_pdbx_struct_oper_list.id 
_pdbx_struct_oper_list.type 
_pdbx_struct_oper_list.name 
_pdbx_struct_oper_list.symmetry_operation 
_pdbx_struct_oper_list.matrix[1][1] 
_pdbx_struct_oper_list.matrix[1][2] 
_pdbx_struct_oper_list.matrix[1][3] 
_pdbx_struct_oper_list.vector[1] 
_pdbx_struct_oper_list.matrix[2][1] 
_pdbx_struct_oper_list.matrix[2][2] 
_pdbx_struct_oper_list.matrix[2][3] 
_pdbx_struct_oper_list.vector[2] 
_pdbx_struct_oper_list.matrix[3][1] 
_pdbx_struct_oper_list.matrix[3][2] 
_pdbx_struct_oper_list.matrix[3][3] 
_pdbx_struct_oper_list.vector[3] 
1 'identity operation'         1_555  x,y,z            1.0000000000  0.0000000000  0.0000000000  0.0000000000   0.0000000000  1.0000000000  0.0000000000  0.0000000000  0.0000000000  0.0000000000  1.0000000000  0.0000000000   
2 'crystal symmetry operation' 4_665  -x+1,-y+1,z      0.2120438012  -0.6750739408 0.7066205494  12.6174523748  -0.6750739408 -0.6240030062 -0.3935675579 33.6293289089 0.7066205494  -0.3935675579 -0.5880407949 10.4856540929  
3 'crystal symmetry operation' 7_555  y,x,-z+1/3       -0.2352133204 0.8085683504  -0.5393439688 7.2545079009   0.8085683504  -0.1451436137 -0.5702197420 11.4459115763 -0.5393439688 -0.5702197420 -0.6196430659 27.4462193088  
4 'crystal symmetry operation' 10_665 -y+1,-x+1,-z+1/3 -0.9768304808 -0.1334944096 -0.1672765806 25.8229517385  -0.1334944096 -0.2308533800 0.9637873000  10.7877749309 -0.1672765806 0.9637873000  0.2076838608  -5.0323976364  
5 'crystal symmetry operation' 12_565 x,x-y+1,-z+2/3   -0.5358990259 0.8442171603  0.0104699708  -26.2753909031 0.8442171603  0.5356628267  0.0190452715  14.9299265639 0.0104699708  0.0190452715  -0.9997638008 -39.1276824702 
6 'crystal symmetry operation' 5_565  y,-x+y+1,z+1/3   0.8030109503  -0.5618139048 -0.1988430287 -20.2128785371 0.2242769344  0.5939992484  -0.7725702231 27.7081766700 0.5521533033  0.5757864441  0.6029898013  -66.2734740237 
7 'crystal symmetry operation' 2_665  -y+1,x-y+1,z+1/3 0.4090328509  -0.1132600360 0.9054635780  -31.0593499243 -0.8993508753 -0.2180022547 0.3790026651  42.4128721846 0.1544672460  -0.9693540020 -0.1910305962 -33.6206518289  
# 
loop_
_struct_biol.id 
_struct_biol.pdbx_parent_biol_id 
_struct_biol.details 
1 ? ? 
2 ? ? 
# 
loop_
_struct_conf.conf_type_id 
_struct_conf.id 
_struct_conf.pdbx_PDB_helix_id 
_struct_conf.beg_label_comp_id 
_struct_conf.beg_label_asym_id 
_struct_conf.beg_label_seq_id 
_struct_conf.pdbx_beg_PDB_ins_code 
_struct_conf.end_label_comp_id 
_struct_conf.end_label_asym_id 
_struct_conf.end_label_seq_id 
_struct_conf.pdbx_end_PDB_ins_code 
_struct_conf.beg_auth_comp_id 
_struct_conf.beg_auth_asym_id 
_struct_conf.beg_auth_seq_id 
_struct_conf.end_auth_comp_id 
_struct_conf.end_auth_asym_id 
_struct_conf.end_auth_seq_id 
_struct_conf.pdbx_PDB_helix_class 
_struct_conf.details 
_struct_conf.pdbx_PDB_helix_length 
HELX_P HELX_P1 1 PHE A 18 ? TYR A 31 ? PHE A 18 TYR A 31 1 ? 14 
HELX_P HELX_P2 2 TRP A 57 ? VAL A 66 ? TRP A 57 VAL A 66 1 ? 10 
HELX_P HELX_P3 3 PHE B 18 ? VAL B 29 ? PHE B 18 VAL B 29 1 ? 12 
HELX_P HELX_P4 4 TRP B 57 ? VAL B 66 ? TRP B 57 VAL B 66 1 ? 10 
# 
_struct_conf_type.id          HELX_P 
_struct_conf_type.criteria    ? 
_struct_conf_type.reference   ? 
# 
loop_
_struct_conn.id 
_struct_conn.conn_type_id 
_struct_conn.pdbx_leaving_atom_flag 
_struct_conn.pdbx_PDB_id 
_struct_conn.ptnr1_label_asym_id 
_struct_conn.ptnr1_label_comp_id 
_struct_conn.ptnr1_label_seq_id 
_struct_conn.ptnr1_label_atom_id 
_struct_conn.pdbx_ptnr1_label_alt_id 
_struct_conn.pdbx_ptnr1_PDB_ins_code 
_struct_conn.pdbx_ptnr1_standard_comp_id 
_struct_conn.ptnr1_symmetry 
_struct_conn.ptnr2_label_asym_id 
_struct_conn.ptnr2_label_comp_id 
_struct_conn.ptnr2_label_seq_id 
_struct_conn.ptnr2_label_atom_id 
_struct_conn.pdbx_ptnr2_label_alt_id 
_struct_conn.pdbx_ptnr2_PDB_ins_code 
_struct_conn.ptnr1_auth_asym_id 
_struct_conn.ptnr1_auth_comp_id 
_struct_conn.ptnr1_auth_seq_id 
_struct_conn.ptnr2_auth_asym_id 
_struct_conn.ptnr2_auth_comp_id 
_struct_conn.ptnr2_auth_seq_id 
_struct_conn.ptnr2_symmetry 
_struct_conn.pdbx_ptnr3_label_atom_id 
_struct_conn.pdbx_ptnr3_label_seq_id 
_struct_conn.pdbx_ptnr3_label_comp_id 
_struct_conn.pdbx_ptnr3_label_asym_id 
_struct_conn.pdbx_ptnr3_label_alt_id 
_struct_conn.pdbx_ptnr3_PDB_ins_code 
_struct_conn.details 
_struct_conn.pdbx_dist_value 
_struct_conn.pdbx_value_order 
_struct_conn.pdbx_role 
disulf1 disulf ? ? A CYS 16 SG ? ? ? 1_555 A CYS 37 SG ? ? A CYS 16 A CYS 37 1_555 ? ? ? ? ? ? ? 2.028 ? ? 
disulf2 disulf ? ? A CYS 22 SG ? ? ? 1_555 A CYS 42 SG ? ? A CYS 22 A CYS 42 1_555 ? ? ? ? ? ? ? 2.023 ? ? 
disulf3 disulf ? ? A CYS 26 SG ? ? ? 1_555 A CYS 44 SG ? ? A CYS 26 A CYS 44 1_555 ? ? ? ? ? ? ? 2.030 ? ? 
disulf4 disulf ? ? A CYS 38 SG ? ? ? 1_555 A CYS 64 SG ? ? A CYS 38 A CYS 64 1_555 ? ? ? ? ? ? ? 2.027 ? ? 
disulf5 disulf ? ? B CYS 16 SG ? ? ? 1_555 B CYS 37 SG ? ? B CYS 16 B CYS 37 1_555 ? ? ? ? ? ? ? 2.029 ? ? 
disulf6 disulf ? ? B CYS 22 SG ? ? ? 1_555 B CYS 42 SG ? ? B CYS 22 B CYS 42 1_555 ? ? ? ? ? ? ? 2.022 ? ? 
disulf7 disulf ? ? B CYS 26 SG ? ? ? 1_555 B CYS 44 SG ? ? B CYS 26 B CYS 44 1_555 ? ? ? ? ? ? ? 2.032 ? ? 
disulf8 disulf ? ? B CYS 38 SG ? ? ? 1_555 B CYS 64 SG ? ? B CYS 38 B CYS 64 1_555 ? ? ? ? ? ? ? 2.026 ? ? 
# 
_struct_conn_type.id          disulf 
_struct_conn_type.criteria    ? 
_struct_conn_type.reference   ? 
# 
loop_
_pdbx_modification_feature.ordinal 
_pdbx_modification_feature.label_comp_id 
_pdbx_modification_feature.label_asym_id 
_pdbx_modification_feature.label_seq_id 
_pdbx_modification_feature.label_alt_id 
_pdbx_modification_feature.modified_residue_label_comp_id 
_pdbx_modification_feature.modified_residue_label_asym_id 
_pdbx_modification_feature.modified_residue_label_seq_id 
_pdbx_modification_feature.modified_residue_label_alt_id 
_pdbx_modification_feature.auth_comp_id 
_pdbx_modification_feature.auth_asym_id 
_pdbx_modification_feature.auth_seq_id 
_pdbx_modification_feature.PDB_ins_code 
_pdbx_modification_feature.symmetry 
_pdbx_modification_feature.modified_residue_auth_comp_id 
_pdbx_modification_feature.modified_residue_auth_asym_id 
_pdbx_modification_feature.modified_residue_auth_seq_id 
_pdbx_modification_feature.modified_residue_PDB_ins_code 
_pdbx_modification_feature.modified_residue_symmetry 
_pdbx_modification_feature.comp_id_linking_atom 
_pdbx_modification_feature.modified_residue_id_linking_atom 
_pdbx_modification_feature.modified_residue_id 
_pdbx_modification_feature.ref_pcm_id 
_pdbx_modification_feature.ref_comp_id 
_pdbx_modification_feature.type 
_pdbx_modification_feature.category 
1 CYS A 16 ? CYS A 37 ? CYS A 16 ? 1_555 CYS A 37 ? 1_555 SG SG . . . None 'Disulfide bridge' 
2 CYS A 22 ? CYS A 42 ? CYS A 22 ? 1_555 CYS A 42 ? 1_555 SG SG . . . None 'Disulfide bridge' 
3 CYS A 26 ? CYS A 44 ? CYS A 26 ? 1_555 CYS A 44 ? 1_555 SG SG . . . None 'Disulfide bridge' 
4 CYS A 38 ? CYS A 64 ? CYS A 38 ? 1_555 CYS A 64 ? 1_555 SG SG . . . None 'Disulfide bridge' 
5 CYS B 16 ? CYS B 37 ? CYS B 16 ? 1_555 CYS B 37 ? 1_555 SG SG . . . None 'Disulfide bridge' 
6 CYS B 22 ? CYS B 42 ? CYS B 22 ? 1_555 CYS B 42 ? 1_555 SG SG . . . None 'Disulfide bridge' 
7 CYS B 26 ? CYS B 44 ? CYS B 26 ? 1_555 CYS B 44 ? 1_555 SG SG . . . None 'Disulfide bridge' 
8 CYS B 38 ? CYS B 64 ? CYS B 38 ? 1_555 CYS B 64 ? 1_555 SG SG . . . None 'Disulfide bridge' 
# 
loop_
_struct_sheet.id 
_struct_sheet.type 
_struct_sheet.number_strands 
_struct_sheet.details 
A ? 3 ? 
B ? 3 ? 
# 
loop_
_struct_sheet_order.sheet_id 
_struct_sheet_order.range_id_1 
_struct_sheet_order.range_id_2 
_struct_sheet_order.offset 
_struct_sheet_order.sense 
A 1 2 ? anti-parallel 
A 2 3 ? anti-parallel 
B 1 2 ? anti-parallel 
B 2 3 ? anti-parallel 
# 
loop_
_struct_sheet_range.sheet_id 
_struct_sheet_range.id 
_struct_sheet_range.beg_label_comp_id 
_struct_sheet_range.beg_label_asym_id 
_struct_sheet_range.beg_label_seq_id 
_struct_sheet_range.pdbx_beg_PDB_ins_code 
_struct_sheet_range.end_label_comp_id 
_struct_sheet_range.end_label_asym_id 
_struct_sheet_range.end_label_seq_id 
_struct_sheet_range.pdbx_end_PDB_ins_code 
_struct_sheet_range.beg_auth_comp_id 
_struct_sheet_range.beg_auth_asym_id 
_struct_sheet_range.beg_auth_seq_id 
_struct_sheet_range.end_auth_comp_id 
_struct_sheet_range.end_auth_asym_id 
_struct_sheet_range.end_auth_seq_id 
A 1 LYS A 2  ? TYR A 5  ? LYS A 2  TYR A 5  
A 2 LYS A 41 ? LEU A 47 ? LYS A 41 LEU A 47 
A 3 LYS A 34 ? CYS A 38 ? LYS A 34 CYS A 38 
B 1 LYS B 2  ? GLY B 4  ? LYS B 2  GLY B 4  
B 2 LYS B 41 ? LEU B 47 ? LYS B 41 LEU B 47 
B 3 LYS B 34 ? CYS B 38 ? LYS B 34 CYS B 38 
# 
loop_
_pdbx_struct_sheet_hbond.sheet_id 
_pdbx_struct_sheet_hbond.range_id_1 
_pdbx_struct_sheet_hbond.range_id_2 
_pdbx_struct_sheet_hbond.range_1_label_atom_id 
_pdbx_struct_sheet_hbond.range_1_label_comp_id 
_pdbx_struct_sheet_hbond.range_1_label_asym_id 
_pdbx_struct_sheet_hbond.range_1_label_seq_id 
_pdbx_struct_sheet_hbond.range_1_PDB_ins_code 
_pdbx_struct_sheet_hbond.range_1_auth_atom_id 
_pdbx_struct_sheet_hbond.range_1_auth_comp_id 
_pdbx_struct_sheet_hbond.range_1_auth_asym_id 
_pdbx_struct_sheet_hbond.range_1_auth_seq_id 
_pdbx_struct_sheet_hbond.range_2_label_atom_id 
_pdbx_struct_sheet_hbond.range_2_label_comp_id 
_pdbx_struct_sheet_hbond.range_2_label_asym_id 
_pdbx_struct_sheet_hbond.range_2_label_seq_id 
_pdbx_struct_sheet_hbond.range_2_PDB_ins_code 
_pdbx_struct_sheet_hbond.range_2_auth_atom_id 
_pdbx_struct_sheet_hbond.range_2_auth_comp_id 
_pdbx_struct_sheet_hbond.range_2_auth_asym_id 
_pdbx_struct_sheet_hbond.range_2_auth_seq_id 
A 1 2 N LYS A 2  ? N LYS A 2  O LEU A 47 ? O LEU A 47 
A 2 3 O TYR A 43 ? O TYR A 43 N TYR A 36 ? N TYR A 36 
B 1 2 N LYS B 2  ? N LYS B 2  O LEU B 47 ? O LEU B 47 
B 2 3 O PHE B 45 ? O PHE B 45 N LYS B 34 ? N LYS B 34 
# 
loop_
_struct_site.id 
_struct_site.pdbx_evidence_code 
_struct_site.pdbx_auth_asym_id 
_struct_site.pdbx_auth_comp_id 
_struct_site.pdbx_auth_seq_id 
_struct_site.pdbx_auth_ins_code 
_struct_site.pdbx_num_residues 
_struct_site.details 
AC1 Software A SO4 101 ? 6 'BINDING SITE FOR RESIDUE SO4 A 101' 
AC2 Software A SO4 102 ? 5 'BINDING SITE FOR RESIDUE SO4 A 102' 
AC3 Software A SO4 103 ? 4 'BINDING SITE FOR RESIDUE SO4 A 103' 
AC4 Software A SO4 104 ? 5 'BINDING SITE FOR RESIDUE SO4 A 104' 
AC5 Software A SO4 105 ? 5 'BINDING SITE FOR RESIDUE SO4 A 105' 
AC6 Software B SO4 106 ? 5 'BINDING SITE FOR RESIDUE SO4 B 106' 
AC7 Software A SO4 107 ? 5 'BINDING SITE FOR RESIDUE SO4 A 107' 
AC8 Software A SO4 108 ? 7 'BINDING SITE FOR RESIDUE SO4 A 108' 
AC9 Software B SO4 109 ? 4 'BINDING SITE FOR RESIDUE SO4 B 109' 
BC1 Software A SO4 110 ? 4 'BINDING SITE FOR RESIDUE SO4 A 110' 
BC2 Software B SO4 111 ? 4 'BINDING SITE FOR RESIDUE SO4 B 111' 
# 
loop_
_struct_site_gen.id 
_struct_site_gen.site_id 
_struct_site_gen.pdbx_num_res 
_struct_site_gen.label_comp_id 
_struct_site_gen.label_asym_id 
_struct_site_gen.label_seq_id 
_struct_site_gen.pdbx_auth_ins_code 
_struct_site_gen.auth_comp_id 
_struct_site_gen.auth_asym_id 
_struct_site_gen.auth_seq_id 
_struct_site_gen.label_atom_id 
_struct_site_gen.label_alt_id 
_struct_site_gen.symmetry 
_struct_site_gen.details 
1  AC1 6 CYS A 16 ? CYS A 16  . ? 12_565 ? 
2  AC1 6 LEU A 17 ? LEU A 17  . ? 12_565 ? 
3  AC1 6 PHE A 18 ? PHE A 18  . ? 12_565 ? 
4  AC1 6 TYR A 21 ? TYR A 21  . ? 12_565 ? 
5  AC1 6 LEU A 71 ? LEU A 71  . ? 1_555  ? 
6  AC1 6 HOH N .  ? HOH A 149 . ? 1_555  ? 
7  AC2 5 CYS A 37 ? CYS A 37  . ? 1_555  ? 
8  AC2 5 CYS A 38 ? CYS A 38  . ? 1_555  ? 
9  AC2 5 LEU A 39 ? LEU A 39  . ? 1_555  ? 
10 AC2 5 TYR A 63 ? TYR A 63  . ? 1_555  ? 
11 AC2 5 SO4 E .  ? SO4 A 103 . ? 1_555  ? 
12 AC3 4 TYR A 36 ? TYR A 36  . ? 1_555  ? 
13 AC3 4 TYR A 63 ? TYR A 63  . ? 1_555  ? 
14 AC3 4 VAL A 66 ? VAL A 66  . ? 1_555  ? 
15 AC3 4 SO4 D .  ? SO4 A 102 . ? 1_555  ? 
16 AC4 5 ASP A 65 ? ASP A 65  . ? 1_555  ? 
17 AC4 5 GLN A 67 ? GLN A 67  . ? 1_555  ? 
18 AC4 5 SO4 J .  ? SO4 A 110 . ? 1_555  ? 
19 AC4 5 HOH N .  ? HOH A 151 . ? 1_555  ? 
20 AC4 5 LEU B 71 ? LEU B 71  . ? 5_555  ? 
21 AC5 5 TRP A 57 ? TRP A 57  . ? 1_555  ? 
22 AC5 5 SO4 I .  ? SO4 A 108 . ? 1_555  ? 
23 AC5 5 HOH N .  ? HOH A 147 . ? 1_555  ? 
24 AC5 5 GLU B 15 ? GLU B 15  . ? 7_555  ? 
25 AC5 5 TYR B 21 ? TYR B 21  . ? 7_555  ? 
26 AC6 5 CYS B 37 ? CYS B 37  . ? 1_555  ? 
27 AC6 5 CYS B 38 ? CYS B 38  . ? 1_555  ? 
28 AC6 5 LEU B 39 ? LEU B 39  . ? 1_555  ? 
29 AC6 5 TYR B 63 ? TYR B 63  . ? 1_555  ? 
30 AC6 5 HOH O .  ? HOH B 122 . ? 1_555  ? 
31 AC7 5 ILE A 56 ? ILE A 56  . ? 1_555  ? 
32 AC7 5 TRP A 57 ? TRP A 57  . ? 1_555  ? 
33 AC7 5 THR A 60 ? THR A 60  . ? 1_555  ? 
34 AC7 5 HOH N .  ? HOH A 114 . ? 1_555  ? 
35 AC7 5 SER B 9  ? SER B 9   . ? 1_555  ? 
36 AC8 7 ASP A 58 ? ASP A 58  . ? 1_555  ? 
37 AC8 7 SER A 59 ? SER A 59  . ? 1_555  ? 
38 AC8 7 SO4 G .  ? SO4 A 105 . ? 1_555  ? 
39 AC8 7 CYS B 16 ? CYS B 16  . ? 7_555  ? 
40 AC8 7 LEU B 17 ? LEU B 17  . ? 7_555  ? 
41 AC8 7 PHE B 18 ? PHE B 18  . ? 7_555  ? 
42 AC8 7 TYR B 21 ? TYR B 21  . ? 7_555  ? 
43 AC9 4 TRP B 57 ? TRP B 57  . ? 1_555  ? 
44 AC9 4 ASP B 58 ? ASP B 58  . ? 1_555  ? 
45 AC9 4 SER B 59 ? SER B 59  . ? 1_555  ? 
46 AC9 4 HOH O .  ? HOH B 115 . ? 1_555  ? 
47 BC1 4 LYS A 34 ? LYS A 34  . ? 1_555  ? 
48 BC1 4 ILE A 68 ? ILE A 68  . ? 1_555  ? 
49 BC1 4 ILE A 69 ? ILE A 69  . ? 1_555  ? 
50 BC1 4 SO4 F .  ? SO4 A 104 . ? 1_555  ? 
51 BC2 4 ASP B 55 ? ASP B 55  . ? 1_555  ? 
52 BC2 4 ILE B 56 ? ILE B 56  . ? 1_555  ? 
53 BC2 4 TRP B 57 ? TRP B 57  . ? 1_555  ? 
54 BC2 4 THR B 60 ? THR B 60  . ? 1_555  ? 
# 
_pdbx_entry_details.entry_id                   1T0Z 
_pdbx_entry_details.compound_details           ? 
_pdbx_entry_details.source_details             ? 
_pdbx_entry_details.nonpolymer_details         ? 
_pdbx_entry_details.sequence_details           ? 
_pdbx_entry_details.has_ligand_of_interest     ? 
_pdbx_entry_details.has_protein_modification   Y 
# 
_pdbx_validate_close_contact.id               1 
_pdbx_validate_close_contact.PDB_model_num    1 
_pdbx_validate_close_contact.auth_atom_id_1   O3 
_pdbx_validate_close_contact.auth_asym_id_1   A 
_pdbx_validate_close_contact.auth_comp_id_1   SO4 
_pdbx_validate_close_contact.auth_seq_id_1    104 
_pdbx_validate_close_contact.PDB_ins_code_1   ? 
_pdbx_validate_close_contact.label_alt_id_1   ? 
_pdbx_validate_close_contact.auth_atom_id_2   O 
_pdbx_validate_close_contact.auth_asym_id_2   A 
_pdbx_validate_close_contact.auth_comp_id_2   HOH 
_pdbx_validate_close_contact.auth_seq_id_2    151 
_pdbx_validate_close_contact.PDB_ins_code_2   ? 
_pdbx_validate_close_contact.label_alt_id_2   ? 
_pdbx_validate_close_contact.dist             2.19 
# 
loop_
_pdbx_validate_symm_contact.id 
_pdbx_validate_symm_contact.PDB_model_num 
_pdbx_validate_symm_contact.auth_atom_id_1 
_pdbx_validate_symm_contact.auth_asym_id_1 
_pdbx_validate_symm_contact.auth_comp_id_1 
_pdbx_validate_symm_contact.auth_seq_id_1 
_pdbx_validate_symm_contact.PDB_ins_code_1 
_pdbx_validate_symm_contact.label_alt_id_1 
_pdbx_validate_symm_contact.site_symmetry_1 
_pdbx_validate_symm_contact.auth_atom_id_2 
_pdbx_validate_symm_contact.auth_asym_id_2 
_pdbx_validate_symm_contact.auth_comp_id_2 
_pdbx_validate_symm_contact.auth_seq_id_2 
_pdbx_validate_symm_contact.PDB_ins_code_2 
_pdbx_validate_symm_contact.label_alt_id_2 
_pdbx_validate_symm_contact.site_symmetry_2 
_pdbx_validate_symm_contact.dist 
1 1 O A HOH 111 ? ? 1_555 O A HOH 111 ? ? 12_565 1.16 
2 1 O B HOH 128 ? ? 1_555 O B HOH 128 ? ? 4_565  1.85 
# 
loop_
_pdbx_validate_torsion.id 
_pdbx_validate_torsion.PDB_model_num 
_pdbx_validate_torsion.auth_comp_id 
_pdbx_validate_torsion.auth_asym_id 
_pdbx_validate_torsion.auth_seq_id 
_pdbx_validate_torsion.PDB_ins_code 
_pdbx_validate_torsion.label_alt_id 
_pdbx_validate_torsion.phi 
_pdbx_validate_torsion.psi 
1 1 ASP A 8  ? ? -77.41  -164.02 
2 1 LEU A 71 ? ? -102.85 62.87   
# 
loop_
_pdbx_struct_special_symmetry.id 
_pdbx_struct_special_symmetry.PDB_model_num 
_pdbx_struct_special_symmetry.auth_asym_id 
_pdbx_struct_special_symmetry.auth_comp_id 
_pdbx_struct_special_symmetry.auth_seq_id 
_pdbx_struct_special_symmetry.PDB_ins_code 
_pdbx_struct_special_symmetry.label_asym_id 
_pdbx_struct_special_symmetry.label_comp_id 
_pdbx_struct_special_symmetry.label_seq_id 
1 1 A HOH 143 ? N HOH . 
2 1 A HOH 148 ? N HOH . 
# 
loop_
_chem_comp_atom.comp_id 
_chem_comp_atom.atom_id 
_chem_comp_atom.type_symbol 
_chem_comp_atom.pdbx_aromatic_flag 
_chem_comp_atom.pdbx_stereo_config 
_chem_comp_atom.pdbx_ordinal 
ALA N    N N N 1   
ALA CA   C N S 2   
ALA C    C N N 3   
ALA O    O N N 4   
ALA CB   C N N 5   
ALA OXT  O N N 6   
ALA H    H N N 7   
ALA H2   H N N 8   
ALA HA   H N N 9   
ALA HB1  H N N 10  
ALA HB2  H N N 11  
ALA HB3  H N N 12  
ALA HXT  H N N 13  
ASN N    N N N 14  
ASN CA   C N S 15  
ASN C    C N N 16  
ASN O    O N N 17  
ASN CB   C N N 18  
ASN CG   C N N 19  
ASN OD1  O N N 20  
ASN ND2  N N N 21  
ASN OXT  O N N 22  
ASN H    H N N 23  
ASN H2   H N N 24  
ASN HA   H N N 25  
ASN HB2  H N N 26  
ASN HB3  H N N 27  
ASN HD21 H N N 28  
ASN HD22 H N N 29  
ASN HXT  H N N 30  
ASP N    N N N 31  
ASP CA   C N S 32  
ASP C    C N N 33  
ASP O    O N N 34  
ASP CB   C N N 35  
ASP CG   C N N 36  
ASP OD1  O N N 37  
ASP OD2  O N N 38  
ASP OXT  O N N 39  
ASP H    H N N 40  
ASP H2   H N N 41  
ASP HA   H N N 42  
ASP HB2  H N N 43  
ASP HB3  H N N 44  
ASP HD2  H N N 45  
ASP HXT  H N N 46  
CYS N    N N N 47  
CYS CA   C N R 48  
CYS C    C N N 49  
CYS O    O N N 50  
CYS CB   C N N 51  
CYS SG   S N N 52  
CYS OXT  O N N 53  
CYS H    H N N 54  
CYS H2   H N N 55  
CYS HA   H N N 56  
CYS HB2  H N N 57  
CYS HB3  H N N 58  
CYS HG   H N N 59  
CYS HXT  H N N 60  
GLN N    N N N 61  
GLN CA   C N S 62  
GLN C    C N N 63  
GLN O    O N N 64  
GLN CB   C N N 65  
GLN CG   C N N 66  
GLN CD   C N N 67  
GLN OE1  O N N 68  
GLN NE2  N N N 69  
GLN OXT  O N N 70  
GLN H    H N N 71  
GLN H2   H N N 72  
GLN HA   H N N 73  
GLN HB2  H N N 74  
GLN HB3  H N N 75  
GLN HG2  H N N 76  
GLN HG3  H N N 77  
GLN HE21 H N N 78  
GLN HE22 H N N 79  
GLN HXT  H N N 80  
GLU N    N N N 81  
GLU CA   C N S 82  
GLU C    C N N 83  
GLU O    O N N 84  
GLU CB   C N N 85  
GLU CG   C N N 86  
GLU CD   C N N 87  
GLU OE1  O N N 88  
GLU OE2  O N N 89  
GLU OXT  O N N 90  
GLU H    H N N 91  
GLU H2   H N N 92  
GLU HA   H N N 93  
GLU HB2  H N N 94  
GLU HB3  H N N 95  
GLU HG2  H N N 96  
GLU HG3  H N N 97  
GLU HE2  H N N 98  
GLU HXT  H N N 99  
GLY N    N N N 100 
GLY CA   C N N 101 
GLY C    C N N 102 
GLY O    O N N 103 
GLY OXT  O N N 104 
GLY H    H N N 105 
GLY H2   H N N 106 
GLY HA2  H N N 107 
GLY HA3  H N N 108 
GLY HXT  H N N 109 
HOH O    O N N 110 
HOH H1   H N N 111 
HOH H2   H N N 112 
ILE N    N N N 113 
ILE CA   C N S 114 
ILE C    C N N 115 
ILE O    O N N 116 
ILE CB   C N S 117 
ILE CG1  C N N 118 
ILE CG2  C N N 119 
ILE CD1  C N N 120 
ILE OXT  O N N 121 
ILE H    H N N 122 
ILE H2   H N N 123 
ILE HA   H N N 124 
ILE HB   H N N 125 
ILE HG12 H N N 126 
ILE HG13 H N N 127 
ILE HG21 H N N 128 
ILE HG22 H N N 129 
ILE HG23 H N N 130 
ILE HD11 H N N 131 
ILE HD12 H N N 132 
ILE HD13 H N N 133 
ILE HXT  H N N 134 
LEU N    N N N 135 
LEU CA   C N S 136 
LEU C    C N N 137 
LEU O    O N N 138 
LEU CB   C N N 139 
LEU CG   C N N 140 
LEU CD1  C N N 141 
LEU CD2  C N N 142 
LEU OXT  O N N 143 
LEU H    H N N 144 
LEU H2   H N N 145 
LEU HA   H N N 146 
LEU HB2  H N N 147 
LEU HB3  H N N 148 
LEU HG   H N N 149 
LEU HD11 H N N 150 
LEU HD12 H N N 151 
LEU HD13 H N N 152 
LEU HD21 H N N 153 
LEU HD22 H N N 154 
LEU HD23 H N N 155 
LEU HXT  H N N 156 
LYS N    N N N 157 
LYS CA   C N S 158 
LYS C    C N N 159 
LYS O    O N N 160 
LYS CB   C N N 161 
LYS CG   C N N 162 
LYS CD   C N N 163 
LYS CE   C N N 164 
LYS NZ   N N N 165 
LYS OXT  O N N 166 
LYS H    H N N 167 
LYS H2   H N N 168 
LYS HA   H N N 169 
LYS HB2  H N N 170 
LYS HB3  H N N 171 
LYS HG2  H N N 172 
LYS HG3  H N N 173 
LYS HD2  H N N 174 
LYS HD3  H N N 175 
LYS HE2  H N N 176 
LYS HE3  H N N 177 
LYS HZ1  H N N 178 
LYS HZ2  H N N 179 
LYS HZ3  H N N 180 
LYS HXT  H N N 181 
PHE N    N N N 182 
PHE CA   C N S 183 
PHE C    C N N 184 
PHE O    O N N 185 
PHE CB   C N N 186 
PHE CG   C Y N 187 
PHE CD1  C Y N 188 
PHE CD2  C Y N 189 
PHE CE1  C Y N 190 
PHE CE2  C Y N 191 
PHE CZ   C Y N 192 
PHE OXT  O N N 193 
PHE H    H N N 194 
PHE H2   H N N 195 
PHE HA   H N N 196 
PHE HB2  H N N 197 
PHE HB3  H N N 198 
PHE HD1  H N N 199 
PHE HD2  H N N 200 
PHE HE1  H N N 201 
PHE HE2  H N N 202 
PHE HZ   H N N 203 
PHE HXT  H N N 204 
PRO N    N N N 205 
PRO CA   C N S 206 
PRO C    C N N 207 
PRO O    O N N 208 
PRO CB   C N N 209 
PRO CG   C N N 210 
PRO CD   C N N 211 
PRO OXT  O N N 212 
PRO H    H N N 213 
PRO HA   H N N 214 
PRO HB2  H N N 215 
PRO HB3  H N N 216 
PRO HG2  H N N 217 
PRO HG3  H N N 218 
PRO HD2  H N N 219 
PRO HD3  H N N 220 
PRO HXT  H N N 221 
SER N    N N N 222 
SER CA   C N S 223 
SER C    C N N 224 
SER O    O N N 225 
SER CB   C N N 226 
SER OG   O N N 227 
SER OXT  O N N 228 
SER H    H N N 229 
SER H2   H N N 230 
SER HA   H N N 231 
SER HB2  H N N 232 
SER HB3  H N N 233 
SER HG   H N N 234 
SER HXT  H N N 235 
SO4 S    S N N 236 
SO4 O1   O N N 237 
SO4 O2   O N N 238 
SO4 O3   O N N 239 
SO4 O4   O N N 240 
THR N    N N N 241 
THR CA   C N S 242 
THR C    C N N 243 
THR O    O N N 244 
THR CB   C N R 245 
THR OG1  O N N 246 
THR CG2  C N N 247 
THR OXT  O N N 248 
THR H    H N N 249 
THR H2   H N N 250 
THR HA   H N N 251 
THR HB   H N N 252 
THR HG1  H N N 253 
THR HG21 H N N 254 
THR HG22 H N N 255 
THR HG23 H N N 256 
THR HXT  H N N 257 
TRP N    N N N 258 
TRP CA   C N S 259 
TRP C    C N N 260 
TRP O    O N N 261 
TRP CB   C N N 262 
TRP CG   C Y N 263 
TRP CD1  C Y N 264 
TRP CD2  C Y N 265 
TRP NE1  N Y N 266 
TRP CE2  C Y N 267 
TRP CE3  C Y N 268 
TRP CZ2  C Y N 269 
TRP CZ3  C Y N 270 
TRP CH2  C Y N 271 
TRP OXT  O N N 272 
TRP H    H N N 273 
TRP H2   H N N 274 
TRP HA   H N N 275 
TRP HB2  H N N 276 
TRP HB3  H N N 277 
TRP HD1  H N N 278 
TRP HE1  H N N 279 
TRP HE3  H N N 280 
TRP HZ2  H N N 281 
TRP HZ3  H N N 282 
TRP HH2  H N N 283 
TRP HXT  H N N 284 
TYR N    N N N 285 
TYR CA   C N S 286 
TYR C    C N N 287 
TYR O    O N N 288 
TYR CB   C N N 289 
TYR CG   C Y N 290 
TYR CD1  C Y N 291 
TYR CD2  C Y N 292 
TYR CE1  C Y N 293 
TYR CE2  C Y N 294 
TYR CZ   C Y N 295 
TYR OH   O N N 296 
TYR OXT  O N N 297 
TYR H    H N N 298 
TYR H2   H N N 299 
TYR HA   H N N 300 
TYR HB2  H N N 301 
TYR HB3  H N N 302 
TYR HD1  H N N 303 
TYR HD2  H N N 304 
TYR HE1  H N N 305 
TYR HE2  H N N 306 
TYR HH   H N N 307 
TYR HXT  H N N 308 
VAL N    N N N 309 
VAL CA   C N S 310 
VAL C    C N N 311 
VAL O    O N N 312 
VAL CB   C N N 313 
VAL CG1  C N N 314 
VAL CG2  C N N 315 
VAL OXT  O N N 316 
VAL H    H N N 317 
VAL H2   H N N 318 
VAL HA   H N N 319 
VAL HB   H N N 320 
VAL HG11 H N N 321 
VAL HG12 H N N 322 
VAL HG13 H N N 323 
VAL HG21 H N N 324 
VAL HG22 H N N 325 
VAL HG23 H N N 326 
VAL HXT  H N N 327 
# 
loop_
_chem_comp_bond.comp_id 
_chem_comp_bond.atom_id_1 
_chem_comp_bond.atom_id_2 
_chem_comp_bond.value_order 
_chem_comp_bond.pdbx_aromatic_flag 
_chem_comp_bond.pdbx_stereo_config 
_chem_comp_bond.pdbx_ordinal 
ALA N   CA   sing N N 1   
ALA N   H    sing N N 2   
ALA N   H2   sing N N 3   
ALA CA  C    sing N N 4   
ALA CA  CB   sing N N 5   
ALA CA  HA   sing N N 6   
ALA C   O    doub N N 7   
ALA C   OXT  sing N N 8   
ALA CB  HB1  sing N N 9   
ALA CB  HB2  sing N N 10  
ALA CB  HB3  sing N N 11  
ALA OXT HXT  sing N N 12  
ASN N   CA   sing N N 13  
ASN N   H    sing N N 14  
ASN N   H2   sing N N 15  
ASN CA  C    sing N N 16  
ASN CA  CB   sing N N 17  
ASN CA  HA   sing N N 18  
ASN C   O    doub N N 19  
ASN C   OXT  sing N N 20  
ASN CB  CG   sing N N 21  
ASN CB  HB2  sing N N 22  
ASN CB  HB3  sing N N 23  
ASN CG  OD1  doub N N 24  
ASN CG  ND2  sing N N 25  
ASN ND2 HD21 sing N N 26  
ASN ND2 HD22 sing N N 27  
ASN OXT HXT  sing N N 28  
ASP N   CA   sing N N 29  
ASP N   H    sing N N 30  
ASP N   H2   sing N N 31  
ASP CA  C    sing N N 32  
ASP CA  CB   sing N N 33  
ASP CA  HA   sing N N 34  
ASP C   O    doub N N 35  
ASP C   OXT  sing N N 36  
ASP CB  CG   sing N N 37  
ASP CB  HB2  sing N N 38  
ASP CB  HB3  sing N N 39  
ASP CG  OD1  doub N N 40  
ASP CG  OD2  sing N N 41  
ASP OD2 HD2  sing N N 42  
ASP OXT HXT  sing N N 43  
CYS N   CA   sing N N 44  
CYS N   H    sing N N 45  
CYS N   H2   sing N N 46  
CYS CA  C    sing N N 47  
CYS CA  CB   sing N N 48  
CYS CA  HA   sing N N 49  
CYS C   O    doub N N 50  
CYS C   OXT  sing N N 51  
CYS CB  SG   sing N N 52  
CYS CB  HB2  sing N N 53  
CYS CB  HB3  sing N N 54  
CYS SG  HG   sing N N 55  
CYS OXT HXT  sing N N 56  
GLN N   CA   sing N N 57  
GLN N   H    sing N N 58  
GLN N   H2   sing N N 59  
GLN CA  C    sing N N 60  
GLN CA  CB   sing N N 61  
GLN CA  HA   sing N N 62  
GLN C   O    doub N N 63  
GLN C   OXT  sing N N 64  
GLN CB  CG   sing N N 65  
GLN CB  HB2  sing N N 66  
GLN CB  HB3  sing N N 67  
GLN CG  CD   sing N N 68  
GLN CG  HG2  sing N N 69  
GLN CG  HG3  sing N N 70  
GLN CD  OE1  doub N N 71  
GLN CD  NE2  sing N N 72  
GLN NE2 HE21 sing N N 73  
GLN NE2 HE22 sing N N 74  
GLN OXT HXT  sing N N 75  
GLU N   CA   sing N N 76  
GLU N   H    sing N N 77  
GLU N   H2   sing N N 78  
GLU CA  C    sing N N 79  
GLU CA  CB   sing N N 80  
GLU CA  HA   sing N N 81  
GLU C   O    doub N N 82  
GLU C   OXT  sing N N 83  
GLU CB  CG   sing N N 84  
GLU CB  HB2  sing N N 85  
GLU CB  HB3  sing N N 86  
GLU CG  CD   sing N N 87  
GLU CG  HG2  sing N N 88  
GLU CG  HG3  sing N N 89  
GLU CD  OE1  doub N N 90  
GLU CD  OE2  sing N N 91  
GLU OE2 HE2  sing N N 92  
GLU OXT HXT  sing N N 93  
GLY N   CA   sing N N 94  
GLY N   H    sing N N 95  
GLY N   H2   sing N N 96  
GLY CA  C    sing N N 97  
GLY CA  HA2  sing N N 98  
GLY CA  HA3  sing N N 99  
GLY C   O    doub N N 100 
GLY C   OXT  sing N N 101 
GLY OXT HXT  sing N N 102 
HOH O   H1   sing N N 103 
HOH O   H2   sing N N 104 
ILE N   CA   sing N N 105 
ILE N   H    sing N N 106 
ILE N   H2   sing N N 107 
ILE CA  C    sing N N 108 
ILE CA  CB   sing N N 109 
ILE CA  HA   sing N N 110 
ILE C   O    doub N N 111 
ILE C   OXT  sing N N 112 
ILE CB  CG1  sing N N 113 
ILE CB  CG2  sing N N 114 
ILE CB  HB   sing N N 115 
ILE CG1 CD1  sing N N 116 
ILE CG1 HG12 sing N N 117 
ILE CG1 HG13 sing N N 118 
ILE CG2 HG21 sing N N 119 
ILE CG2 HG22 sing N N 120 
ILE CG2 HG23 sing N N 121 
ILE CD1 HD11 sing N N 122 
ILE CD1 HD12 sing N N 123 
ILE CD1 HD13 sing N N 124 
ILE OXT HXT  sing N N 125 
LEU N   CA   sing N N 126 
LEU N   H    sing N N 127 
LEU N   H2   sing N N 128 
LEU CA  C    sing N N 129 
LEU CA  CB   sing N N 130 
LEU CA  HA   sing N N 131 
LEU C   O    doub N N 132 
LEU C   OXT  sing N N 133 
LEU CB  CG   sing N N 134 
LEU CB  HB2  sing N N 135 
LEU CB  HB3  sing N N 136 
LEU CG  CD1  sing N N 137 
LEU CG  CD2  sing N N 138 
LEU CG  HG   sing N N 139 
LEU CD1 HD11 sing N N 140 
LEU CD1 HD12 sing N N 141 
LEU CD1 HD13 sing N N 142 
LEU CD2 HD21 sing N N 143 
LEU CD2 HD22 sing N N 144 
LEU CD2 HD23 sing N N 145 
LEU OXT HXT  sing N N 146 
LYS N   CA   sing N N 147 
LYS N   H    sing N N 148 
LYS N   H2   sing N N 149 
LYS CA  C    sing N N 150 
LYS CA  CB   sing N N 151 
LYS CA  HA   sing N N 152 
LYS C   O    doub N N 153 
LYS C   OXT  sing N N 154 
LYS CB  CG   sing N N 155 
LYS CB  HB2  sing N N 156 
LYS CB  HB3  sing N N 157 
LYS CG  CD   sing N N 158 
LYS CG  HG2  sing N N 159 
LYS CG  HG3  sing N N 160 
LYS CD  CE   sing N N 161 
LYS CD  HD2  sing N N 162 
LYS CD  HD3  sing N N 163 
LYS CE  NZ   sing N N 164 
LYS CE  HE2  sing N N 165 
LYS CE  HE3  sing N N 166 
LYS NZ  HZ1  sing N N 167 
LYS NZ  HZ2  sing N N 168 
LYS NZ  HZ3  sing N N 169 
LYS OXT HXT  sing N N 170 
PHE N   CA   sing N N 171 
PHE N   H    sing N N 172 
PHE N   H2   sing N N 173 
PHE CA  C    sing N N 174 
PHE CA  CB   sing N N 175 
PHE CA  HA   sing N N 176 
PHE C   O    doub N N 177 
PHE C   OXT  sing N N 178 
PHE CB  CG   sing N N 179 
PHE CB  HB2  sing N N 180 
PHE CB  HB3  sing N N 181 
PHE CG  CD1  doub Y N 182 
PHE CG  CD2  sing Y N 183 
PHE CD1 CE1  sing Y N 184 
PHE CD1 HD1  sing N N 185 
PHE CD2 CE2  doub Y N 186 
PHE CD2 HD2  sing N N 187 
PHE CE1 CZ   doub Y N 188 
PHE CE1 HE1  sing N N 189 
PHE CE2 CZ   sing Y N 190 
PHE CE2 HE2  sing N N 191 
PHE CZ  HZ   sing N N 192 
PHE OXT HXT  sing N N 193 
PRO N   CA   sing N N 194 
PRO N   CD   sing N N 195 
PRO N   H    sing N N 196 
PRO CA  C    sing N N 197 
PRO CA  CB   sing N N 198 
PRO CA  HA   sing N N 199 
PRO C   O    doub N N 200 
PRO C   OXT  sing N N 201 
PRO CB  CG   sing N N 202 
PRO CB  HB2  sing N N 203 
PRO CB  HB3  sing N N 204 
PRO CG  CD   sing N N 205 
PRO CG  HG2  sing N N 206 
PRO CG  HG3  sing N N 207 
PRO CD  HD2  sing N N 208 
PRO CD  HD3  sing N N 209 
PRO OXT HXT  sing N N 210 
SER N   CA   sing N N 211 
SER N   H    sing N N 212 
SER N   H2   sing N N 213 
SER CA  C    sing N N 214 
SER CA  CB   sing N N 215 
SER CA  HA   sing N N 216 
SER C   O    doub N N 217 
SER C   OXT  sing N N 218 
SER CB  OG   sing N N 219 
SER CB  HB2  sing N N 220 
SER CB  HB3  sing N N 221 
SER OG  HG   sing N N 222 
SER OXT HXT  sing N N 223 
SO4 S   O1   doub N N 224 
SO4 S   O2   doub N N 225 
SO4 S   O3   sing N N 226 
SO4 S   O4   sing N N 227 
THR N   CA   sing N N 228 
THR N   H    sing N N 229 
THR N   H2   sing N N 230 
THR CA  C    sing N N 231 
THR CA  CB   sing N N 232 
THR CA  HA   sing N N 233 
THR C   O    doub N N 234 
THR C   OXT  sing N N 235 
THR CB  OG1  sing N N 236 
THR CB  CG2  sing N N 237 
THR CB  HB   sing N N 238 
THR OG1 HG1  sing N N 239 
THR CG2 HG21 sing N N 240 
THR CG2 HG22 sing N N 241 
THR CG2 HG23 sing N N 242 
THR OXT HXT  sing N N 243 
TRP N   CA   sing N N 244 
TRP N   H    sing N N 245 
TRP N   H2   sing N N 246 
TRP CA  C    sing N N 247 
TRP CA  CB   sing N N 248 
TRP CA  HA   sing N N 249 
TRP C   O    doub N N 250 
TRP C   OXT  sing N N 251 
TRP CB  CG   sing N N 252 
TRP CB  HB2  sing N N 253 
TRP CB  HB3  sing N N 254 
TRP CG  CD1  doub Y N 255 
TRP CG  CD2  sing Y N 256 
TRP CD1 NE1  sing Y N 257 
TRP CD1 HD1  sing N N 258 
TRP CD2 CE2  doub Y N 259 
TRP CD2 CE3  sing Y N 260 
TRP NE1 CE2  sing Y N 261 
TRP NE1 HE1  sing N N 262 
TRP CE2 CZ2  sing Y N 263 
TRP CE3 CZ3  doub Y N 264 
TRP CE3 HE3  sing N N 265 
TRP CZ2 CH2  doub Y N 266 
TRP CZ2 HZ2  sing N N 267 
TRP CZ3 CH2  sing Y N 268 
TRP CZ3 HZ3  sing N N 269 
TRP CH2 HH2  sing N N 270 
TRP OXT HXT  sing N N 271 
TYR N   CA   sing N N 272 
TYR N   H    sing N N 273 
TYR N   H2   sing N N 274 
TYR CA  C    sing N N 275 
TYR CA  CB   sing N N 276 
TYR CA  HA   sing N N 277 
TYR C   O    doub N N 278 
TYR C   OXT  sing N N 279 
TYR CB  CG   sing N N 280 
TYR CB  HB2  sing N N 281 
TYR CB  HB3  sing N N 282 
TYR CG  CD1  doub Y N 283 
TYR CG  CD2  sing Y N 284 
TYR CD1 CE1  sing Y N 285 
TYR CD1 HD1  sing N N 286 
TYR CD2 CE2  doub Y N 287 
TYR CD2 HD2  sing N N 288 
TYR CE1 CZ   doub Y N 289 
TYR CE1 HE1  sing N N 290 
TYR CE2 CZ   sing Y N 291 
TYR CE2 HE2  sing N N 292 
TYR CZ  OH   sing N N 293 
TYR OH  HH   sing N N 294 
TYR OXT HXT  sing N N 295 
VAL N   CA   sing N N 296 
VAL N   H    sing N N 297 
VAL N   H2   sing N N 298 
VAL CA  C    sing N N 299 
VAL CA  CB   sing N N 300 
VAL CA  HA   sing N N 301 
VAL C   O    doub N N 302 
VAL C   OXT  sing N N 303 
VAL CB  CG1  sing N N 304 
VAL CB  CG2  sing N N 305 
VAL CB  HB   sing N N 306 
VAL CG1 HG11 sing N N 307 
VAL CG1 HG12 sing N N 308 
VAL CG1 HG13 sing N N 309 
VAL CG2 HG21 sing N N 310 
VAL CG2 HG22 sing N N 311 
VAL CG2 HG23 sing N N 312 
VAL OXT HXT  sing N N 313 
# 
_atom_sites.entry_id                    1T0Z 
_atom_sites.fract_transf_matrix[1][1]   0.00856106 
_atom_sites.fract_transf_matrix[1][2]   0.01557289 
_atom_sites.fract_transf_matrix[1][3]   0.00019313 
_atom_sites.fract_transf_matrix[2][1]   0.01047449 
_atom_sites.fract_transf_matrix[2][2]   0.00455202 
_atom_sites.fract_transf_matrix[2][3]   -0.01361777 
_atom_sites.fract_transf_matrix[3][1]   -0.00448712 
_atom_sites.fract_transf_matrix[3][2]   0.00249920 
_atom_sites.fract_transf_matrix[3][3]   -0.00261599 
_atom_sites.fract_transf_vector[1]      0.183110 
_atom_sites.fract_transf_vector[2]      0.428787 
_atom_sites.fract_transf_vector[3]      0.204531 
# 
loop_
_atom_type.symbol 
C 
N 
O 
S 
# 
loop_
_atom_site.group_PDB 
_atom_site.id 
_atom_site.type_symbol 
_atom_site.label_atom_id 
_atom_site.label_alt_id 
_atom_site.label_comp_id 
_atom_site.label_asym_id 
_atom_site.label_entity_id 
_atom_site.label_seq_id 
_atom_site.pdbx_PDB_ins_code 
_atom_site.Cartn_x 
_atom_site.Cartn_y 
_atom_site.Cartn_z 
_atom_site.occupancy 
_atom_site.B_iso_or_equiv 
_atom_site.pdbx_formal_charge 
_atom_site.auth_seq_id 
_atom_site.auth_comp_id 
_atom_site.auth_asym_id 
_atom_site.auth_atom_id 
_atom_site.pdbx_PDB_model_num 
ATOM   1    N N   . LYS A 1 1  ? -20.942 5.027   -0.036  1.00 40.46 ? 1   LYS A N   1 
ATOM   2    C CA  . LYS A 1 1  ? -19.718 4.848   -0.861  1.00 39.49 ? 1   LYS A CA  1 
ATOM   3    C C   . LYS A 1 1  ? -18.677 5.923   -0.546  1.00 38.30 ? 1   LYS A C   1 
ATOM   4    O O   . LYS A 1 1  ? -19.016 6.988   -0.027  1.00 37.37 ? 1   LYS A O   1 
ATOM   5    C CB  . LYS A 1 1  ? -20.098 4.890   -2.334  1.00 41.38 ? 1   LYS A CB  1 
ATOM   6    C CG  . LYS A 1 1  ? -21.062 6.006   -2.674  1.00 44.14 ? 1   LYS A CG  1 
ATOM   7    C CD  . LYS A 1 1  ? -21.362 6.041   -4.167  1.00 45.93 ? 1   LYS A CD  1 
ATOM   8    C CE  . LYS A 1 1  ? -21.894 4.711   -4.661  1.00 47.08 ? 1   LYS A CE  1 
ATOM   9    N NZ  . LYS A 1 1  ? -22.161 4.759   -6.125  1.00 50.38 ? 1   LYS A NZ  1 
ATOM   10   N N   . LYS A 1 2  ? -17.414 5.642   -0.866  1.00 35.47 ? 2   LYS A N   1 
ATOM   11   C CA  . LYS A 1 2  ? -16.328 6.582   -0.591  1.00 32.79 ? 2   LYS A CA  1 
ATOM   12   C C   . LYS A 1 2  ? -15.431 6.803   -1.808  1.00 30.84 ? 2   LYS A C   1 
ATOM   13   O O   . LYS A 1 2  ? -15.594 6.146   -2.829  1.00 31.23 ? 2   LYS A O   1 
ATOM   14   C CB  . LYS A 1 2  ? -15.478 6.053   0.553   1.00 31.31 ? 2   LYS A CB  1 
ATOM   15   C CG  . LYS A 1 2  ? -14.775 4.774   0.193   1.00 31.25 ? 2   LYS A CG  1 
ATOM   16   C CD  . LYS A 1 2  ? -14.179 4.104   1.397   1.00 30.62 ? 2   LYS A CD  1 
ATOM   17   C CE  . LYS A 1 2  ? -13.494 2.812   0.995   1.00 31.48 ? 2   LYS A CE  1 
ATOM   18   N NZ  . LYS A 1 2  ? -12.856 2.170   2.160   1.00 33.48 ? 2   LYS A NZ  1 
ATOM   19   N N   . ASN A 1 3  ? -14.482 7.731   -1.679  1.00 28.52 ? 3   ASN A N   1 
ATOM   20   C CA  . ASN A 1 3  ? -13.525 8.040   -2.739  1.00 26.15 ? 3   ASN A CA  1 
ATOM   21   C C   . ASN A 1 3  ? -12.141 7.801   -2.198  1.00 25.92 ? 3   ASN A C   1 
ATOM   22   O O   . ASN A 1 3  ? -11.908 7.997   -1.016  1.00 27.83 ? 3   ASN A O   1 
ATOM   23   C CB  . ASN A 1 3  ? -13.610 9.497   -3.157  1.00 24.20 ? 3   ASN A CB  1 
ATOM   24   C CG  . ASN A 1 3  ? -15.019 9.980   -3.238  1.00 23.80 ? 3   ASN A CG  1 
ATOM   25   O OD1 . ASN A 1 3  ? -15.940 9.188   -3.469  1.00 25.49 ? 3   ASN A OD1 1 
ATOM   26   N ND2 . ASN A 1 3  ? -15.214 11.282  -3.053  1.00 19.88 ? 3   ASN A ND2 1 
ATOM   27   N N   . GLY A 1 4  ? -11.222 7.393   -3.066  1.00 26.01 ? 4   GLY A N   1 
ATOM   28   C CA  . GLY A 1 4  ? -9.859  7.160   -2.636  1.00 24.27 ? 4   GLY A CA  1 
ATOM   29   C C   . GLY A 1 4  ? -9.052  6.393   -3.655  1.00 25.02 ? 4   GLY A C   1 
ATOM   30   O O   . GLY A 1 4  ? -9.564  5.998   -4.711  1.00 24.50 ? 4   GLY A O   1 
ATOM   31   N N   . TYR A 1 5  ? -7.775  6.201   -3.348  1.00 24.19 ? 5   TYR A N   1 
ATOM   32   C CA  . TYR A 1 5  ? -6.902  5.451   -4.226  1.00 25.23 ? 5   TYR A CA  1 
ATOM   33   C C   . TYR A 1 5  ? -7.166  3.970   -3.986  1.00 26.28 ? 5   TYR A C   1 
ATOM   34   O O   . TYR A 1 5  ? -6.769  3.421   -2.955  1.00 27.84 ? 5   TYR A O   1 
ATOM   35   C CB  . TYR A 1 5  ? -5.441  5.743   -3.916  1.00 24.49 ? 5   TYR A CB  1 
ATOM   36   C CG  . TYR A 1 5  ? -4.985  7.153   -4.194  1.00 25.43 ? 5   TYR A CG  1 
ATOM   37   C CD1 . TYR A 1 5  ? -4.875  7.636   -5.498  1.00 25.19 ? 5   TYR A CD1 1 
ATOM   38   C CD2 . TYR A 1 5  ? -4.578  7.982   -3.147  1.00 25.99 ? 5   TYR A CD2 1 
ATOM   39   C CE1 . TYR A 1 5  ? -4.356  8.911   -5.745  1.00 25.51 ? 5   TYR A CE1 1 
ATOM   40   C CE2 . TYR A 1 5  ? -4.064  9.243   -3.383  1.00 24.81 ? 5   TYR A CE2 1 
ATOM   41   C CZ  . TYR A 1 5  ? -3.947  9.701   -4.675  1.00 24.19 ? 5   TYR A CZ  1 
ATOM   42   O OH  . TYR A 1 5  ? -3.377  10.928  -4.878  1.00 21.09 ? 5   TYR A OH  1 
ATOM   43   N N   . ALA A 1 6  ? -7.833  3.317   -4.927  1.00 26.65 ? 6   ALA A N   1 
ATOM   44   C CA  . ALA A 1 6  ? -8.118  1.899   -4.758  1.00 27.99 ? 6   ALA A CA  1 
ATOM   45   C C   . ALA A 1 6  ? -6.837  1.099   -4.867  1.00 27.93 ? 6   ALA A C   1 
ATOM   46   O O   . ALA A 1 6  ? -5.975  1.415   -5.680  1.00 29.87 ? 6   ALA A O   1 
ATOM   47   C CB  . ALA A 1 6  ? -9.121  1.428   -5.814  1.00 28.39 ? 6   ALA A CB  1 
ATOM   48   N N   . VAL A 1 7  ? -6.701  0.078   -4.031  1.00 28.32 ? 7   VAL A N   1 
ATOM   49   C CA  . VAL A 1 7  ? -5.523  -0.796  -4.079  1.00 28.19 ? 7   VAL A CA  1 
ATOM   50   C C   . VAL A 1 7  ? -6.016  -2.197  -4.435  1.00 26.75 ? 7   VAL A C   1 
ATOM   51   O O   . VAL A 1 7  ? -7.153  -2.551  -4.145  1.00 25.79 ? 7   VAL A O   1 
ATOM   52   C CB  . VAL A 1 7  ? -4.792  -0.862  -2.710  1.00 29.24 ? 7   VAL A CB  1 
ATOM   53   C CG1 . VAL A 1 7  ? -4.013  0.430   -2.451  1.00 29.28 ? 7   VAL A CG1 1 
ATOM   54   C CG2 . VAL A 1 7  ? -5.809  -1.084  -1.605  1.00 28.65 ? 7   VAL A CG2 1 
ATOM   55   N N   . ASP A 1 8  ? -5.183  -2.994  -5.079  1.00 27.37 ? 8   ASP A N   1 
ATOM   56   C CA  . ASP A 1 8  ? -5.603  -4.337  -5.415  1.00 30.17 ? 8   ASP A CA  1 
ATOM   57   C C   . ASP A 1 8  ? -5.528  -5.233  -4.170  1.00 32.96 ? 8   ASP A C   1 
ATOM   58   O O   . ASP A 1 8  ? -5.447  -4.736  -3.049  1.00 33.91 ? 8   ASP A O   1 
ATOM   59   C CB  . ASP A 1 8  ? -4.742  -4.890  -6.548  1.00 29.69 ? 8   ASP A CB  1 
ATOM   60   C CG  . ASP A 1 8  ? -3.297  -4.996  -6.176  1.00 30.51 ? 8   ASP A CG  1 
ATOM   61   O OD1 . ASP A 1 8  ? -3.011  -5.172  -4.976  1.00 31.97 ? 8   ASP A OD1 1 
ATOM   62   O OD2 . ASP A 1 8  ? -2.450  -4.920  -7.082  1.00 29.34 ? 8   ASP A OD2 1 
ATOM   63   N N   . SER A 1 9  ? -5.562  -6.550  -4.359  1.00 35.94 ? 9   SER A N   1 
ATOM   64   C CA  . SER A 1 9  ? -5.520  -7.480  -3.227  1.00 38.77 ? 9   SER A CA  1 
ATOM   65   C C   . SER A 1 9  ? -4.135  -7.525  -2.595  1.00 40.42 ? 9   SER A C   1 
ATOM   66   O O   . SER A 1 9  ? -3.979  -7.871  -1.424  1.00 40.37 ? 9   SER A O   1 
ATOM   67   C CB  . SER A 1 9  ? -5.918  -8.890  -3.672  1.00 39.50 ? 9   SER A CB  1 
ATOM   68   O OG  . SER A 1 9  ? -4.970  -9.421  -4.584  1.00 40.99 ? 9   SER A OG  1 
ATOM   69   N N   . SER A 1 10 ? -3.129  -7.177  -3.385  1.00 41.26 ? 10  SER A N   1 
ATOM   70   C CA  . SER A 1 10 ? -1.755  -7.163  -2.915  1.00 41.91 ? 10  SER A CA  1 
ATOM   71   C C   . SER A 1 10 ? -1.410  -5.825  -2.254  1.00 42.23 ? 10  SER A C   1 
ATOM   72   O O   . SER A 1 10 ? -0.313  -5.652  -1.722  1.00 42.74 ? 10  SER A O   1 
ATOM   73   C CB  . SER A 1 10 ? -0.816  -7.419  -4.081  1.00 41.57 ? 10  SER A CB  1 
ATOM   74   O OG  . SER A 1 10 ? 0.510   -7.165  -3.691  1.00 46.95 ? 10  SER A OG  1 
ATOM   75   N N   . GLY A 1 11 ? -2.352  -4.884  -2.297  1.00 41.94 ? 11  GLY A N   1 
ATOM   76   C CA  . GLY A 1 11 ? -2.140  -3.585  -1.688  1.00 41.56 ? 11  GLY A CA  1 
ATOM   77   C C   . GLY A 1 11 ? -1.633  -2.489  -2.611  1.00 42.35 ? 11  GLY A C   1 
ATOM   78   O O   . GLY A 1 11 ? -1.586  -1.330  -2.218  1.00 42.89 ? 11  GLY A O   1 
ATOM   79   N N   . LYS A 1 12 ? -1.265  -2.838  -3.840  1.00 42.05 ? 12  LYS A N   1 
ATOM   80   C CA  . LYS A 1 12 ? -0.744  -1.855  -4.787  1.00 42.83 ? 12  LYS A CA  1 
ATOM   81   C C   . LYS A 1 12 ? -1.801  -0.957  -5.468  1.00 41.05 ? 12  LYS A C   1 
ATOM   82   O O   . LYS A 1 12 ? -2.931  -1.376  -5.708  1.00 41.53 ? 12  LYS A O   1 
ATOM   83   C CB  . LYS A 1 12 ? 0.080   -2.581  -5.854  1.00 45.10 ? 12  LYS A CB  1 
ATOM   84   C CG  . LYS A 1 12 ? 1.069   -3.572  -5.269  1.00 50.34 ? 12  LYS A CG  1 
ATOM   85   C CD  . LYS A 1 12 ? 1.872   -4.292  -6.351  1.00 54.56 ? 12  LYS A CD  1 
ATOM   86   C CE  . LYS A 1 12 ? 2.993   -3.423  -6.936  1.00 55.90 ? 12  LYS A CE  1 
ATOM   87   N NZ  . LYS A 1 12 ? 4.142   -3.216  -6.002  1.00 55.62 ? 12  LYS A NZ  1 
ATOM   88   N N   . VAL A 1 13 ? -1.430  0.288   -5.757  1.00 38.36 ? 13  VAL A N   1 
ATOM   89   C CA  . VAL A 1 13 ? -2.328  1.218   -6.435  1.00 36.58 ? 13  VAL A CA  1 
ATOM   90   C C   . VAL A 1 13 ? -1.855  1.313   -7.865  1.00 34.07 ? 13  VAL A C   1 
ATOM   91   O O   . VAL A 1 13 ? -0.725  0.970   -8.179  1.00 34.02 ? 13  VAL A O   1 
ATOM   92   C CB  . VAL A 1 13 ? -2.273  2.659   -5.870  1.00 36.90 ? 13  VAL A CB  1 
ATOM   93   C CG1 . VAL A 1 13 ? -2.673  2.670   -4.418  1.00 40.02 ? 13  VAL A CG1 1 
ATOM   94   C CG2 . VAL A 1 13 ? -0.870  3.236   -6.049  1.00 37.21 ? 13  VAL A CG2 1 
ATOM   95   N N   . ALA A 1 14 ? -2.726  1.792   -8.733  1.00 31.62 ? 14  ALA A N   1 
ATOM   96   C CA  . ALA A 1 14 ? -2.374  1.952   -10.123 1.00 28.37 ? 14  ALA A CA  1 
ATOM   97   C C   . ALA A 1 14 ? -1.711  3.310   -10.291 1.00 26.07 ? 14  ALA A C   1 
ATOM   98   O O   . ALA A 1 14 ? -2.272  4.339   -9.901  1.00 23.53 ? 14  ALA A O   1 
ATOM   99   C CB  . ALA A 1 14 ? -3.632  1.865   -10.997 1.00 28.28 ? 14  ALA A CB  1 
ATOM   100  N N   . GLU A 1 15 ? -0.505  3.304   -10.841 1.00 25.92 ? 15  GLU A N   1 
ATOM   101  C CA  . GLU A 1 15 ? 0.210   4.544   -11.106 1.00 26.12 ? 15  GLU A CA  1 
ATOM   102  C C   . GLU A 1 15 ? -0.304  5.021   -12.458 1.00 24.73 ? 15  GLU A C   1 
ATOM   103  O O   . GLU A 1 15 ? -0.702  4.214   -13.304 1.00 24.72 ? 15  GLU A O   1 
ATOM   104  C CB  . GLU A 1 15 ? 1.710   4.300   -11.174 1.00 27.89 ? 15  GLU A CB  1 
ATOM   105  C CG  . GLU A 1 15 ? 2.324   3.854   -9.861  1.00 32.38 ? 15  GLU A CG  1 
ATOM   106  C CD  . GLU A 1 15 ? 3.828   3.681   -9.977  1.00 36.50 ? 15  GLU A CD  1 
ATOM   107  O OE1 . GLU A 1 15 ? 4.275   3.006   -10.933 1.00 39.90 ? 15  GLU A OE1 1 
ATOM   108  O OE2 . GLU A 1 15 ? 4.562   4.217   -9.117  1.00 39.03 ? 15  GLU A OE2 1 
ATOM   109  N N   . CYS A 1 16 ? -0.293  6.324   -12.687 1.00 22.90 ? 16  CYS A N   1 
ATOM   110  C CA  . CYS A 1 16 ? -0.834  6.812   -13.940 1.00 20.62 ? 16  CYS A CA  1 
ATOM   111  C C   . CYS A 1 16 ? -0.236  8.093   -14.437 1.00 21.45 ? 16  CYS A C   1 
ATOM   112  O O   . CYS A 1 16 ? 0.503   8.778   -13.734 1.00 22.17 ? 16  CYS A O   1 
ATOM   113  C CB  . CYS A 1 16 ? -2.335  7.022   -13.797 1.00 18.10 ? 16  CYS A CB  1 
ATOM   114  S SG  . CYS A 1 16 ? -2.710  8.046   -12.345 1.00 17.11 ? 16  CYS A SG  1 
ATOM   115  N N   . LEU A 1 17 ? -0.616  8.415   -15.667 1.00 21.61 ? 17  LEU A N   1 
ATOM   116  C CA  . LEU A 1 17 ? -0.181  9.611   -16.340 1.00 20.59 ? 17  LEU A CA  1 
ATOM   117  C C   . LEU A 1 17 ? -1.425  10.248  -16.955 1.00 21.58 ? 17  LEU A C   1 
ATOM   118  O O   . LEU A 1 17 ? -1.494  11.457  -17.107 1.00 21.88 ? 17  LEU A O   1 
ATOM   119  C CB  . LEU A 1 17 ? 0.809   9.221   -17.421 1.00 22.35 ? 17  LEU A CB  1 
ATOM   120  C CG  . LEU A 1 17 ? 2.109   10.002  -17.580 1.00 25.09 ? 17  LEU A CG  1 
ATOM   121  C CD1 . LEU A 1 17 ? 2.734   10.367  -16.238 1.00 23.75 ? 17  LEU A CD1 1 
ATOM   122  C CD2 . LEU A 1 17 ? 3.042   9.115   -18.383 1.00 25.18 ? 17  LEU A CD2 1 
ATOM   123  N N   . PHE A 1 18 ? -2.422  9.427   -17.279 1.00 20.66 ? 18  PHE A N   1 
ATOM   124  C CA  . PHE A 1 18 ? -3.644  9.919   -17.905 1.00 20.58 ? 18  PHE A CA  1 
ATOM   125  C C   . PHE A 1 18 ? -4.939  9.528   -17.184 1.00 20.19 ? 18  PHE A C   1 
ATOM   126  O O   . PHE A 1 18 ? -5.104  8.405   -16.736 1.00 20.56 ? 18  PHE A O   1 
ATOM   127  C CB  . PHE A 1 18 ? -3.731  9.421   -19.357 1.00 21.12 ? 18  PHE A CB  1 
ATOM   128  C CG  . PHE A 1 18 ? -2.637  9.922   -20.243 1.00 21.32 ? 18  PHE A CG  1 
ATOM   129  C CD1 . PHE A 1 18 ? -1.438  9.226   -20.357 1.00 22.50 ? 18  PHE A CD1 1 
ATOM   130  C CD2 . PHE A 1 18 ? -2.801  11.089  -20.970 1.00 22.54 ? 18  PHE A CD2 1 
ATOM   131  C CE1 . PHE A 1 18 ? -0.418  9.687   -21.187 1.00 23.89 ? 18  PHE A CE1 1 
ATOM   132  C CE2 . PHE A 1 18 ? -1.783  11.564  -21.806 1.00 25.28 ? 18  PHE A CE2 1 
ATOM   133  C CZ  . PHE A 1 18 ? -0.590  10.862  -21.916 1.00 23.78 ? 18  PHE A CZ  1 
ATOM   134  N N   . ASN A 1 19 ? -5.876  10.460  -17.128 1.00 20.29 ? 19  ASN A N   1 
ATOM   135  C CA  . ASN A 1 19 ? -7.149  10.240  -16.455 1.00 21.15 ? 19  ASN A CA  1 
ATOM   136  C C   . ASN A 1 19 ? -8.029  9.102   -16.955 1.00 21.16 ? 19  ASN A C   1 
ATOM   137  O O   . ASN A 1 19 ? -8.598  8.364   -16.159 1.00 19.19 ? 19  ASN A O   1 
ATOM   138  C CB  . ASN A 1 19 ? -7.968  11.527  -16.492 1.00 21.27 ? 19  ASN A CB  1 
ATOM   139  C CG  . ASN A 1 19 ? -7.301  12.639  -15.757 1.00 19.83 ? 19  ASN A CG  1 
ATOM   140  O OD1 . ASN A 1 19 ? -6.574  12.401  -14.801 1.00 19.85 ? 19  ASN A OD1 1 
ATOM   141  N ND2 . ASN A 1 19 ? -7.560  13.868  -16.177 1.00 21.28 ? 19  ASN A ND2 1 
ATOM   142  N N   . ASN A 1 20 ? -8.149  8.986   -18.274 1.00 21.94 ? 20  ASN A N   1 
ATOM   143  C CA  . ASN A 1 20 ? -8.981  7.962   -18.892 1.00 21.09 ? 20  ASN A CA  1 
ATOM   144  C C   . ASN A 1 20 ? -8.581  6.549   -18.484 1.00 21.64 ? 20  ASN A C   1 
ATOM   145  O O   . ASN A 1 20 ? -9.423  5.689   -18.298 1.00 21.61 ? 20  ASN A O   1 
ATOM   146  C CB  . ASN A 1 20 ? -8.908  8.104   -20.406 1.00 22.15 ? 20  ASN A CB  1 
ATOM   147  C CG  . ASN A 1 20 ? -9.928  7.253   -21.111 1.00 23.14 ? 20  ASN A CG  1 
ATOM   148  O OD1 . ASN A 1 20 ? -9.592  6.243   -21.731 1.00 25.43 ? 20  ASN A OD1 1 
ATOM   149  N ND2 . ASN A 1 20 ? -11.193 7.652   -21.015 1.00 23.42 ? 20  ASN A ND2 1 
ATOM   150  N N   . TYR A 1 21 ? -7.287  6.309   -18.364 1.00 21.15 ? 21  TYR A N   1 
ATOM   151  C CA  . TYR A 1 21 ? -6.808  5.014   -17.954 1.00 21.86 ? 21  TYR A CA  1 
ATOM   152  C C   . TYR A 1 21 ? -7.355  4.728   -16.561 1.00 22.13 ? 21  TYR A C   1 
ATOM   153  O O   . TYR A 1 21 ? -7.777  3.623   -16.261 1.00 22.62 ? 21  TYR A O   1 
ATOM   154  C CB  . TYR A 1 21 ? -5.292  5.035   -17.903 1.00 23.27 ? 21  TYR A CB  1 
ATOM   155  C CG  . TYR A 1 21 ? -4.706  3.878   -17.150 1.00 26.18 ? 21  TYR A CG  1 
ATOM   156  C CD1 . TYR A 1 21 ? -4.608  2.618   -17.736 1.00 26.63 ? 21  TYR A CD1 1 
ATOM   157  C CD2 . TYR A 1 21 ? -4.270  4.033   -15.833 1.00 26.35 ? 21  TYR A CD2 1 
ATOM   158  C CE1 . TYR A 1 21 ? -4.091  1.542   -17.026 1.00 28.16 ? 21  TYR A CE1 1 
ATOM   159  C CE2 . TYR A 1 21 ? -3.758  2.965   -15.115 1.00 26.39 ? 21  TYR A CE2 1 
ATOM   160  C CZ  . TYR A 1 21 ? -3.673  1.727   -15.715 1.00 27.60 ? 21  TYR A CZ  1 
ATOM   161  O OH  . TYR A 1 21 ? -3.192  0.667   -15.002 1.00 31.64 ? 21  TYR A OH  1 
ATOM   162  N N   . CYS A 1 22 ? -7.340  5.741   -15.706 1.00 22.68 ? 22  CYS A N   1 
ATOM   163  C CA  . CYS A 1 22 ? -7.818  5.586   -14.342 1.00 22.60 ? 22  CYS A CA  1 
ATOM   164  C C   . CYS A 1 22 ? -9.330  5.411   -14.256 1.00 23.56 ? 22  CYS A C   1 
ATOM   165  O O   . CYS A 1 22 ? -9.849  4.748   -13.338 1.00 23.50 ? 22  CYS A O   1 
ATOM   166  C CB  . CYS A 1 22 ? -7.409  6.786   -13.500 1.00 21.72 ? 22  CYS A CB  1 
ATOM   167  S SG  . CYS A 1 22 ? -5.673  6.827   -12.989 1.00 23.03 ? 22  CYS A SG  1 
ATOM   168  N N   . ASN A 1 23 ? -10.056 6.008   -15.193 1.00 22.21 ? 23  ASN A N   1 
ATOM   169  C CA  . ASN A 1 23 ? -11.489 5.852   -15.122 1.00 22.31 ? 23  ASN A CA  1 
ATOM   170  C C   . ASN A 1 23 ? -11.885 4.425   -15.512 1.00 22.90 ? 23  ASN A C   1 
ATOM   171  O O   . ASN A 1 23 ? -12.870 3.888   -14.987 1.00 21.25 ? 23  ASN A O   1 
ATOM   172  C CB  . ASN A 1 23 ? -12.199 6.896   -15.979 1.00 19.99 ? 23  ASN A CB  1 
ATOM   173  C CG  . ASN A 1 23 ? -13.698 6.866   -15.781 1.00 21.03 ? 23  ASN A CG  1 
ATOM   174  O OD1 . ASN A 1 23 ? -14.407 6.194   -16.508 1.00 19.16 ? 23  ASN A OD1 1 
ATOM   175  N ND2 . ASN A 1 23 ? -14.180 7.574   -14.774 1.00 22.23 ? 23  ASN A ND2 1 
ATOM   176  N N   . ASN A 1 24 ? -11.105 3.809   -16.407 1.00 23.45 ? 24  ASN A N   1 
ATOM   177  C CA  . ASN A 1 24 ? -11.374 2.437   -16.818 1.00 24.74 ? 24  ASN A CA  1 
ATOM   178  C C   . ASN A 1 24 ? -11.068 1.520   -15.633 1.00 25.47 ? 24  ASN A C   1 
ATOM   179  O O   . ASN A 1 24 ? -11.869 0.646   -15.296 1.00 25.87 ? 24  ASN A O   1 
ATOM   180  C CB  . ASN A 1 24 ? -10.510 2.012   -18.018 1.00 26.81 ? 24  ASN A CB  1 
ATOM   181  C CG  . ASN A 1 24 ? -10.914 2.695   -19.313 1.00 29.92 ? 24  ASN A CG  1 
ATOM   182  O OD1 . ASN A 1 24 ? -12.088 2.999   -19.532 1.00 33.06 ? 24  ASN A OD1 1 
ATOM   183  N ND2 . ASN A 1 24 ? -9.938  2.926   -20.193 1.00 31.17 ? 24  ASN A ND2 1 
ATOM   184  N N   . GLU A 1 25 ? -9.921  1.733   -14.988 1.00 24.78 ? 25  GLU A N   1 
ATOM   185  C CA  . GLU A 1 25 ? -9.545  0.905   -13.852 1.00 26.30 ? 25  GLU A CA  1 
ATOM   186  C C   . GLU A 1 25 ? -10.575 0.991   -12.751 1.00 25.51 ? 25  GLU A C   1 
ATOM   187  O O   . GLU A 1 25 ? -11.079 -0.024  -12.280 1.00 26.62 ? 25  GLU A O   1 
ATOM   188  C CB  . GLU A 1 25 ? -8.193  1.322   -13.275 1.00 27.99 ? 25  GLU A CB  1 
ATOM   189  C CG  . GLU A 1 25 ? -6.999  0.877   -14.075 1.00 33.69 ? 25  GLU A CG  1 
ATOM   190  C CD  . GLU A 1 25 ? -6.854  -0.631  -14.122 1.00 36.05 ? 25  GLU A CD  1 
ATOM   191  O OE1 . GLU A 1 25 ? -6.700  -1.260  -13.049 1.00 36.94 ? 25  GLU A OE1 1 
ATOM   192  O OE2 . GLU A 1 25 ? -6.895  -1.179  -15.242 1.00 38.53 ? 25  GLU A OE2 1 
ATOM   193  N N   . CYS A 1 26 ? -10.874 2.213   -12.339 1.00 23.76 ? 26  CYS A N   1 
ATOM   194  C CA  . CYS A 1 26 ? -11.823 2.437   -11.268 1.00 23.76 ? 26  CYS A CA  1 
ATOM   195  C C   . CYS A 1 26 ? -13.204 1.819   -11.490 1.00 24.19 ? 26  CYS A C   1 
ATOM   196  O O   . CYS A 1 26 ? -13.754 1.183   -10.593 1.00 25.21 ? 26  CYS A O   1 
ATOM   197  C CB  . CYS A 1 26 ? -11.968 3.938   -11.016 1.00 23.56 ? 26  CYS A CB  1 
ATOM   198  S SG  . CYS A 1 26 ? -10.565 4.756   -10.194 1.00 24.05 ? 26  CYS A SG  1 
ATOM   199  N N   . THR A 1 27 ? -13.770 2.014   -12.677 1.00 24.66 ? 27  THR A N   1 
ATOM   200  C CA  . THR A 1 27 ? -15.099 1.482   -12.982 1.00 25.00 ? 27  THR A CA  1 
ATOM   201  C C   . THR A 1 27 ? -15.095 -0.016  -13.322 1.00 26.78 ? 27  THR A C   1 
ATOM   202  O O   . THR A 1 27 ? -15.884 -0.782  -12.772 1.00 27.09 ? 27  THR A O   1 
ATOM   203  C CB  . THR A 1 27 ? -15.764 2.261   -14.163 1.00 24.00 ? 27  THR A CB  1 
ATOM   204  O OG1 . THR A 1 27 ? -14.964 2.133   -15.348 1.00 22.86 ? 27  THR A OG1 1 
ATOM   205  C CG2 . THR A 1 27 ? -15.921 3.737   -13.816 1.00 21.07 ? 27  THR A CG2 1 
ATOM   206  N N   . LYS A 1 28 ? -14.199 -0.434  -14.211 1.00 28.01 ? 28  LYS A N   1 
ATOM   207  C CA  . LYS A 1 28 ? -14.136 -1.833  -14.626 1.00 30.05 ? 28  LYS A CA  1 
ATOM   208  C C   . LYS A 1 28 ? -13.552 -2.813  -13.620 1.00 29.70 ? 28  LYS A C   1 
ATOM   209  O O   . LYS A 1 28 ? -13.929 -3.985  -13.615 1.00 30.83 ? 28  LYS A O   1 
ATOM   210  C CB  . LYS A 1 28 ? -13.349 -1.969  -15.926 1.00 31.15 ? 28  LYS A CB  1 
ATOM   211  C CG  . LYS A 1 28 ? -14.070 -1.476  -17.155 1.00 34.68 ? 28  LYS A CG  1 
ATOM   212  C CD  . LYS A 1 28 ? -13.129 -1.514  -18.352 1.00 38.70 ? 28  LYS A CD  1 
ATOM   213  C CE  . LYS A 1 28 ? -13.805 -1.029  -19.623 1.00 40.94 ? 28  LYS A CE  1 
ATOM   214  N NZ  . LYS A 1 28 ? -12.854 -1.106  -20.769 1.00 43.63 ? 28  LYS A NZ  1 
ATOM   215  N N   . VAL A 1 29 ? -12.629 -2.352  -12.782 1.00 28.34 ? 29  VAL A N   1 
ATOM   216  C CA  . VAL A 1 29 ? -12.008 -3.237  -11.811 1.00 25.97 ? 29  VAL A CA  1 
ATOM   217  C C   . VAL A 1 29 ? -12.481 -3.065  -10.370 1.00 27.86 ? 29  VAL A C   1 
ATOM   218  O O   . VAL A 1 29 ? -12.485 -4.024  -9.603  1.00 30.80 ? 29  VAL A O   1 
ATOM   219  C CB  . VAL A 1 29 ? -10.491 -3.087  -11.836 1.00 24.77 ? 29  VAL A CB  1 
ATOM   220  C CG1 . VAL A 1 29 ? -9.873  -4.099  -10.924 1.00 22.08 ? 29  VAL A CG1 1 
ATOM   221  C CG2 . VAL A 1 29 ? -9.973  -3.249  -13.246 1.00 22.19 ? 29  VAL A CG2 1 
ATOM   222  N N   . TYR A 1 30 ? -12.902 -1.862  -9.997  1.00 27.01 ? 30  TYR A N   1 
ATOM   223  C CA  . TYR A 1 30 ? -13.328 -1.636  -8.628  1.00 25.61 ? 30  TYR A CA  1 
ATOM   224  C C   . TYR A 1 30 ? -14.778 -1.216  -8.555  1.00 27.44 ? 30  TYR A C   1 
ATOM   225  O O   . TYR A 1 30 ? -15.307 -0.895  -7.483  1.00 27.30 ? 30  TYR A O   1 
ATOM   226  C CB  . TYR A 1 30 ? -12.407 -0.595  -7.988  1.00 23.31 ? 30  TYR A CB  1 
ATOM   227  C CG  . TYR A 1 30 ? -10.978 -1.060  -7.940  1.00 20.27 ? 30  TYR A CG  1 
ATOM   228  C CD1 . TYR A 1 30 ? -10.577 -2.060  -7.051  1.00 20.42 ? 30  TYR A CD1 1 
ATOM   229  C CD2 . TYR A 1 30 ? -10.031 -0.554  -8.829  1.00 20.13 ? 30  TYR A CD2 1 
ATOM   230  C CE1 . TYR A 1 30 ? -9.258  -2.552  -7.056  1.00 20.39 ? 30  TYR A CE1 1 
ATOM   231  C CE2 . TYR A 1 30 ? -8.713  -1.036  -8.842  1.00 19.90 ? 30  TYR A CE2 1 
ATOM   232  C CZ  . TYR A 1 30 ? -8.338  -2.038  -7.955  1.00 20.95 ? 30  TYR A CZ  1 
ATOM   233  O OH  . TYR A 1 30 ? -7.058  -2.553  -7.998  1.00 24.26 ? 30  TYR A OH  1 
ATOM   234  N N   . TYR A 1 31 ? -15.420 -1.213  -9.716  1.00 28.81 ? 31  TYR A N   1 
ATOM   235  C CA  . TYR A 1 31 ? -16.834 -0.874  -9.812  1.00 30.00 ? 31  TYR A CA  1 
ATOM   236  C C   . TYR A 1 31 ? -17.224 0.470   -9.224  1.00 28.30 ? 31  TYR A C   1 
ATOM   237  O O   . TYR A 1 31 ? -18.286 0.594   -8.616  1.00 28.09 ? 31  TYR A O   1 
ATOM   238  C CB  . TYR A 1 31 ? -17.678 -1.976  -9.166  1.00 32.33 ? 31  TYR A CB  1 
ATOM   239  C CG  . TYR A 1 31 ? -17.319 -3.357  -9.670  1.00 37.29 ? 31  TYR A CG  1 
ATOM   240  C CD1 . TYR A 1 31 ? -16.180 -4.008  -9.204  1.00 40.10 ? 31  TYR A CD1 1 
ATOM   241  C CD2 . TYR A 1 31 ? -18.082 -3.989  -10.652 1.00 38.90 ? 31  TYR A CD2 1 
ATOM   242  C CE1 . TYR A 1 31 ? -15.805 -5.245  -9.699  1.00 41.94 ? 31  TYR A CE1 1 
ATOM   243  C CE2 . TYR A 1 31 ? -17.713 -5.230  -11.156 1.00 41.17 ? 31  TYR A CE2 1 
ATOM   244  C CZ  . TYR A 1 31 ? -16.571 -5.853  -10.672 1.00 43.10 ? 31  TYR A CZ  1 
ATOM   245  O OH  . TYR A 1 31 ? -16.181 -7.085  -11.152 1.00 46.72 ? 31  TYR A OH  1 
ATOM   246  N N   . ALA A 1 32 ? -16.377 1.479   -9.418  1.00 26.41 ? 32  ALA A N   1 
ATOM   247  C CA  . ALA A 1 32 ? -16.678 2.810   -8.916  1.00 24.57 ? 32  ALA A CA  1 
ATOM   248  C C   . ALA A 1 32 ? -17.423 3.608   -9.979  1.00 24.23 ? 32  ALA A C   1 
ATOM   249  O O   . ALA A 1 32 ? -17.515 3.202   -11.140 1.00 22.94 ? 32  ALA A O   1 
ATOM   250  C CB  . ALA A 1 32 ? -15.400 3.524   -8.530  1.00 23.56 ? 32  ALA A CB  1 
ATOM   251  N N   . ASP A 1 33 ? -17.947 4.758   -9.584  1.00 24.49 ? 33  ASP A N   1 
ATOM   252  C CA  . ASP A 1 33 ? -18.669 5.610   -10.517 1.00 24.34 ? 33  ASP A CA  1 
ATOM   253  C C   . ASP A 1 33 ? -17.720 6.185   -11.569 1.00 24.01 ? 33  ASP A C   1 
ATOM   254  O O   . ASP A 1 33 ? -17.984 6.094   -12.759 1.00 25.84 ? 33  ASP A O   1 
ATOM   255  C CB  . ASP A 1 33 ? -19.357 6.757   -9.766  1.00 27.76 ? 33  ASP A CB  1 
ATOM   256  C CG  . ASP A 1 33 ? -20.360 6.269   -8.703  1.00 29.53 ? 33  ASP A CG  1 
ATOM   257  O OD1 . ASP A 1 33 ? -20.653 7.035   -7.761  1.00 31.68 ? 33  ASP A OD1 1 
ATOM   258  O OD2 . ASP A 1 33 ? -20.867 5.137   -8.807  1.00 29.93 ? 33  ASP A OD2 1 
ATOM   259  N N   . LYS A 1 34 ? -16.610 6.773   -11.127 1.00 22.62 ? 34  LYS A N   1 
ATOM   260  C CA  . LYS A 1 34 ? -15.644 7.391   -12.037 1.00 20.43 ? 34  LYS A CA  1 
ATOM   261  C C   . LYS A 1 34 ? -14.265 7.357   -11.411 1.00 19.84 ? 34  LYS A C   1 
ATOM   262  O O   . LYS A 1 34 ? -14.091 6.852   -10.299 1.00 19.42 ? 34  LYS A O   1 
ATOM   263  C CB  . LYS A 1 34 ? -15.994 8.869   -12.287 1.00 18.87 ? 34  LYS A CB  1 
ATOM   264  C CG  . LYS A 1 34 ? -17.448 9.152   -12.535 1.00 18.90 ? 34  LYS A CG  1 
ATOM   265  C CD  . LYS A 1 34 ? -17.727 10.645  -12.606 1.00 19.80 ? 34  LYS A CD  1 
ATOM   266  C CE  . LYS A 1 34 ? -19.232 10.919  -12.657 1.00 18.93 ? 34  LYS A CE  1 
ATOM   267  N NZ  . LYS A 1 34 ? -19.541 12.289  -13.152 1.00 21.09 ? 34  LYS A NZ  1 
ATOM   268  N N   . GLY A 1 35 ? -13.294 7.925   -12.124 1.00 18.00 ? 35  GLY A N   1 
ATOM   269  C CA  . GLY A 1 35 ? -11.940 7.989   -11.616 1.00 16.93 ? 35  GLY A CA  1 
ATOM   270  C C   . GLY A 1 35 ? -11.032 8.810   -12.508 1.00 17.52 ? 35  GLY A C   1 
ATOM   271  O O   . GLY A 1 35 ? -11.301 8.971   -13.691 1.00 18.18 ? 35  GLY A O   1 
ATOM   272  N N   . TYR A 1 36 ? -9.959  9.342   -11.935 1.00 18.67 ? 36  TYR A N   1 
ATOM   273  C CA  . TYR A 1 36 ? -8.981  10.126  -12.677 1.00 18.17 ? 36  TYR A CA  1 
ATOM   274  C C   . TYR A 1 36 ? -7.605  9.981   -12.043 1.00 18.81 ? 36  TYR A C   1 
ATOM   275  O O   . TYR A 1 36 ? -7.466  9.448   -10.940 1.00 19.00 ? 36  TYR A O   1 
ATOM   276  C CB  . TYR A 1 36 ? -9.372  11.599  -12.728 1.00 17.75 ? 36  TYR A CB  1 
ATOM   277  C CG  . TYR A 1 36 ? -9.056  12.421  -11.492 1.00 17.83 ? 36  TYR A CG  1 
ATOM   278  C CD1 . TYR A 1 36 ? -9.685  12.170  -10.273 1.00 17.85 ? 36  TYR A CD1 1 
ATOM   279  C CD2 . TYR A 1 36 ? -8.193  13.520  -11.574 1.00 18.22 ? 36  TYR A CD2 1 
ATOM   280  C CE1 . TYR A 1 36 ? -9.472  13.003  -9.162  1.00 19.34 ? 36  TYR A CE1 1 
ATOM   281  C CE2 . TYR A 1 36 ? -7.976  14.357  -10.484 1.00 18.01 ? 36  TYR A CE2 1 
ATOM   282  C CZ  . TYR A 1 36 ? -8.618  14.099  -9.286  1.00 19.32 ? 36  TYR A CZ  1 
ATOM   283  O OH  . TYR A 1 36 ? -8.433  14.967  -8.242  1.00 19.30 ? 36  TYR A OH  1 
ATOM   284  N N   . CYS A 1 37 ? -6.590  10.462  -12.753 1.00 19.50 ? 37  CYS A N   1 
ATOM   285  C CA  . CYS A 1 37 ? -5.212  10.373  -12.291 1.00 18.53 ? 37  CYS A CA  1 
ATOM   286  C C   . CYS A 1 37 ? -4.825  11.550  -11.406 1.00 18.91 ? 37  CYS A C   1 
ATOM   287  O O   . CYS A 1 37 ? -4.443  12.582  -11.916 1.00 17.50 ? 37  CYS A O   1 
ATOM   288  C CB  . CYS A 1 37 ? -4.287  10.309  -13.497 1.00 17.53 ? 37  CYS A CB  1 
ATOM   289  S SG  . CYS A 1 37 ? -2.585  9.950   -13.031 1.00 21.37 ? 37  CYS A SG  1 
ATOM   290  N N   . CYS A 1 38 ? -4.913  11.373  -10.085 1.00 20.44 ? 38  CYS A N   1 
ATOM   291  C CA  . CYS A 1 38 ? -4.592  12.418  -9.104  1.00 19.80 ? 38  CYS A CA  1 
ATOM   292  C C   . CYS A 1 38 ? -3.237  12.202  -8.472  1.00 19.70 ? 38  CYS A C   1 
ATOM   293  O O   . CYS A 1 38 ? -3.044  11.254  -7.724  1.00 20.98 ? 38  CYS A O   1 
ATOM   294  C CB  . CYS A 1 38 ? -5.627  12.457  -7.982  1.00 21.39 ? 38  CYS A CB  1 
ATOM   295  S SG  . CYS A 1 38 ? -5.395  13.890  -6.880  1.00 24.35 ? 38  CYS A SG  1 
ATOM   296  N N   . LEU A 1 39 ? -2.311  13.107  -8.759  1.00 18.86 ? 39  LEU A N   1 
ATOM   297  C CA  . LEU A 1 39 ? -0.965  13.027  -8.243  1.00 18.25 ? 39  LEU A CA  1 
ATOM   298  C C   . LEU A 1 39 ? -0.306  11.707  -8.630  1.00 18.44 ? 39  LEU A C   1 
ATOM   299  O O   . LEU A 1 39 ? 0.345   11.052  -7.816  1.00 17.11 ? 39  LEU A O   1 
ATOM   300  C CB  . LEU A 1 39 ? -0.966  13.225  -6.726  1.00 17.61 ? 39  LEU A CB  1 
ATOM   301  C CG  . LEU A 1 39 ? -1.459  14.615  -6.289  1.00 18.02 ? 39  LEU A CG  1 
ATOM   302  C CD1 . LEU A 1 39 ? -1.611  14.658  -4.763  1.00 17.95 ? 39  LEU A CD1 1 
ATOM   303  C CD2 . LEU A 1 39 ? -0.494  15.687  -6.764  1.00 14.20 ? 39  LEU A CD2 1 
ATOM   304  N N   . LEU A 1 40 ? -0.503  11.337  -9.893  1.00 19.29 ? 40  LEU A N   1 
ATOM   305  C CA  . LEU A 1 40 ? 0.077   10.142  -10.503 1.00 20.79 ? 40  LEU A CA  1 
ATOM   306  C C   . LEU A 1 40 ? -0.401  8.765   -10.036 1.00 21.87 ? 40  LEU A C   1 
ATOM   307  O O   . LEU A 1 40 ? 0.223   7.749   -10.345 1.00 21.72 ? 40  LEU A O   1 
ATOM   308  C CB  . LEU A 1 40 ? 1.605   10.241  -10.434 1.00 20.45 ? 40  LEU A CB  1 
ATOM   309  C CG  . LEU A 1 40 ? 2.109   11.584  -10.995 1.00 20.14 ? 40  LEU A CG  1 
ATOM   310  C CD1 . LEU A 1 40 ? 3.620   11.655  -10.888 1.00 20.12 ? 40  LEU A CD1 1 
ATOM   311  C CD2 . LEU A 1 40 ? 1.672   11.757  -12.452 1.00 17.04 ? 40  LEU A CD2 1 
ATOM   312  N N   . LYS A 1 41 ? -1.503  8.736   -9.294  1.00 22.42 ? 41  LYS A N   1 
ATOM   313  C CA  . LYS A 1 41 ? -2.110  7.478   -8.856  1.00 23.62 ? 41  LYS A CA  1 
ATOM   314  C C   . LYS A 1 41 ? -3.588  7.583   -9.225  1.00 24.48 ? 41  LYS A C   1 
ATOM   315  O O   . LYS A 1 41 ? -4.150  8.681   -9.274  1.00 26.47 ? 41  LYS A O   1 
ATOM   316  C CB  . LYS A 1 41 ? -1.989  7.282   -7.360  1.00 24.66 ? 41  LYS A CB  1 
ATOM   317  C CG  . LYS A 1 41 ? -0.585  7.163   -6.845  1.00 25.17 ? 41  LYS A CG  1 
ATOM   318  C CD  . LYS A 1 41 ? -0.625  7.317   -5.336  1.00 27.04 ? 41  LYS A CD  1 
ATOM   319  C CE  . LYS A 1 41 ? 0.731   7.158   -4.713  1.00 25.65 ? 41  LYS A CE  1 
ATOM   320  N NZ  . LYS A 1 41 ? 1.636   8.218   -5.204  1.00 27.77 ? 41  LYS A NZ  1 
ATOM   321  N N   . CYS A 1 42 ? -4.212  6.446   -9.496  1.00 23.13 ? 42  CYS A N   1 
ATOM   322  C CA  . CYS A 1 42 ? -5.611  6.427   -9.885  1.00 20.16 ? 42  CYS A CA  1 
ATOM   323  C C   . CYS A 1 42 ? -6.547  6.650   -8.712  1.00 19.90 ? 42  CYS A C   1 
ATOM   324  O O   . CYS A 1 42 ? -6.588  5.845   -7.780  1.00 17.68 ? 42  CYS A O   1 
ATOM   325  C CB  . CYS A 1 42 ? -5.931  5.103   -10.547 1.00 21.45 ? 42  CYS A CB  1 
ATOM   326  S SG  . CYS A 1 42 ? -5.312  4.979   -12.247 1.00 22.31 ? 42  CYS A SG  1 
ATOM   327  N N   . TYR A 1 43 ? -7.306  7.744   -8.770  1.00 19.08 ? 43  TYR A N   1 
ATOM   328  C CA  . TYR A 1 43 ? -8.237  8.100   -7.710  1.00 19.51 ? 43  TYR A CA  1 
ATOM   329  C C   . TYR A 1 43 ? -9.657  7.776   -8.173  1.00 21.02 ? 43  TYR A C   1 
ATOM   330  O O   . TYR A 1 43 ? -10.079 8.217   -9.235  1.00 20.94 ? 43  TYR A O   1 
ATOM   331  C CB  . TYR A 1 43 ? -8.110  9.595   -7.408  1.00 18.49 ? 43  TYR A CB  1 
ATOM   332  C CG  . TYR A 1 43 ? -8.756  10.033  -6.115  1.00 18.51 ? 43  TYR A CG  1 
ATOM   333  C CD1 . TYR A 1 43 ? -8.121  9.831   -4.891  1.00 18.64 ? 43  TYR A CD1 1 
ATOM   334  C CD2 . TYR A 1 43 ? -10.014 10.647  -6.111  1.00 20.44 ? 43  TYR A CD2 1 
ATOM   335  C CE1 . TYR A 1 43 ? -8.718  10.231  -3.690  1.00 17.96 ? 43  TYR A CE1 1 
ATOM   336  C CE2 . TYR A 1 43 ? -10.624 11.050  -4.914  1.00 19.30 ? 43  TYR A CE2 1 
ATOM   337  C CZ  . TYR A 1 43 ? -9.960  10.837  -3.713  1.00 19.69 ? 43  TYR A CZ  1 
ATOM   338  O OH  . TYR A 1 43 ? -10.534 11.240  -2.539  1.00 21.26 ? 43  TYR A OH  1 
ATOM   339  N N   . CYS A 1 44 ? -10.394 7.019   -7.361  1.00 21.36 ? 44  CYS A N   1 
ATOM   340  C CA  . CYS A 1 44 ? -11.752 6.628   -7.707  1.00 21.18 ? 44  CYS A CA  1 
ATOM   341  C C   . CYS A 1 44 ? -12.835 7.358   -6.910  1.00 21.94 ? 44  CYS A C   1 
ATOM   342  O O   . CYS A 1 44 ? -12.679 7.606   -5.720  1.00 22.71 ? 44  CYS A O   1 
ATOM   343  C CB  . CYS A 1 44 ? -11.928 5.118   -7.496  1.00 19.04 ? 44  CYS A CB  1 
ATOM   344  S SG  . CYS A 1 44 ? -10.693 4.045   -8.297  1.00 20.30 ? 44  CYS A SG  1 
ATOM   345  N N   . PHE A 1 45 ? -13.934 7.691   -7.578  1.00 22.58 ? 45  PHE A N   1 
ATOM   346  C CA  . PHE A 1 45 ? -15.069 8.340   -6.924  1.00 23.93 ? 45  PHE A CA  1 
ATOM   347  C C   . PHE A 1 45 ? -16.187 7.306   -6.795  1.00 25.85 ? 45  PHE A C   1 
ATOM   348  O O   . PHE A 1 45 ? -16.504 6.602   -7.754  1.00 26.26 ? 45  PHE A O   1 
ATOM   349  C CB  . PHE A 1 45 ? -15.592 9.531   -7.745  1.00 20.60 ? 45  PHE A CB  1 
ATOM   350  C CG  . PHE A 1 45 ? -14.697 10.738  -7.709  1.00 19.89 ? 45  PHE A CG  1 
ATOM   351  C CD1 . PHE A 1 45 ? -13.910 11.077  -8.812  1.00 18.57 ? 45  PHE A CD1 1 
ATOM   352  C CD2 . PHE A 1 45 ? -14.623 11.532  -6.560  1.00 17.54 ? 45  PHE A CD2 1 
ATOM   353  C CE1 . PHE A 1 45 ? -13.063 12.189  -8.766  1.00 18.47 ? 45  PHE A CE1 1 
ATOM   354  C CE2 . PHE A 1 45 ? -13.785 12.635  -6.504  1.00 16.54 ? 45  PHE A CE2 1 
ATOM   355  C CZ  . PHE A 1 45 ? -13.001 12.971  -7.605  1.00 18.15 ? 45  PHE A CZ  1 
ATOM   356  N N   . GLY A 1 46 ? -16.765 7.201   -5.604  1.00 28.08 ? 46  GLY A N   1 
ATOM   357  C CA  . GLY A 1 46 ? -17.867 6.277   -5.391  1.00 29.64 ? 46  GLY A CA  1 
ATOM   358  C C   . GLY A 1 46 ? -17.555 4.809   -5.190  1.00 30.87 ? 46  GLY A C   1 
ATOM   359  O O   . GLY A 1 46 ? -18.358 3.966   -5.570  1.00 32.04 ? 46  GLY A O   1 
ATOM   360  N N   . LEU A 1 47 ? -16.398 4.493   -4.617  1.00 31.96 ? 47  LEU A N   1 
ATOM   361  C CA  . LEU A 1 47 ? -16.029 3.108   -4.341  1.00 33.47 ? 47  LEU A CA  1 
ATOM   362  C C   . LEU A 1 47 ? -17.000 2.562   -3.298  1.00 36.34 ? 47  LEU A C   1 
ATOM   363  O O   . LEU A 1 47 ? -17.697 3.325   -2.633  1.00 37.76 ? 47  LEU A O   1 
ATOM   364  C CB  . LEU A 1 47 ? -14.620 3.037   -3.757  1.00 32.04 ? 47  LEU A CB  1 
ATOM   365  C CG  . LEU A 1 47 ? -13.407 3.171   -4.665  1.00 29.28 ? 47  LEU A CG  1 
ATOM   366  C CD1 . LEU A 1 47 ? -12.184 3.310   -3.802  1.00 27.98 ? 47  LEU A CD1 1 
ATOM   367  C CD2 . LEU A 1 47 ? -13.287 1.975   -5.568  1.00 27.73 ? 47  LEU A CD2 1 
ATOM   368  N N   . ALA A 1 48 ? -17.048 1.244   -3.148  1.00 38.96 ? 48  ALA A N   1 
ATOM   369  C CA  . ALA A 1 48 ? -17.930 0.641   -2.152  1.00 40.62 ? 48  ALA A CA  1 
ATOM   370  C C   . ALA A 1 48 ? -17.221 0.788   -0.806  1.00 41.64 ? 48  ALA A C   1 
ATOM   371  O O   . ALA A 1 48 ? -15.999 0.710   -0.747  1.00 41.22 ? 48  ALA A O   1 
ATOM   372  C CB  . ALA A 1 48 ? -18.155 -0.822  -2.480  1.00 40.13 ? 48  ALA A CB  1 
ATOM   373  N N   . ASP A 1 49 ? -17.976 1.012   0.266   1.00 44.15 ? 49  ASP A N   1 
ATOM   374  C CA  . ASP A 1 49 ? -17.374 1.193   1.591   1.00 46.84 ? 49  ASP A CA  1 
ATOM   375  C C   . ASP A 1 49 ? -16.413 0.106   2.014   1.00 47.73 ? 49  ASP A C   1 
ATOM   376  O O   . ASP A 1 49 ? -15.574 0.334   2.873   1.00 48.81 ? 49  ASP A O   1 
ATOM   377  C CB  . ASP A 1 49 ? -18.441 1.320   2.672   1.00 47.90 ? 49  ASP A CB  1 
ATOM   378  C CG  . ASP A 1 49 ? -19.239 2.585   2.553   1.00 50.34 ? 49  ASP A CG  1 
ATOM   379  O OD1 . ASP A 1 49 ? -18.630 3.669   2.428   1.00 52.56 ? 49  ASP A OD1 1 
ATOM   380  O OD2 . ASP A 1 49 ? -20.482 2.498   2.597   1.00 53.86 ? 49  ASP A OD2 1 
ATOM   381  N N   . ASP A 1 50 ? -16.535 -1.077  1.428   1.00 49.52 ? 50  ASP A N   1 
ATOM   382  C CA  . ASP A 1 50 ? -15.646 -2.182  1.781   1.00 51.32 ? 50  ASP A CA  1 
ATOM   383  C C   . ASP A 1 50 ? -14.358 -2.196  0.970   1.00 50.25 ? 50  ASP A C   1 
ATOM   384  O O   . ASP A 1 50 ? -13.392 -2.854  1.349   1.00 51.26 ? 50  ASP A O   1 
ATOM   385  C CB  . ASP A 1 50 ? -16.369 -3.516  1.602   1.00 54.46 ? 50  ASP A CB  1 
ATOM   386  C CG  . ASP A 1 50 ? -17.258 -3.529  0.377   1.00 57.29 ? 50  ASP A CG  1 
ATOM   387  O OD1 . ASP A 1 50 ? -18.256 -2.772  0.375   1.00 58.80 ? 50  ASP A OD1 1 
ATOM   388  O OD2 . ASP A 1 50 ? -16.958 -4.286  -0.579  1.00 58.76 ? 50  ASP A OD2 1 
ATOM   389  N N   . LYS A 1 51 ? -14.346 -1.478  -0.145  1.00 48.46 ? 51  LYS A N   1 
ATOM   390  C CA  . LYS A 1 51 ? -13.167 -1.433  -0.990  1.00 47.14 ? 51  LYS A CA  1 
ATOM   391  C C   . LYS A 1 51 ? -11.964 -0.837  -0.266  1.00 45.84 ? 51  LYS A C   1 
ATOM   392  O O   . LYS A 1 51 ? -12.081 0.178   0.431   1.00 45.45 ? 51  LYS A O   1 
ATOM   393  C CB  . LYS A 1 51 ? -13.452 -0.616  -2.245  1.00 48.72 ? 51  LYS A CB  1 
ATOM   394  C CG  . LYS A 1 51 ? -14.375 -1.286  -3.230  1.00 50.40 ? 51  LYS A CG  1 
ATOM   395  C CD  . LYS A 1 51 ? -13.752 -2.553  -3.773  1.00 51.59 ? 51  LYS A CD  1 
ATOM   396  C CE  . LYS A 1 51 ? -14.615 -3.129  -4.879  1.00 54.08 ? 51  LYS A CE  1 
ATOM   397  N NZ  . LYS A 1 51 ? -16.052 -3.210  -4.475  1.00 54.52 ? 51  LYS A NZ  1 
ATOM   398  N N   . PRO A 1 52 ? -10.792 -1.474  -0.414  1.00 43.49 ? 52  PRO A N   1 
ATOM   399  C CA  . PRO A 1 52 ? -9.547  -1.023  0.209   1.00 41.88 ? 52  PRO A CA  1 
ATOM   400  C C   . PRO A 1 52 ? -8.946  0.140   -0.567  1.00 40.54 ? 52  PRO A C   1 
ATOM   401  O O   . PRO A 1 52 ? -8.715  0.042   -1.772  1.00 41.91 ? 52  PRO A O   1 
ATOM   402  C CB  . PRO A 1 52 ? -8.645  -2.259  0.138   1.00 40.92 ? 52  PRO A CB  1 
ATOM   403  C CG  . PRO A 1 52 ? -9.598  -3.390  0.021   1.00 42.31 ? 52  PRO A CG  1 
ATOM   404  C CD  . PRO A 1 52 ? -10.645 -2.850  -0.905  1.00 43.22 ? 52  PRO A CD  1 
ATOM   405  N N   . VAL A 1 53 ? -8.690  1.237   0.129   1.00 38.70 ? 53  VAL A N   1 
ATOM   406  C CA  . VAL A 1 53 ? -8.089  2.412   -0.477  1.00 36.59 ? 53  VAL A CA  1 
ATOM   407  C C   . VAL A 1 53 ? -6.821  2.731   0.316   1.00 35.85 ? 53  VAL A C   1 
ATOM   408  O O   . VAL A 1 53 ? -6.660  2.255   1.435   1.00 36.31 ? 53  VAL A O   1 
ATOM   409  C CB  . VAL A 1 53 ? -9.059  3.584   -0.413  1.00 36.71 ? 53  VAL A CB  1 
ATOM   410  C CG1 . VAL A 1 53 ? -10.311 3.244   -1.170  1.00 34.70 ? 53  VAL A CG1 1 
ATOM   411  C CG2 . VAL A 1 53 ? -9.416  3.877   1.025   1.00 37.58 ? 53  VAL A CG2 1 
ATOM   412  N N   . LEU A 1 54 ? -5.911  3.512   -0.256  1.00 34.42 ? 54  LEU A N   1 
ATOM   413  C CA  . LEU A 1 54 ? -4.683  3.865   0.455   1.00 32.62 ? 54  LEU A CA  1 
ATOM   414  C C   . LEU A 1 54 ? -4.963  4.734   1.655   1.00 31.96 ? 54  LEU A C   1 
ATOM   415  O O   . LEU A 1 54 ? -5.878  5.546   1.657   1.00 31.11 ? 54  LEU A O   1 
ATOM   416  C CB  . LEU A 1 54 ? -3.713  4.661   -0.419  1.00 32.76 ? 54  LEU A CB  1 
ATOM   417  C CG  . LEU A 1 54 ? -2.611  4.037   -1.257  1.00 32.58 ? 54  LEU A CG  1 
ATOM   418  C CD1 . LEU A 1 54 ? -1.590  5.129   -1.547  1.00 30.09 ? 54  LEU A CD1 1 
ATOM   419  C CD2 . LEU A 1 54 ? -1.963  2.884   -0.525  1.00 32.15 ? 54  LEU A CD2 1 
ATOM   420  N N   . ASP A 1 55 ? -4.135  4.577   2.669   1.00 33.07 ? 55  ASP A N   1 
ATOM   421  C CA  . ASP A 1 55 ? -4.245  5.378   3.868   1.00 33.35 ? 55  ASP A CA  1 
ATOM   422  C C   . ASP A 1 55 ? -3.405  6.611   3.514   1.00 32.26 ? 55  ASP A C   1 
ATOM   423  O O   . ASP A 1 55 ? -2.177  6.569   3.549   1.00 33.30 ? 55  ASP A O   1 
ATOM   424  C CB  . ASP A 1 55 ? -3.644  4.599   5.034   1.00 35.53 ? 55  ASP A CB  1 
ATOM   425  C CG  . ASP A 1 55 ? -3.835  5.286   6.353   1.00 39.25 ? 55  ASP A CG  1 
ATOM   426  O OD1 . ASP A 1 55 ? -4.996  5.520   6.742   1.00 42.03 ? 55  ASP A OD1 1 
ATOM   427  O OD2 . ASP A 1 55 ? -2.815  5.590   7.009   1.00 44.70 ? 55  ASP A OD2 1 
ATOM   428  N N   . ILE A 1 56 ? -4.079  7.688   3.126   1.00 29.93 ? 56  ILE A N   1 
ATOM   429  C CA  . ILE A 1 56 ? -3.421  8.931   2.723   1.00 27.91 ? 56  ILE A CA  1 
ATOM   430  C C   . ILE A 1 56 ? -3.802  10.087  3.652   1.00 27.26 ? 56  ILE A C   1 
ATOM   431  O O   . ILE A 1 56 ? -4.699  9.956   4.472   1.00 27.11 ? 56  ILE A O   1 
ATOM   432  C CB  . ILE A 1 56 ? -3.839  9.329   1.276   1.00 26.35 ? 56  ILE A CB  1 
ATOM   433  C CG1 . ILE A 1 56 ? -5.368  9.446   1.208   1.00 26.29 ? 56  ILE A CG1 1 
ATOM   434  C CG2 . ILE A 1 56 ? -3.321  8.302   0.266   1.00 22.21 ? 56  ILE A CG2 1 
ATOM   435  C CD1 . ILE A 1 56 ? -5.913  9.825   -0.165  1.00 27.51 ? 56  ILE A CD1 1 
ATOM   436  N N   . TRP A 1 57 ? -3.120  11.220  3.520   1.00 26.44 ? 57  TRP A N   1 
ATOM   437  C CA  . TRP A 1 57 ? -3.448  12.383  4.332   1.00 25.70 ? 57  TRP A CA  1 
ATOM   438  C C   . TRP A 1 57 ? -4.812  12.931  3.940   1.00 25.30 ? 57  TRP A C   1 
ATOM   439  O O   . TRP A 1 57 ? -5.201  12.868  2.776   1.00 25.34 ? 57  TRP A O   1 
ATOM   440  C CB  . TRP A 1 57 ? -2.448  13.512  4.120   1.00 26.55 ? 57  TRP A CB  1 
ATOM   441  C CG  . TRP A 1 57 ? -1.048  13.181  4.426   1.00 27.13 ? 57  TRP A CG  1 
ATOM   442  C CD1 . TRP A 1 57 ? -0.596  12.175  5.216   1.00 26.36 ? 57  TRP A CD1 1 
ATOM   443  C CD2 . TRP A 1 57 ? 0.100   13.889  3.967   1.00 26.06 ? 57  TRP A CD2 1 
ATOM   444  N NE1 . TRP A 1 57 ? 0.772   12.209  5.277   1.00 28.24 ? 57  TRP A NE1 1 
ATOM   445  C CE2 . TRP A 1 57 ? 1.224   13.254  4.518   1.00 26.66 ? 57  TRP A CE2 1 
ATOM   446  C CE3 . TRP A 1 57 ? 0.284   15.004  3.139   1.00 27.22 ? 57  TRP A CE3 1 
ATOM   447  C CZ2 . TRP A 1 57 ? 2.523   13.694  4.276   1.00 27.81 ? 57  TRP A CZ2 1 
ATOM   448  C CZ3 . TRP A 1 57 ? 1.573   15.445  2.894   1.00 28.23 ? 57  TRP A CZ3 1 
ATOM   449  C CH2 . TRP A 1 57 ? 2.680   14.788  3.462   1.00 28.80 ? 57  TRP A CH2 1 
ATOM   450  N N   . ASP A 1 58 ? -5.528  13.499  4.903   1.00 25.26 ? 58  ASP A N   1 
ATOM   451  C CA  . ASP A 1 58 ? -6.829  14.078  4.618   1.00 25.46 ? 58  ASP A CA  1 
ATOM   452  C C   . ASP A 1 58 ? -6.632  15.251  3.689   1.00 24.73 ? 58  ASP A C   1 
ATOM   453  O O   . ASP A 1 58 ? -7.518  15.595  2.904   1.00 24.68 ? 58  ASP A O   1 
ATOM   454  C CB  . ASP A 1 58 ? -7.487  14.578  5.897   1.00 27.60 ? 58  ASP A CB  1 
ATOM   455  C CG  . ASP A 1 58 ? -7.682  13.484  6.899   1.00 30.48 ? 58  ASP A CG  1 
ATOM   456  O OD1 . ASP A 1 58 ? -8.464  12.558  6.609   1.00 31.48 ? 58  ASP A OD1 1 
ATOM   457  O OD2 . ASP A 1 58 ? -7.046  13.549  7.969   1.00 33.46 ? 58  ASP A OD2 1 
ATOM   458  N N   . SER A 1 59 ? -5.472  15.886  3.787   1.00 22.74 ? 59  SER A N   1 
ATOM   459  C CA  . SER A 1 59 ? -5.228  17.023  2.933   1.00 24.07 ? 59  SER A CA  1 
ATOM   460  C C   . SER A 1 59 ? -5.175  16.548  1.480   1.00 23.28 ? 59  SER A C   1 
ATOM   461  O O   . SER A 1 59 ? -5.745  17.182  0.601   1.00 23.01 ? 59  SER A O   1 
ATOM   462  C CB  . SER A 1 59 ? -3.937  17.735  3.348   1.00 23.32 ? 59  SER A CB  1 
ATOM   463  O OG  . SER A 1 59 ? -2.870  16.817  3.398   1.00 27.80 ? 59  SER A OG  1 
ATOM   464  N N   . THR A 1 60 ? -4.510  15.424  1.240   1.00 22.38 ? 60  THR A N   1 
ATOM   465  C CA  . THR A 1 60 ? -4.401  14.871  -0.101  1.00 22.88 ? 60  THR A CA  1 
ATOM   466  C C   . THR A 1 60 ? -5.788  14.476  -0.586  1.00 23.86 ? 60  THR A C   1 
ATOM   467  O O   . THR A 1 60 ? -6.176  14.745  -1.726  1.00 24.30 ? 60  THR A O   1 
ATOM   468  C CB  . THR A 1 60 ? -3.533  13.626  -0.101  1.00 22.72 ? 60  THR A CB  1 
ATOM   469  O OG1 . THR A 1 60 ? -2.289  13.920  0.541   1.00 22.36 ? 60  THR A OG1 1 
ATOM   470  C CG2 . THR A 1 60 ? -3.280  13.163  -1.519  1.00 21.79 ? 60  THR A CG2 1 
ATOM   471  N N   . LYS A 1 61 ? -6.522  13.824  0.301   1.00 23.89 ? 61  LYS A N   1 
ATOM   472  C CA  . LYS A 1 61 ? -7.877  13.389  0.028   1.00 25.12 ? 61  LYS A CA  1 
ATOM   473  C C   . LYS A 1 61 ? -8.720  14.549  -0.478  1.00 25.96 ? 61  LYS A C   1 
ATOM   474  O O   . LYS A 1 61 ? -9.263  14.486  -1.571  1.00 28.31 ? 61  LYS A O   1 
ATOM   475  C CB  . LYS A 1 61 ? -8.489  12.816  1.306   1.00 25.30 ? 61  LYS A CB  1 
ATOM   476  C CG  . LYS A 1 61 ? -9.997  12.681  1.301   1.00 24.50 ? 61  LYS A CG  1 
ATOM   477  C CD  . LYS A 1 61 ? -10.427 11.355  0.764   1.00 26.65 ? 61  LYS A CD  1 
ATOM   478  C CE  . LYS A 1 61 ? -11.849 11.032  1.211   1.00 29.26 ? 61  LYS A CE  1 
ATOM   479  N NZ  . LYS A 1 61 ? -12.834 12.055  0.791   1.00 26.72 ? 61  LYS A NZ  1 
ATOM   480  N N   . ASN A 1 62 ? -8.839  15.607  0.317   1.00 27.10 ? 62  ASN A N   1 
ATOM   481  C CA  . ASN A 1 62 ? -9.631  16.766  -0.088  1.00 27.86 ? 62  ASN A CA  1 
ATOM   482  C C   . ASN A 1 62 ? -9.134  17.386  -1.371  1.00 27.46 ? 62  ASN A C   1 
ATOM   483  O O   . ASN A 1 62 ? -9.915  17.926  -2.154  1.00 29.10 ? 62  ASN A O   1 
ATOM   484  C CB  . ASN A 1 62 ? -9.638  17.833  1.001   1.00 28.55 ? 62  ASN A CB  1 
ATOM   485  C CG  . ASN A 1 62 ? -10.459 17.424  2.188   1.00 29.03 ? 62  ASN A CG  1 
ATOM   486  O OD1 . ASN A 1 62 ? -10.048 16.577  2.973   1.00 30.85 ? 62  ASN A OD1 1 
ATOM   487  N ND2 . ASN A 1 62 ? -11.637 18.009  2.320   1.00 31.70 ? 62  ASN A ND2 1 
ATOM   488  N N   . TYR A 1 63 ? -7.826  17.323  -1.567  1.00 25.64 ? 63  TYR A N   1 
ATOM   489  C CA  . TYR A 1 63 ? -7.203  17.857  -2.763  1.00 24.31 ? 63  TYR A CA  1 
ATOM   490  C C   . TYR A 1 63 ? -7.733  17.112  -3.992  1.00 24.45 ? 63  TYR A C   1 
ATOM   491  O O   . TYR A 1 63 ? -8.184  17.727  -4.959  1.00 26.29 ? 63  TYR A O   1 
ATOM   492  C CB  . TYR A 1 63 ? -5.698  17.656  -2.680  1.00 23.66 ? 63  TYR A CB  1 
ATOM   493  C CG  . TYR A 1 63 ? -4.958  18.105  -3.908  1.00 22.87 ? 63  TYR A CG  1 
ATOM   494  C CD1 . TYR A 1 63 ? -4.614  19.443  -4.077  1.00 23.41 ? 63  TYR A CD1 1 
ATOM   495  C CD2 . TYR A 1 63 ? -4.586  17.192  -4.895  1.00 21.29 ? 63  TYR A CD2 1 
ATOM   496  C CE1 . TYR A 1 63 ? -3.910  19.869  -5.193  1.00 23.76 ? 63  TYR A CE1 1 
ATOM   497  C CE2 . TYR A 1 63 ? -3.882  17.601  -6.021  1.00 22.80 ? 63  TYR A CE2 1 
ATOM   498  C CZ  . TYR A 1 63 ? -3.547  18.944  -6.161  1.00 24.03 ? 63  TYR A CZ  1 
ATOM   499  O OH  . TYR A 1 63 ? -2.857  19.373  -7.258  1.00 23.13 ? 63  TYR A OH  1 
ATOM   500  N N   . CYS A 1 64 ? -7.670  15.786  -3.947  1.00 23.01 ? 64  CYS A N   1 
ATOM   501  C CA  . CYS A 1 64 ? -8.113  14.961  -5.056  1.00 22.34 ? 64  CYS A CA  1 
ATOM   502  C C   . CYS A 1 64 ? -9.618  15.003  -5.275  1.00 23.65 ? 64  CYS A C   1 
ATOM   503  O O   . CYS A 1 64 ? -10.081 14.821  -6.401  1.00 23.98 ? 64  CYS A O   1 
ATOM   504  C CB  . CYS A 1 64 ? -7.655  13.513  -4.858  1.00 22.15 ? 64  CYS A CB  1 
ATOM   505  S SG  . CYS A 1 64 ? -5.846  13.241  -5.014  1.00 21.30 ? 64  CYS A SG  1 
ATOM   506  N N   . ASP A 1 65 ? -10.381 15.249  -4.214  1.00 25.07 ? 65  ASP A N   1 
ATOM   507  C CA  . ASP A 1 65 ? -11.840 15.309  -4.324  1.00 26.14 ? 65  ASP A CA  1 
ATOM   508  C C   . ASP A 1 65 ? -12.352 16.497  -5.142  1.00 26.83 ? 65  ASP A C   1 
ATOM   509  O O   . ASP A 1 65 ? -13.416 16.415  -5.754  1.00 27.47 ? 65  ASP A O   1 
ATOM   510  C CB  . ASP A 1 65 ? -12.505 15.376  -2.940  1.00 26.24 ? 65  ASP A CB  1 
ATOM   511  C CG  . ASP A 1 65 ? -12.663 14.022  -2.292  1.00 27.78 ? 65  ASP A CG  1 
ATOM   512  O OD1 . ASP A 1 65 ? -12.546 12.997  -2.976  1.00 28.52 ? 65  ASP A OD1 1 
ATOM   513  O OD2 . ASP A 1 65 ? -12.924 13.982  -1.081  1.00 32.04 ? 65  ASP A OD2 1 
ATOM   514  N N   . VAL A 1 66 ? -11.621 17.608  -5.136  1.00 26.75 ? 66  VAL A N   1 
ATOM   515  C CA  . VAL A 1 66 ? -12.084 18.773  -5.878  1.00 27.61 ? 66  VAL A CA  1 
ATOM   516  C C   . VAL A 1 66 ? -11.760 18.644  -7.351  1.00 27.63 ? 66  VAL A C   1 
ATOM   517  O O   . VAL A 1 66 ? -10.828 19.269  -7.859  1.00 28.21 ? 66  VAL A O   1 
ATOM   518  C CB  . VAL A 1 66 ? -11.486 20.089  -5.331  1.00 26.58 ? 66  VAL A CB  1 
ATOM   519  C CG1 . VAL A 1 66 ? -12.049 21.261  -6.089  1.00 24.79 ? 66  VAL A CG1 1 
ATOM   520  C CG2 . VAL A 1 66 ? -11.828 20.242  -3.876  1.00 26.10 ? 66  VAL A CG2 1 
ATOM   521  N N   . GLN A 1 67 ? -12.547 17.815  -8.025  1.00 27.24 ? 67  GLN A N   1 
ATOM   522  C CA  . GLN A 1 67 ? -12.398 17.573  -9.447  1.00 26.79 ? 67  GLN A CA  1 
ATOM   523  C C   . GLN A 1 67 ? -13.787 17.367  -10.038 1.00 27.60 ? 67  GLN A C   1 
ATOM   524  O O   . GLN A 1 67 ? -14.719 16.980  -9.327  1.00 28.96 ? 67  GLN A O   1 
ATOM   525  C CB  . GLN A 1 67 ? -11.563 16.321  -9.663  1.00 26.10 ? 67  GLN A CB  1 
ATOM   526  C CG  . GLN A 1 67 ? -11.423 15.905  -11.111 1.00 27.12 ? 67  GLN A CG  1 
ATOM   527  C CD  . GLN A 1 67 ? -10.623 16.893  -11.908 1.00 28.47 ? 67  GLN A CD  1 
ATOM   528  O OE1 . GLN A 1 67 ? -11.055 18.020  -12.137 1.00 31.28 ? 67  GLN A OE1 1 
ATOM   529  N NE2 . GLN A 1 67 ? -9.442  16.483  -12.331 1.00 28.11 ? 67  GLN A NE2 1 
ATOM   530  N N   . ILE A 1 68 ? -13.939 17.675  -11.321 1.00 27.27 ? 68  ILE A N   1 
ATOM   531  C CA  . ILE A 1 68 ? -15.204 17.453  -12.010 1.00 27.91 ? 68  ILE A CA  1 
ATOM   532  C C   . ILE A 1 68 ? -14.785 16.695  -13.261 1.00 27.18 ? 68  ILE A C   1 
ATOM   533  O O   . ILE A 1 68 ? -14.053 17.223  -14.092 1.00 28.53 ? 68  ILE A O   1 
ATOM   534  C CB  . ILE A 1 68 ? -15.921 18.759  -12.423 1.00 29.22 ? 68  ILE A CB  1 
ATOM   535  C CG1 . ILE A 1 68 ? -16.169 19.645  -11.204 1.00 29.77 ? 68  ILE A CG1 1 
ATOM   536  C CG2 . ILE A 1 68 ? -17.272 18.423  -13.041 1.00 29.68 ? 68  ILE A CG2 1 
ATOM   537  C CD1 . ILE A 1 68 ? -16.983 18.977  -10.129 1.00 31.73 ? 68  ILE A CD1 1 
ATOM   538  N N   . ILE A 1 69 ? -15.237 15.451  -13.379 1.00 25.37 ? 69  ILE A N   1 
ATOM   539  C CA  . ILE A 1 69 ? -14.885 14.593  -14.500 1.00 23.67 ? 69  ILE A CA  1 
ATOM   540  C C   . ILE A 1 69 ? -15.882 14.689  -15.654 1.00 25.04 ? 69  ILE A C   1 
ATOM   541  O O   . ILE A 1 69 ? -15.499 14.666  -16.817 1.00 25.09 ? 69  ILE A O   1 
ATOM   542  C CB  . ILE A 1 69 ? -14.746 13.148  -13.999 1.00 21.52 ? 69  ILE A CB  1 
ATOM   543  C CG1 . ILE A 1 69 ? -13.565 13.088  -13.033 1.00 17.98 ? 69  ILE A CG1 1 
ATOM   544  C CG2 . ILE A 1 69 ? -14.579 12.183  -15.173 1.00 21.46 ? 69  ILE A CG2 1 
ATOM   545  C CD1 . ILE A 1 69 ? -13.486 11.841  -12.227 1.00 17.25 ? 69  ILE A CD1 1 
ATOM   546  N N   . ASP A 1 70 ? -17.162 14.793  -15.326 1.00 26.47 ? 70  ASP A N   1 
ATOM   547  C CA  . ASP A 1 70 ? -18.208 14.951  -16.323 1.00 29.23 ? 70  ASP A CA  1 
ATOM   548  C C   . ASP A 1 70 ? -19.493 15.285  -15.582 1.00 31.50 ? 70  ASP A C   1 
ATOM   549  O O   . ASP A 1 70 ? -19.570 15.124  -14.363 1.00 31.24 ? 70  ASP A O   1 
ATOM   550  C CB  . ASP A 1 70 ? -18.353 13.692  -17.197 1.00 29.53 ? 70  ASP A CB  1 
ATOM   551  C CG  . ASP A 1 70 ? -18.946 12.502  -16.455 1.00 30.82 ? 70  ASP A CG  1 
ATOM   552  O OD1 . ASP A 1 70 ? -18.512 11.368  -16.749 1.00 30.93 ? 70  ASP A OD1 1 
ATOM   553  O OD2 . ASP A 1 70 ? -19.847 12.683  -15.601 1.00 30.95 ? 70  ASP A OD2 1 
ATOM   554  N N   . LEU A 1 71 ? -20.488 15.779  -16.306 1.00 35.11 ? 71  LEU A N   1 
ATOM   555  C CA  . LEU A 1 71 ? -21.758 16.151  -15.692 1.00 38.70 ? 71  LEU A CA  1 
ATOM   556  C C   . LEU A 1 71 ? -22.824 15.094  -15.962 1.00 41.55 ? 71  LEU A C   1 
ATOM   557  O O   . LEU A 1 71 ? -23.832 15.355  -16.621 1.00 43.65 ? 71  LEU A O   1 
ATOM   558  C CB  . LEU A 1 71 ? -22.218 17.508  -16.226 1.00 37.84 ? 71  LEU A CB  1 
ATOM   559  C CG  . LEU A 1 71 ? -21.160 18.609  -16.200 1.00 36.89 ? 71  LEU A CG  1 
ATOM   560  C CD1 . LEU A 1 71 ? -21.745 19.871  -16.794 1.00 37.09 ? 71  LEU A CD1 1 
ATOM   561  C CD2 . LEU A 1 71 ? -20.681 18.853  -14.780 1.00 34.37 ? 71  LEU A CD2 1 
ATOM   562  N N   . SER A 1 72 ? -22.582 13.893  -15.458 1.00 43.33 ? 72  SER A N   1 
ATOM   563  C CA  . SER A 1 72 ? -23.511 12.792  -15.623 1.00 45.16 ? 72  SER A CA  1 
ATOM   564  C C   . SER A 1 72 ? -23.207 11.756  -14.553 1.00 46.17 ? 72  SER A C   1 
ATOM   565  O O   . SER A 1 72 ? -22.676 10.685  -14.905 1.00 46.84 ? 72  SER A O   1 
ATOM   566  C CB  . SER A 1 72 ? -23.365 12.174  -17.018 1.00 45.95 ? 72  SER A CB  1 
ATOM   567  O OG  . SER A 1 72 ? -22.104 11.548  -17.171 1.00 47.34 ? 72  SER A OG  1 
ATOM   568  O OXT . SER A 1 72 ? -23.487 12.040  -13.371 1.00 46.34 ? 72  SER A OXT 1 
ATOM   569  N N   . LYS B 1 1  ? -1.541  -14.027 4.747   1.00 38.34 ? 1   LYS B N   1 
ATOM   570  C CA  . LYS B 1 1  ? -0.485  -13.159 5.321   1.00 38.46 ? 1   LYS B CA  1 
ATOM   571  C C   . LYS B 1 1  ? 0.778   -13.208 4.482   1.00 38.06 ? 1   LYS B C   1 
ATOM   572  O O   . LYS B 1 1  ? 1.016   -14.183 3.767   1.00 38.72 ? 1   LYS B O   1 
ATOM   573  C CB  . LYS B 1 1  ? -0.166  -13.596 6.750   1.00 40.10 ? 1   LYS B CB  1 
ATOM   574  C CG  . LYS B 1 1  ? -1.282  -13.283 7.720   1.00 43.30 ? 1   LYS B CG  1 
ATOM   575  C CD  . LYS B 1 1  ? -0.804  -13.228 9.169   1.00 46.04 ? 1   LYS B CD  1 
ATOM   576  C CE  . LYS B 1 1  ? -0.378  -14.587 9.694   1.00 48.12 ? 1   LYS B CE  1 
ATOM   577  N NZ  . LYS B 1 1  ? -0.321  -14.576 11.188  1.00 48.68 ? 1   LYS B NZ  1 
ATOM   578  N N   . LYS B 1 2  ? 1.589   -12.155 4.568   1.00 35.43 ? 2   LYS B N   1 
ATOM   579  C CA  . LYS B 1 2  ? 2.840   -12.108 3.822   1.00 32.44 ? 2   LYS B CA  1 
ATOM   580  C C   . LYS B 1 2  ? 3.952   -11.434 4.619   1.00 31.54 ? 2   LYS B C   1 
ATOM   581  O O   . LYS B 1 2  ? 3.711   -10.873 5.687   1.00 30.69 ? 2   LYS B O   1 
ATOM   582  C CB  . LYS B 1 2  ? 2.641   -11.373 2.499   1.00 30.76 ? 2   LYS B CB  1 
ATOM   583  C CG  . LYS B 1 2  ? 2.257   -9.915  2.662   1.00 31.38 ? 2   LYS B CG  1 
ATOM   584  C CD  . LYS B 1 2  ? 1.916   -9.290  1.317   1.00 30.94 ? 2   LYS B CD  1 
ATOM   585  C CE  . LYS B 1 2  ? 1.718   -7.787  1.425   1.00 30.42 ? 2   LYS B CE  1 
ATOM   586  N NZ  . LYS B 1 2  ? 1.558   -7.183  0.072   1.00 31.37 ? 2   LYS B NZ  1 
ATOM   587  N N   . ASN B 1 3  ? 5.168   -11.505 4.081   1.00 30.14 ? 3   ASN B N   1 
ATOM   588  C CA  . ASN B 1 3  ? 6.348   -10.909 4.690   1.00 28.81 ? 3   ASN B CA  1 
ATOM   589  C C   . ASN B 1 3  ? 6.885   -9.825  3.751   1.00 28.22 ? 3   ASN B C   1 
ATOM   590  O O   . ASN B 1 3  ? 6.650   -9.877  2.548   1.00 28.85 ? 3   ASN B O   1 
ATOM   591  C CB  . ASN B 1 3  ? 7.419   -11.976 4.887   1.00 28.10 ? 3   ASN B CB  1 
ATOM   592  C CG  . ASN B 1 3  ? 6.991   -13.070 5.840   1.00 29.18 ? 3   ASN B CG  1 
ATOM   593  O OD1 . ASN B 1 3  ? 7.650   -14.106 5.935   1.00 30.78 ? 3   ASN B OD1 1 
ATOM   594  N ND2 . ASN B 1 3  ? 5.896   -12.846 6.560   1.00 28.84 ? 3   ASN B ND2 1 
ATOM   595  N N   . GLY B 1 4  ? 7.613   -8.852  4.294   1.00 27.32 ? 4   GLY B N   1 
ATOM   596  C CA  . GLY B 1 4  ? 8.160   -7.802  3.452   1.00 25.73 ? 4   GLY B CA  1 
ATOM   597  C C   . GLY B 1 4  ? 8.373   -6.476  4.154   1.00 24.65 ? 4   GLY B C   1 
ATOM   598  O O   . GLY B 1 4  ? 8.003   -6.314  5.315   1.00 24.19 ? 4   GLY B O   1 
ATOM   599  N N   . TYR B 1 5  ? 8.980   -5.525  3.452   1.00 24.47 ? 5   TYR B N   1 
ATOM   600  C CA  . TYR B 1 5  ? 9.232   -4.208  4.019   1.00 24.45 ? 5   TYR B CA  1 
ATOM   601  C C   . TYR B 1 5  ? 7.965   -3.396  3.908   1.00 25.45 ? 5   TYR B C   1 
ATOM   602  O O   . TYR B 1 5  ? 7.597   -2.990  2.810   1.00 27.61 ? 5   TYR B O   1 
ATOM   603  C CB  . TYR B 1 5  ? 10.332  -3.485  3.248   1.00 24.35 ? 5   TYR B CB  1 
ATOM   604  C CG  . TYR B 1 5  ? 11.699  -4.146  3.268   1.00 24.81 ? 5   TYR B CG  1 
ATOM   605  C CD1 . TYR B 1 5  ? 12.511  -4.077  4.398   1.00 23.67 ? 5   TYR B CD1 1 
ATOM   606  C CD2 . TYR B 1 5  ? 12.200  -4.793  2.137   1.00 24.40 ? 5   TYR B CD2 1 
ATOM   607  C CE1 . TYR B 1 5  ? 13.775  -4.621  4.399   1.00 23.38 ? 5   TYR B CE1 1 
ATOM   608  C CE2 . TYR B 1 5  ? 13.465  -5.344  2.133   1.00 24.65 ? 5   TYR B CE2 1 
ATOM   609  C CZ  . TYR B 1 5  ? 14.249  -5.249  3.268   1.00 24.50 ? 5   TYR B CZ  1 
ATOM   610  O OH  . TYR B 1 5  ? 15.520  -5.766  3.265   1.00 26.29 ? 5   TYR B OH  1 
ATOM   611  N N   . ALA B 1 6  ? 7.294   -3.152  5.029   1.00 26.31 ? 6   ALA B N   1 
ATOM   612  C CA  . ALA B 1 6  ? 6.067   -2.365  5.014   1.00 26.43 ? 6   ALA B CA  1 
ATOM   613  C C   . ALA B 1 6  ? 6.379   -0.907  4.723   1.00 28.02 ? 6   ALA B C   1 
ATOM   614  O O   . ALA B 1 6  ? 7.219   -0.312  5.377   1.00 28.88 ? 6   ALA B O   1 
ATOM   615  C CB  . ALA B 1 6  ? 5.357   -2.482  6.351   1.00 25.41 ? 6   ALA B CB  1 
ATOM   616  N N   . VAL B 1 7  ? 5.712   -0.333  3.731   1.00 31.14 ? 7   VAL B N   1 
ATOM   617  C CA  . VAL B 1 7  ? 5.927   1.070   3.396   1.00 34.39 ? 7   VAL B CA  1 
ATOM   618  C C   . VAL B 1 7  ? 4.741   1.881   3.883   1.00 35.85 ? 7   VAL B C   1 
ATOM   619  O O   . VAL B 1 7  ? 3.648   1.347   4.046   1.00 36.22 ? 7   VAL B O   1 
ATOM   620  C CB  . VAL B 1 7  ? 6.055   1.283   1.872   1.00 33.93 ? 7   VAL B CB  1 
ATOM   621  C CG1 . VAL B 1 7  ? 7.291   0.574   1.340   1.00 35.90 ? 7   VAL B CG1 1 
ATOM   622  C CG2 . VAL B 1 7  ? 4.835   0.752   1.184   1.00 34.14 ? 7   VAL B CG2 1 
ATOM   623  N N   . ASP B 1 8  ? 4.963   3.166   4.138   1.00 38.55 ? 8   ASP B N   1 
ATOM   624  C CA  . ASP B 1 8  ? 3.880   4.039   4.569   1.00 40.74 ? 8   ASP B CA  1 
ATOM   625  C C   . ASP B 1 8  ? 3.131   4.499   3.320   1.00 43.20 ? 8   ASP B C   1 
ATOM   626  O O   . ASP B 1 8  ? 3.385   4.000   2.224   1.00 42.89 ? 8   ASP B O   1 
ATOM   627  C CB  . ASP B 1 8  ? 4.412   5.250   5.335   1.00 39.78 ? 8   ASP B CB  1 
ATOM   628  C CG  . ASP B 1 8  ? 5.459   6.023   4.564   1.00 39.86 ? 8   ASP B CG  1 
ATOM   629  O OD1 . ASP B 1 8  ? 5.406   6.076   3.308   1.00 36.42 ? 8   ASP B OD1 1 
ATOM   630  O OD2 . ASP B 1 8  ? 6.337   6.604   5.233   1.00 41.80 ? 8   ASP B OD2 1 
ATOM   631  N N   . SER B 1 9  ? 2.211   5.445   3.487   1.00 46.25 ? 9   SER B N   1 
ATOM   632  C CA  . SER B 1 9  ? 1.419   5.958   2.366   1.00 49.02 ? 9   SER B CA  1 
ATOM   633  C C   . SER B 1 9  ? 2.273   6.517   1.228   1.00 50.13 ? 9   SER B C   1 
ATOM   634  O O   . SER B 1 9  ? 1.896   6.441   0.059   1.00 49.44 ? 9   SER B O   1 
ATOM   635  C CB  . SER B 1 9  ? 0.445   7.033   2.872   1.00 50.70 ? 9   SER B CB  1 
ATOM   636  O OG  . SER B 1 9  ? 1.054   7.908   3.817   1.00 52.15 ? 9   SER B OG  1 
ATOM   637  N N   . SER B 1 10 ? 3.430   7.071   1.584   1.00 50.98 ? 10  SER B N   1 
ATOM   638  C CA  . SER B 1 10 ? 4.357   7.648   0.616   1.00 50.83 ? 10  SER B CA  1 
ATOM   639  C C   . SER B 1 10 ? 5.285   6.586   0.035   1.00 51.01 ? 10  SER B C   1 
ATOM   640  O O   . SER B 1 10 ? 6.198   6.903   -0.726  1.00 52.33 ? 10  SER B O   1 
ATOM   641  C CB  . SER B 1 10 ? 5.201   8.723   1.291   1.00 50.26 ? 10  SER B CB  1 
ATOM   642  O OG  . SER B 1 10 ? 4.397   9.514   2.144   1.00 51.71 ? 10  SER B OG  1 
ATOM   643  N N   . GLY B 1 11 ? 5.058   5.330   0.399   1.00 49.94 ? 11  GLY B N   1 
ATOM   644  C CA  . GLY B 1 11 ? 5.910   4.270   -0.100  1.00 48.07 ? 11  GLY B CA  1 
ATOM   645  C C   . GLY B 1 11 ? 7.308   4.386   0.479   1.00 47.81 ? 11  GLY B C   1 
ATOM   646  O O   . GLY B 1 11 ? 8.302   4.213   -0.227  1.00 47.90 ? 11  GLY B O   1 
ATOM   647  N N   . LYS B 1 12 ? 7.389   4.693   1.771   1.00 46.57 ? 12  LYS B N   1 
ATOM   648  C CA  . LYS B 1 12 ? 8.679   4.820   2.436   1.00 44.76 ? 12  LYS B CA  1 
ATOM   649  C C   . LYS B 1 12 ? 8.841   3.770   3.517   1.00 41.09 ? 12  LYS B C   1 
ATOM   650  O O   . LYS B 1 12 ? 7.994   3.634   4.400   1.00 40.26 ? 12  LYS B O   1 
ATOM   651  C CB  . LYS B 1 12 ? 8.833   6.206   3.065   1.00 47.14 ? 12  LYS B CB  1 
ATOM   652  C CG  . LYS B 1 12 ? 8.593   7.343   2.095   1.00 50.98 ? 12  LYS B CG  1 
ATOM   653  C CD  . LYS B 1 12 ? 9.584   7.337   0.939   1.00 52.63 ? 12  LYS B CD  1 
ATOM   654  C CE  . LYS B 1 12 ? 9.141   8.325   -0.137  1.00 54.25 ? 12  LYS B CE  1 
ATOM   655  N NZ  . LYS B 1 12 ? 8.795   9.656   0.446   1.00 53.09 ? 12  LYS B NZ  1 
ATOM   656  N N   . VAL B 1 13 ? 9.935   3.027   3.432   1.00 37.99 ? 13  VAL B N   1 
ATOM   657  C CA  . VAL B 1 13 ? 10.253  1.994   4.406   1.00 34.58 ? 13  VAL B CA  1 
ATOM   658  C C   . VAL B 1 13 ? 10.923  2.662   5.616   1.00 31.81 ? 13  VAL B C   1 
ATOM   659  O O   . VAL B 1 13 ? 11.506  3.740   5.512   1.00 32.15 ? 13  VAL B O   1 
ATOM   660  C CB  . VAL B 1 13 ? 11.255  0.963   3.826   1.00 33.46 ? 13  VAL B CB  1 
ATOM   661  C CG1 . VAL B 1 13 ? 11.417  -0.190  4.777   1.00 35.78 ? 13  VAL B CG1 1 
ATOM   662  C CG2 . VAL B 1 13 ? 10.778  0.456   2.495   1.00 35.20 ? 13  VAL B CG2 1 
ATOM   663  N N   . ALA B 1 14 ? 10.825  2.030   6.773   1.00 29.35 ? 14  ALA B N   1 
ATOM   664  C CA  . ALA B 1 14 ? 11.482  2.569   7.957   1.00 27.71 ? 14  ALA B CA  1 
ATOM   665  C C   . ALA B 1 14 ? 12.921  2.042   7.910   1.00 25.97 ? 14  ALA B C   1 
ATOM   666  O O   . ALA B 1 14 ? 13.153  0.847   7.719   1.00 24.07 ? 14  ALA B O   1 
ATOM   667  C CB  . ALA B 1 14 ? 10.774  2.086   9.229   1.00 25.86 ? 14  ALA B CB  1 
ATOM   668  N N   . GLU B 1 15 ? 13.889  2.931   8.055   1.00 25.80 ? 15  GLU B N   1 
ATOM   669  C CA  . GLU B 1 15 ? 15.279  2.513   8.032   1.00 25.68 ? 15  GLU B CA  1 
ATOM   670  C C   . GLU B 1 15 ? 15.645  2.093   9.436   1.00 24.19 ? 15  GLU B C   1 
ATOM   671  O O   . GLU B 1 15 ? 14.982  2.484   10.382  1.00 23.36 ? 15  GLU B O   1 
ATOM   672  C CB  . GLU B 1 15 ? 16.151  3.657   7.570   1.00 27.04 ? 15  GLU B CB  1 
ATOM   673  C CG  . GLU B 1 15 ? 16.052  3.865   6.097   1.00 32.93 ? 15  GLU B CG  1 
ATOM   674  C CD  . GLU B 1 15 ? 16.677  5.157   5.670   1.00 37.46 ? 15  GLU B CD  1 
ATOM   675  O OE1 . GLU B 1 15 ? 17.097  5.246   4.495   1.00 40.83 ? 15  GLU B OE1 1 
ATOM   676  O OE2 . GLU B 1 15 ? 16.735  6.083   6.512   1.00 40.60 ? 15  GLU B OE2 1 
ATOM   677  N N   . CYS B 1 16 ? 16.699  1.303   9.585   1.00 22.74 ? 16  CYS B N   1 
ATOM   678  C CA  . CYS B 1 16 ? 17.055  0.842   10.909  1.00 22.19 ? 16  CYS B CA  1 
ATOM   679  C C   . CYS B 1 16 ? 18.484  0.352   11.021  1.00 23.59 ? 16  CYS B C   1 
ATOM   680  O O   . CYS B 1 16 ? 19.171  0.132   10.022  1.00 22.87 ? 16  CYS B O   1 
ATOM   681  C CB  . CYS B 1 16 ? 16.143  -0.309  11.296  1.00 21.70 ? 16  CYS B CB  1 
ATOM   682  S SG  . CYS B 1 16 ? 16.194  -1.585  10.004  1.00 21.36 ? 16  CYS B SG  1 
ATOM   683  N N   . LEU B 1 17 ? 18.895  0.154   12.268  1.00 24.13 ? 17  LEU B N   1 
ATOM   684  C CA  . LEU B 1 17 ? 20.207  -0.350  12.587  1.00 23.54 ? 17  LEU B CA  1 
ATOM   685  C C   . LEU B 1 17 ? 19.995  -1.547  13.513  1.00 23.07 ? 17  LEU B C   1 
ATOM   686  O O   . LEU B 1 17 ? 20.764  -2.509  13.489  1.00 22.08 ? 17  LEU B O   1 
ATOM   687  C CB  . LEU B 1 17 ? 21.016  0.740   13.283  1.00 25.05 ? 17  LEU B CB  1 
ATOM   688  C CG  . LEU B 1 17 ? 22.538  0.650   13.147  1.00 29.17 ? 17  LEU B CG  1 
ATOM   689  C CD1 . LEU B 1 17 ? 22.924  0.767   11.682  1.00 27.25 ? 17  LEU B CD1 1 
ATOM   690  C CD2 . LEU B 1 17 ? 23.205  1.764   13.963  1.00 30.29 ? 17  LEU B CD2 1 
ATOM   691  N N   . PHE B 1 18 ? 18.922  -1.496  14.303  1.00 23.10 ? 18  PHE B N   1 
ATOM   692  C CA  . PHE B 1 18 ? 18.606  -2.560  15.262  1.00 24.65 ? 18  PHE B CA  1 
ATOM   693  C C   . PHE B 1 18 ? 17.245  -3.247  15.054  1.00 25.18 ? 18  PHE B C   1 
ATOM   694  O O   . PHE B 1 18 ? 16.303  -2.636  14.558  1.00 26.01 ? 18  PHE B O   1 
ATOM   695  C CB  . PHE B 1 18 ? 18.714  -2.005  16.692  1.00 25.13 ? 18  PHE B CB  1 
ATOM   696  C CG  . PHE B 1 18 ? 20.089  -1.481  17.035  1.00 25.32 ? 18  PHE B CG  1 
ATOM   697  C CD1 . PHE B 1 18 ? 20.467  -0.184  16.682  1.00 25.52 ? 18  PHE B CD1 1 
ATOM   698  C CD2 . PHE B 1 18 ? 21.023  -2.300  17.679  1.00 26.79 ? 18  PHE B CD2 1 
ATOM   699  C CE1 . PHE B 1 18 ? 21.754  0.298   16.960  1.00 24.70 ? 18  PHE B CE1 1 
ATOM   700  C CE2 . PHE B 1 18 ? 22.324  -1.829  17.967  1.00 26.91 ? 18  PHE B CE2 1 
ATOM   701  C CZ  . PHE B 1 18 ? 22.685  -0.525  17.605  1.00 25.92 ? 18  PHE B CZ  1 
ATOM   702  N N   . ASN B 1 19 ? 17.155  -4.519  15.446  1.00 26.54 ? 19  ASN B N   1 
ATOM   703  C CA  . ASN B 1 19 ? 15.937  -5.317  15.274  1.00 27.92 ? 19  ASN B CA  1 
ATOM   704  C C   . ASN B 1 19 ? 14.735  -4.900  16.106  1.00 29.65 ? 19  ASN B C   1 
ATOM   705  O O   . ASN B 1 19 ? 13.621  -4.805  15.594  1.00 30.73 ? 19  ASN B O   1 
ATOM   706  C CB  . ASN B 1 19 ? 16.209  -6.803  15.543  1.00 27.14 ? 19  ASN B CB  1 
ATOM   707  C CG  . ASN B 1 19 ? 17.180  -7.423  14.541  1.00 28.37 ? 19  ASN B CG  1 
ATOM   708  O OD1 . ASN B 1 19 ? 17.199  -7.066  13.362  1.00 30.56 ? 19  ASN B OD1 1 
ATOM   709  N ND2 . ASN B 1 19 ? 17.975  -8.375  15.007  1.00 27.12 ? 19  ASN B ND2 1 
ATOM   710  N N   . ASN B 1 20 ? 14.956  -4.657  17.390  1.00 31.42 ? 20  ASN B N   1 
ATOM   711  C CA  . ASN B 1 20 ? 13.875  -4.269  18.286  1.00 31.43 ? 20  ASN B CA  1 
ATOM   712  C C   . ASN B 1 20 ? 13.056  -3.093  17.760  1.00 31.14 ? 20  ASN B C   1 
ATOM   713  O O   . ASN B 1 20 ? 11.828  -3.108  17.830  1.00 32.88 ? 20  ASN B O   1 
ATOM   714  C CB  . ASN B 1 20 ? 14.440  -3.955  19.673  1.00 32.92 ? 20  ASN B CB  1 
ATOM   715  C CG  . ASN B 1 20 ? 13.369  -3.545  20.654  1.00 35.51 ? 20  ASN B CG  1 
ATOM   716  O OD1 . ASN B 1 20 ? 13.004  -2.370  20.749  1.00 37.10 ? 20  ASN B OD1 1 
ATOM   717  N ND2 . ASN B 1 20 ? 12.838  -4.518  21.379  1.00 38.80 ? 20  ASN B ND2 1 
ATOM   718  N N   . TYR B 1 21 ? 13.717  -2.074  17.231  1.00 30.43 ? 21  TYR B N   1 
ATOM   719  C CA  . TYR B 1 21 ? 12.986  -0.927  16.701  1.00 30.73 ? 21  TYR B CA  1 
ATOM   720  C C   . TYR B 1 21 ? 12.008  -1.371  15.620  1.00 30.39 ? 21  TYR B C   1 
ATOM   721  O O   . TYR B 1 21 ? 10.885  -0.885  15.542  1.00 31.67 ? 21  TYR B O   1 
ATOM   722  C CB  . TYR B 1 21 ? 13.941  0.078   16.088  1.00 31.06 ? 21  TYR B CB  1 
ATOM   723  C CG  . TYR B 1 21 ? 13.228  1.230   15.441  1.00 32.16 ? 21  TYR B CG  1 
ATOM   724  C CD1 . TYR B 1 21 ? 12.632  2.219   16.212  1.00 32.24 ? 21  TYR B CD1 1 
ATOM   725  C CD2 . TYR B 1 21 ? 13.139  1.328   14.054  1.00 33.46 ? 21  TYR B CD2 1 
ATOM   726  C CE1 . TYR B 1 21 ? 11.965  3.280   15.623  1.00 33.85 ? 21  TYR B CE1 1 
ATOM   727  C CE2 . TYR B 1 21 ? 12.471  2.387   13.454  1.00 34.52 ? 21  TYR B CE2 1 
ATOM   728  C CZ  . TYR B 1 21 ? 11.884  3.359   14.247  1.00 34.96 ? 21  TYR B CZ  1 
ATOM   729  O OH  . TYR B 1 21 ? 11.205  4.407   13.666  1.00 37.66 ? 21  TYR B OH  1 
ATOM   730  N N   . CYS B 1 22 ? 12.461  -2.296  14.784  1.00 29.23 ? 22  CYS B N   1 
ATOM   731  C CA  . CYS B 1 22 ? 11.664  -2.829  13.694  1.00 28.00 ? 22  CYS B CA  1 
ATOM   732  C C   . CYS B 1 22 ? 10.539  -3.729  14.157  1.00 28.38 ? 22  CYS B C   1 
ATOM   733  O O   . CYS B 1 22 ? 9.434   -3.715  13.592  1.00 27.56 ? 22  CYS B O   1 
ATOM   734  C CB  . CYS B 1 22 ? 12.558  -3.603  12.747  1.00 26.24 ? 22  CYS B CB  1 
ATOM   735  S SG  . CYS B 1 22 ? 13.585  -2.527  11.721  1.00 21.84 ? 22  CYS B SG  1 
ATOM   736  N N   . ASN B 1 23 ? 10.831  -4.531  15.173  1.00 27.86 ? 23  ASN B N   1 
ATOM   737  C CA  . ASN B 1 23 ? 9.838   -5.425  15.731  1.00 28.84 ? 23  ASN B CA  1 
ATOM   738  C C   . ASN B 1 23 ? 8.679   -4.587  16.274  1.00 29.67 ? 23  ASN B C   1 
ATOM   739  O O   . ASN B 1 23 ? 7.520   -4.972  16.149  1.00 29.14 ? 23  ASN B O   1 
ATOM   740  C CB  . ASN B 1 23 ? 10.464  -6.261  16.839  1.00 28.87 ? 23  ASN B CB  1 
ATOM   741  C CG  . ASN B 1 23 ? 9.504   -7.253  17.419  1.00 28.71 ? 23  ASN B CG  1 
ATOM   742  O OD1 . ASN B 1 23 ? 9.066   -7.105  18.548  1.00 32.48 ? 23  ASN B OD1 1 
ATOM   743  N ND2 . ASN B 1 23 ? 9.164   -8.269  16.649  1.00 26.85 ? 23  ASN B ND2 1 
ATOM   744  N N   . ASN B 1 24 ? 8.993   -3.427  16.849  1.00 30.21 ? 24  ASN B N   1 
ATOM   745  C CA  . ASN B 1 24 ? 7.959   -2.550  17.385  1.00 32.37 ? 24  ASN B CA  1 
ATOM   746  C C   . ASN B 1 24 ? 7.134   -1.879  16.291  1.00 32.66 ? 24  ASN B C   1 
ATOM   747  O O   . ASN B 1 24 ? 5.918   -1.744  16.428  1.00 32.86 ? 24  ASN B O   1 
ATOM   748  C CB  . ASN B 1 24 ? 8.576   -1.483  18.289  1.00 34.76 ? 24  ASN B CB  1 
ATOM   749  C CG  . ASN B 1 24 ? 8.952   -2.025  19.663  1.00 36.89 ? 24  ASN B CG  1 
ATOM   750  O OD1 . ASN B 1 24 ? 9.758   -1.422  20.371  1.00 40.47 ? 24  ASN B OD1 1 
ATOM   751  N ND2 . ASN B 1 24 ? 8.366   -3.159  20.047  1.00 36.29 ? 24  ASN B ND2 1 
ATOM   752  N N   . GLU B 1 25 ? 7.792   -1.438  15.222  1.00 32.41 ? 25  GLU B N   1 
ATOM   753  C CA  . GLU B 1 25 ? 7.093   -0.806  14.108  1.00 33.23 ? 25  GLU B CA  1 
ATOM   754  C C   . GLU B 1 25 ? 6.157   -1.808  13.443  1.00 32.25 ? 25  GLU B C   1 
ATOM   755  O O   . GLU B 1 25 ? 4.956   -1.570  13.307  1.00 32.79 ? 25  GLU B O   1 
ATOM   756  C CB  . GLU B 1 25 ? 8.088   -0.321  13.059  1.00 35.28 ? 25  GLU B CB  1 
ATOM   757  C CG  . GLU B 1 25 ? 8.718   0.998   13.368  1.00 41.57 ? 25  GLU B CG  1 
ATOM   758  C CD  . GLU B 1 25 ? 7.736   2.133   13.250  1.00 43.52 ? 25  GLU B CD  1 
ATOM   759  O OE1 . GLU B 1 25 ? 7.212   2.350   12.135  1.00 44.86 ? 25  GLU B OE1 1 
ATOM   760  O OE2 . GLU B 1 25 ? 7.492   2.803   14.278  1.00 46.90 ? 25  GLU B OE2 1 
ATOM   761  N N   . CYS B 1 26 ? 6.728   -2.930  13.023  1.00 30.23 ? 26  CYS B N   1 
ATOM   762  C CA  . CYS B 1 26 ? 5.966   -3.966  12.355  1.00 28.98 ? 26  CYS B CA  1 
ATOM   763  C C   . CYS B 1 26 ? 4.705   -4.392  13.103  1.00 29.46 ? 26  CYS B C   1 
ATOM   764  O O   . CYS B 1 26 ? 3.644   -4.538  12.506  1.00 29.32 ? 26  CYS B O   1 
ATOM   765  C CB  . CYS B 1 26 ? 6.846   -5.188  12.124  1.00 27.45 ? 26  CYS B CB  1 
ATOM   766  S SG  . CYS B 1 26 ? 8.098   -5.001  10.825  1.00 25.23 ? 26  CYS B SG  1 
ATOM   767  N N   . THR B 1 27 ? 4.818   -4.596  14.410  1.00 29.54 ? 27  THR B N   1 
ATOM   768  C CA  . THR B 1 27 ? 3.666   -5.029  15.180  1.00 29.93 ? 27  THR B CA  1 
ATOM   769  C C   . THR B 1 27 ? 2.718   -3.897  15.585  1.00 31.47 ? 27  THR B C   1 
ATOM   770  O O   . THR B 1 27 ? 1.505   -4.035  15.474  1.00 32.87 ? 27  THR B O   1 
ATOM   771  C CB  . THR B 1 27 ? 4.101   -5.795  16.452  1.00 28.27 ? 27  THR B CB  1 
ATOM   772  O OG1 . THR B 1 27 ? 4.824   -4.918  17.318  1.00 27.27 ? 27  THR B OG1 1 
ATOM   773  C CG2 . THR B 1 27 ? 4.970   -6.970  16.091  1.00 24.21 ? 27  THR B CG2 1 
ATOM   774  N N   . LYS B 1 28 ? 3.258   -2.779  16.041  1.00 32.63 ? 28  LYS B N   1 
ATOM   775  C CA  . LYS B 1 28 ? 2.411   -1.678  16.463  1.00 34.55 ? 28  LYS B CA  1 
ATOM   776  C C   . LYS B 1 28 ? 1.834   -0.845  15.332  1.00 34.69 ? 28  LYS B C   1 
ATOM   777  O O   . LYS B 1 28 ? 0.661   -0.492  15.368  1.00 37.07 ? 28  LYS B O   1 
ATOM   778  C CB  . LYS B 1 28 ? 3.176   -0.764  17.424  1.00 35.60 ? 28  LYS B CB  1 
ATOM   779  C CG  . LYS B 1 28 ? 3.547   -1.439  18.719  1.00 38.75 ? 28  LYS B CG  1 
ATOM   780  C CD  . LYS B 1 28 ? 4.451   -0.568  19.561  1.00 41.59 ? 28  LYS B CD  1 
ATOM   781  C CE  . LYS B 1 28 ? 5.031   -1.359  20.722  1.00 43.01 ? 28  LYS B CE  1 
ATOM   782  N NZ  . LYS B 1 28 ? 6.128   -0.612  21.405  1.00 44.94 ? 28  LYS B NZ  1 
ATOM   783  N N   . VAL B 1 29 ? 2.644   -0.533  14.326  1.00 33.83 ? 29  VAL B N   1 
ATOM   784  C CA  . VAL B 1 29 ? 2.190   0.301   13.216  1.00 31.66 ? 29  VAL B CA  1 
ATOM   785  C C   . VAL B 1 29 ? 1.585   -0.463  12.053  1.00 32.75 ? 29  VAL B C   1 
ATOM   786  O O   . VAL B 1 29 ? 0.661   0.023   11.407  1.00 33.90 ? 29  VAL B O   1 
ATOM   787  C CB  . VAL B 1 29 ? 3.346   1.161   12.656  1.00 30.36 ? 29  VAL B CB  1 
ATOM   788  C CG1 . VAL B 1 29 ? 2.845   2.051   11.543  1.00 27.62 ? 29  VAL B CG1 1 
ATOM   789  C CG2 . VAL B 1 29 ? 3.956   1.990   13.754  1.00 27.20 ? 29  VAL B CG2 1 
ATOM   790  N N   . TYR B 1 30 ? 2.100   -1.656  11.782  1.00 32.89 ? 30  TYR B N   1 
ATOM   791  C CA  . TYR B 1 30 ? 1.603   -2.427  10.654  1.00 34.20 ? 30  TYR B CA  1 
ATOM   792  C C   . TYR B 1 30 ? 0.870   -3.702  11.030  1.00 36.00 ? 30  TYR B C   1 
ATOM   793  O O   . TYR B 1 30 ? 0.451   -4.466  10.161  1.00 35.80 ? 30  TYR B O   1 
ATOM   794  C CB  . TYR B 1 30 ? 2.759   -2.717  9.700   1.00 32.40 ? 30  TYR B CB  1 
ATOM   795  C CG  . TYR B 1 30 ? 3.313   -1.445  9.109   1.00 32.26 ? 30  TYR B CG  1 
ATOM   796  C CD1 . TYR B 1 30 ? 2.540   -0.669  8.243   1.00 31.95 ? 30  TYR B CD1 1 
ATOM   797  C CD2 . TYR B 1 30 ? 4.582   -0.982  9.449   1.00 31.09 ? 30  TYR B CD2 1 
ATOM   798  C CE1 . TYR B 1 30 ? 3.011   0.519   7.737   1.00 30.88 ? 30  TYR B CE1 1 
ATOM   799  C CE2 . TYR B 1 30 ? 5.062   0.213   8.948   1.00 30.43 ? 30  TYR B CE2 1 
ATOM   800  C CZ  . TYR B 1 30 ? 4.272   0.956   8.088   1.00 31.77 ? 30  TYR B CZ  1 
ATOM   801  O OH  . TYR B 1 30 ? 4.757   2.120   7.541   1.00 33.99 ? 30  TYR B OH  1 
ATOM   802  N N   . TYR B 1 31 ? 0.717   -3.917  12.332  1.00 37.51 ? 31  TYR B N   1 
ATOM   803  C CA  . TYR B 1 31 ? 0.008   -5.072  12.854  1.00 39.12 ? 31  TYR B CA  1 
ATOM   804  C C   . TYR B 1 31 ? 0.523   -6.420  12.342  1.00 38.75 ? 31  TYR B C   1 
ATOM   805  O O   . TYR B 1 31 ? -0.253  -7.346  12.112  1.00 39.19 ? 31  TYR B O   1 
ATOM   806  C CB  . TYR B 1 31 ? -1.478  -4.912  12.544  1.00 41.70 ? 31  TYR B CB  1 
ATOM   807  C CG  . TYR B 1 31 ? -2.035  -3.578  13.007  1.00 45.78 ? 31  TYR B CG  1 
ATOM   808  C CD1 . TYR B 1 31 ? -2.719  -2.744  12.126  1.00 46.97 ? 31  TYR B CD1 1 
ATOM   809  C CD2 . TYR B 1 31 ? -1.877  -3.146  14.326  1.00 47.57 ? 31  TYR B CD2 1 
ATOM   810  C CE1 . TYR B 1 31 ? -3.232  -1.517  12.541  1.00 47.53 ? 31  TYR B CE1 1 
ATOM   811  C CE2 . TYR B 1 31 ? -2.389  -1.919  14.751  1.00 48.00 ? 31  TYR B CE2 1 
ATOM   812  C CZ  . TYR B 1 31 ? -3.065  -1.109  13.851  1.00 48.68 ? 31  TYR B CZ  1 
ATOM   813  O OH  . TYR B 1 31 ? -3.566  0.110   14.254  1.00 48.43 ? 31  TYR B OH  1 
ATOM   814  N N   . ALA B 1 32 ? 1.833   -6.529  12.165  1.00 37.36 ? 32  ALA B N   1 
ATOM   815  C CA  . ALA B 1 32 ? 2.435   -7.776  11.713  1.00 36.23 ? 32  ALA B CA  1 
ATOM   816  C C   . ALA B 1 32 ? 2.695   -8.630  12.948  1.00 36.13 ? 32  ALA B C   1 
ATOM   817  O O   . ALA B 1 32 ? 2.480   -8.181  14.074  1.00 35.52 ? 32  ALA B O   1 
ATOM   818  C CB  . ALA B 1 32 ? 3.738   -7.496  10.991  1.00 34.61 ? 32  ALA B CB  1 
ATOM   819  N N   . ASP B 1 33 ? 3.150   -9.859  12.742  1.00 36.54 ? 33  ASP B N   1 
ATOM   820  C CA  . ASP B 1 33 ? 3.437   -10.748 13.860  1.00 37.09 ? 33  ASP B CA  1 
ATOM   821  C C   . ASP B 1 33 ? 4.758   -10.358 14.487  1.00 36.20 ? 33  ASP B C   1 
ATOM   822  O O   . ASP B 1 33 ? 4.933   -10.446 15.696  1.00 36.69 ? 33  ASP B O   1 
ATOM   823  C CB  . ASP B 1 33 ? 3.527   -12.197 13.388  1.00 39.94 ? 33  ASP B CB  1 
ATOM   824  C CG  . ASP B 1 33 ? 2.190   -12.754 12.967  1.00 43.19 ? 33  ASP B CG  1 
ATOM   825  O OD1 . ASP B 1 33 ? 1.551   -12.188 12.056  1.00 46.67 ? 33  ASP B OD1 1 
ATOM   826  O OD2 . ASP B 1 33 ? 1.777   -13.771 13.551  1.00 48.63 ? 33  ASP B OD2 1 
ATOM   827  N N   . LYS B 1 34 ? 5.693   -9.938  13.647  1.00 34.66 ? 34  LYS B N   1 
ATOM   828  C CA  . LYS B 1 34 ? 6.999   -9.540  14.115  1.00 33.79 ? 34  LYS B CA  1 
ATOM   829  C C   . LYS B 1 34 ? 7.810   -8.953  12.971  1.00 32.07 ? 34  LYS B C   1 
ATOM   830  O O   . LYS B 1 34 ? 7.345   -8.875  11.835  1.00 32.40 ? 34  LYS B O   1 
ATOM   831  C CB  . LYS B 1 34 ? 7.725   -10.739 14.727  1.00 35.93 ? 34  LYS B CB  1 
ATOM   832  C CG  . LYS B 1 34 ? 8.085   -11.830 13.754  1.00 39.45 ? 34  LYS B CG  1 
ATOM   833  C CD  . LYS B 1 34 ? 8.785   -12.999 14.452  1.00 42.65 ? 34  LYS B CD  1 
ATOM   834  C CE  . LYS B 1 34 ? 7.818   -13.815 15.317  1.00 46.18 ? 34  LYS B CE  1 
ATOM   835  N NZ  . LYS B 1 34 ? 8.473   -14.950 16.056  1.00 46.97 ? 34  LYS B NZ  1 
ATOM   836  N N   . GLY B 1 35 ? 9.025   -8.523  13.271  1.00 29.99 ? 35  GLY B N   1 
ATOM   837  C CA  . GLY B 1 35 ? 9.846   -7.955  12.234  1.00 28.64 ? 35  GLY B CA  1 
ATOM   838  C C   . GLY B 1 35 ? 11.217  -7.654  12.767  1.00 29.38 ? 35  GLY B C   1 
ATOM   839  O O   . GLY B 1 35 ? 11.433  -7.610  13.975  1.00 29.42 ? 35  GLY B O   1 
ATOM   840  N N   . TYR B 1 36 ? 12.163  -7.466  11.862  1.00 28.71 ? 36  TYR B N   1 
ATOM   841  C CA  . TYR B 1 36 ? 13.506  -7.134  12.271  1.00 28.56 ? 36  TYR B CA  1 
ATOM   842  C C   . TYR B 1 36 ? 14.166  -6.263  11.203  1.00 26.92 ? 36  TYR B C   1 
ATOM   843  O O   . TYR B 1 36 ? 13.550  -5.925  10.181  1.00 24.98 ? 36  TYR B O   1 
ATOM   844  C CB  . TYR B 1 36 ? 14.314  -8.404  12.552  1.00 29.78 ? 36  TYR B CB  1 
ATOM   845  C CG  . TYR B 1 36 ? 14.824  -9.131  11.340  1.00 32.22 ? 36  TYR B CG  1 
ATOM   846  C CD1 . TYR B 1 36 ? 13.951  -9.577  10.348  1.00 33.45 ? 36  TYR B CD1 1 
ATOM   847  C CD2 . TYR B 1 36 ? 16.185  -9.395  11.191  1.00 34.75 ? 36  TYR B CD2 1 
ATOM   848  C CE1 . TYR B 1 36 ? 14.420  -10.268 9.231   1.00 34.99 ? 36  TYR B CE1 1 
ATOM   849  C CE2 . TYR B 1 36 ? 16.668  -10.086 10.081  1.00 35.75 ? 36  TYR B CE2 1 
ATOM   850  C CZ  . TYR B 1 36 ? 15.782  -10.517 9.106   1.00 36.25 ? 36  TYR B CZ  1 
ATOM   851  O OH  . TYR B 1 36 ? 16.263  -11.180 8.003   1.00 37.90 ? 36  TYR B OH  1 
ATOM   852  N N   . CYS B 1 37 ? 15.417  -5.901  11.453  1.00 24.91 ? 37  CYS B N   1 
ATOM   853  C CA  . CYS B 1 37 ? 16.150  -5.033  10.558  1.00 23.92 ? 37  CYS B CA  1 
ATOM   854  C C   . CYS B 1 37 ? 16.947  -5.819  9.544   1.00 23.87 ? 37  CYS B C   1 
ATOM   855  O O   . CYS B 1 37 ? 18.046  -6.266  9.838   1.00 25.29 ? 37  CYS B O   1 
ATOM   856  C CB  . CYS B 1 37 ? 17.075  -4.137  11.383  1.00 23.47 ? 37  CYS B CB  1 
ATOM   857  S SG  . CYS B 1 37 ? 17.786  -2.761  10.450  1.00 19.43 ? 37  CYS B SG  1 
ATOM   858  N N   . CYS B 1 38 ? 16.386  -5.975  8.347   1.00 23.85 ? 38  CYS B N   1 
ATOM   859  C CA  . CYS B 1 38 ? 17.030  -6.712  7.268   1.00 22.92 ? 38  CYS B CA  1 
ATOM   860  C C   . CYS B 1 38 ? 17.654  -5.758  6.258   1.00 23.64 ? 38  CYS B C   1 
ATOM   861  O O   . CYS B 1 38 ? 16.953  -5.021  5.567   1.00 23.73 ? 38  CYS B O   1 
ATOM   862  C CB  . CYS B 1 38 ? 16.023  -7.613  6.551   1.00 23.31 ? 38  CYS B CB  1 
ATOM   863  S SG  . CYS B 1 38 ? 16.827  -8.784  5.411   1.00 23.05 ? 38  CYS B SG  1 
ATOM   864  N N   . LEU B 1 39 ? 18.979  -5.778  6.174   1.00 22.83 ? 39  LEU B N   1 
ATOM   865  C CA  . LEU B 1 39 ? 19.691  -4.919  5.249   1.00 22.11 ? 39  LEU B CA  1 
ATOM   866  C C   . LEU B 1 39 ? 19.277  -3.463  5.448   1.00 21.93 ? 39  LEU B C   1 
ATOM   867  O O   . LEU B 1 39 ? 18.898  -2.774  4.506   1.00 24.01 ? 39  LEU B O   1 
ATOM   868  C CB  . LEU B 1 39 ? 19.432  -5.375  3.809   1.00 23.36 ? 39  LEU B CB  1 
ATOM   869  C CG  . LEU B 1 39 ? 19.861  -6.827  3.507   1.00 24.25 ? 39  LEU B CG  1 
ATOM   870  C CD1 . LEU B 1 39 ? 19.295  -7.286  2.168   1.00 23.43 ? 39  LEU B CD1 1 
ATOM   871  C CD2 . LEU B 1 39 ? 21.366  -6.921  3.506   1.00 22.34 ? 39  LEU B CD2 1 
ATOM   872  N N   . LEU B 1 40 ? 19.350  -3.017  6.701   1.00 20.72 ? 40  LEU B N   1 
ATOM   873  C CA  . LEU B 1 40 ? 19.047  -1.655  7.097   1.00 18.17 ? 40  LEU B CA  1 
ATOM   874  C C   . LEU B 1 40 ? 17.628  -1.125  6.855   1.00 20.31 ? 40  LEU B C   1 
ATOM   875  O O   . LEU B 1 40 ? 17.421  0.087   6.760   1.00 22.35 ? 40  LEU B O   1 
ATOM   876  C CB  . LEU B 1 40 ? 20.081  -0.725  6.465   1.00 16.43 ? 40  LEU B CB  1 
ATOM   877  C CG  . LEU B 1 40 ? 21.519  -1.243  6.626   1.00 15.00 ? 40  LEU B CG  1 
ATOM   878  C CD1 . LEU B 1 40 ? 22.486  -0.275  5.973   1.00 10.53 ? 40  LEU B CD1 1 
ATOM   879  C CD2 . LEU B 1 40 ? 21.859  -1.439  8.103   1.00 12.94 ? 40  LEU B CD2 1 
ATOM   880  N N   . LYS B 1 41 ? 16.649  -2.017  6.757   1.00 19.97 ? 41  LYS B N   1 
ATOM   881  C CA  . LYS B 1 41 ? 15.258  -1.599  6.588   1.00 20.19 ? 41  LYS B CA  1 
ATOM   882  C C   . LYS B 1 41 ? 14.395  -2.567  7.372   1.00 20.05 ? 41  LYS B C   1 
ATOM   883  O O   . LYS B 1 41 ? 14.694  -3.753  7.443   1.00 21.40 ? 41  LYS B O   1 
ATOM   884  C CB  . LYS B 1 41 ? 14.833  -1.633  5.124   1.00 21.77 ? 41  LYS B CB  1 
ATOM   885  C CG  . LYS B 1 41 ? 15.492  -0.619  4.234   1.00 22.69 ? 41  LYS B CG  1 
ATOM   886  C CD  . LYS B 1 41 ? 15.122  -0.913  2.790   1.00 26.94 ? 41  LYS B CD  1 
ATOM   887  C CE  . LYS B 1 41 ? 15.847  0.007   1.826   1.00 30.99 ? 41  LYS B CE  1 
ATOM   888  N NZ  . LYS B 1 41 ? 17.342  -0.117  1.918   1.00 33.25 ? 41  LYS B NZ  1 
ATOM   889  N N   . CYS B 1 42 ? 13.323  -2.067  7.966   1.00 20.43 ? 42  CYS B N   1 
ATOM   890  C CA  . CYS B 1 42 ? 12.436  -2.906  8.757   1.00 20.34 ? 42  CYS B CA  1 
ATOM   891  C C   . CYS B 1 42 ? 11.641  -3.891  7.915   1.00 20.93 ? 42  CYS B C   1 
ATOM   892  O O   . CYS B 1 42 ? 10.825  -3.497  7.084   1.00 20.21 ? 42  CYS B O   1 
ATOM   893  C CB  . CYS B 1 42 ? 11.488  -2.038  9.573   1.00 19.62 ? 42  CYS B CB  1 
ATOM   894  S SG  . CYS B 1 42 ? 12.274  -1.183  10.971  1.00 23.22 ? 42  CYS B SG  1 
ATOM   895  N N   . TYR B 1 43 ? 11.892  -5.177  8.147   1.00 21.26 ? 43  TYR B N   1 
ATOM   896  C CA  . TYR B 1 43 ? 11.234  -6.245  7.419   1.00 22.22 ? 43  TYR B CA  1 
ATOM   897  C C   . TYR B 1 43 ? 10.186  -6.855  8.332   1.00 23.94 ? 43  TYR B C   1 
ATOM   898  O O   . TYR B 1 43 ? 10.502  -7.283  9.443   1.00 23.92 ? 43  TYR B O   1 
ATOM   899  C CB  . TYR B 1 43 ? 12.256  -7.310  7.032   1.00 22.56 ? 43  TYR B CB  1 
ATOM   900  C CG  . TYR B 1 43 ? 11.762  -8.323  6.029   1.00 23.71 ? 43  TYR B CG  1 
ATOM   901  C CD1 . TYR B 1 43 ? 11.642  -7.997  4.671   1.00 24.64 ? 43  TYR B CD1 1 
ATOM   902  C CD2 . TYR B 1 43 ? 11.420  -9.609  6.433   1.00 24.65 ? 43  TYR B CD2 1 
ATOM   903  C CE1 . TYR B 1 43 ? 11.196  -8.940  3.741   1.00 26.04 ? 43  TYR B CE1 1 
ATOM   904  C CE2 . TYR B 1 43 ? 10.973  -10.561 5.518   1.00 26.18 ? 43  TYR B CE2 1 
ATOM   905  C CZ  . TYR B 1 43 ? 10.866  -10.222 4.177   1.00 27.54 ? 43  TYR B CZ  1 
ATOM   906  O OH  . TYR B 1 43 ? 10.456  -11.184 3.282   1.00 29.51 ? 43  TYR B OH  1 
ATOM   907  N N   . CYS B 1 44 ? 8.946   -6.911  7.857   1.00 24.41 ? 44  CYS B N   1 
ATOM   908  C CA  . CYS B 1 44 ? 7.853   -7.446  8.656   1.00 25.85 ? 44  CYS B CA  1 
ATOM   909  C C   . CYS B 1 44 ? 7.369   -8.830  8.247   1.00 27.01 ? 44  CYS B C   1 
ATOM   910  O O   . CYS B 1 44 ? 7.268   -9.150  7.057   1.00 25.88 ? 44  CYS B O   1 
ATOM   911  C CB  . CYS B 1 44 ? 6.656   -6.488  8.624   1.00 26.17 ? 44  CYS B CB  1 
ATOM   912  S SG  . CYS B 1 44 ? 7.010   -4.775  9.124   1.00 27.66 ? 44  CYS B SG  1 
ATOM   913  N N   . PHE B 1 45 ? 7.063   -9.640  9.258   1.00 28.26 ? 45  PHE B N   1 
ATOM   914  C CA  . PHE B 1 45 ? 6.543   -10.993 9.058   1.00 29.40 ? 45  PHE B CA  1 
ATOM   915  C C   . PHE B 1 45 ? 5.080   -11.019 9.459   1.00 29.80 ? 45  PHE B C   1 
ATOM   916  O O   . PHE B 1 45 ? 4.724   -10.548 10.535  1.00 28.57 ? 45  PHE B O   1 
ATOM   917  C CB  . PHE B 1 45 ? 7.281   -12.021 9.933   1.00 30.26 ? 45  PHE B CB  1 
ATOM   918  C CG  . PHE B 1 45 ? 8.693   -12.276 9.518   1.00 31.58 ? 45  PHE B CG  1 
ATOM   919  C CD1 . PHE B 1 45 ? 9.714   -11.408 9.894   1.00 32.02 ? 45  PHE B CD1 1 
ATOM   920  C CD2 . PHE B 1 45 ? 9.002   -13.375 8.723   1.00 31.66 ? 45  PHE B CD2 1 
ATOM   921  C CE1 . PHE B 1 45 ? 11.027  -11.635 9.475   1.00 33.20 ? 45  PHE B CE1 1 
ATOM   922  C CE2 . PHE B 1 45 ? 10.303  -13.609 8.302   1.00 32.35 ? 45  PHE B CE2 1 
ATOM   923  C CZ  . PHE B 1 45 ? 11.319  -12.739 8.677   1.00 33.30 ? 45  PHE B CZ  1 
ATOM   924  N N   . GLY B 1 46 ? 4.239   -11.575 8.592   1.00 31.60 ? 46  GLY B N   1 
ATOM   925  C CA  . GLY B 1 46 ? 2.830   -11.698 8.904   1.00 32.14 ? 46  GLY B CA  1 
ATOM   926  C C   . GLY B 1 46 ? 1.959   -10.487 8.665   1.00 33.64 ? 46  GLY B C   1 
ATOM   927  O O   . GLY B 1 46 ? 1.085   -10.191 9.466   1.00 33.80 ? 46  GLY B O   1 
ATOM   928  N N   . LEU B 1 47 ? 2.191   -9.778  7.572   1.00 35.46 ? 47  LEU B N   1 
ATOM   929  C CA  . LEU B 1 47 ? 1.371   -8.621  7.245   1.00 37.41 ? 47  LEU B CA  1 
ATOM   930  C C   . LEU B 1 47 ? 0.112   -9.159  6.574   1.00 39.27 ? 47  LEU B C   1 
ATOM   931  O O   . LEU B 1 47 ? 0.104   -10.293 6.095   1.00 41.88 ? 47  LEU B O   1 
ATOM   932  C CB  . LEU B 1 47 ? 2.109   -7.714  6.258   1.00 36.58 ? 47  LEU B CB  1 
ATOM   933  C CG  . LEU B 1 47 ? 3.361   -6.974  6.723   1.00 35.48 ? 47  LEU B CG  1 
ATOM   934  C CD1 . LEU B 1 47 ? 4.136   -6.486  5.518   1.00 34.58 ? 47  LEU B CD1 1 
ATOM   935  C CD2 . LEU B 1 47 ? 2.968   -5.816  7.611   1.00 35.02 ? 47  LEU B CD2 1 
ATOM   936  N N   . ALA B 1 48 ? -0.953  -8.369  6.550   1.00 40.50 ? 48  ALA B N   1 
ATOM   937  C CA  . ALA B 1 48 ? -2.172  -8.792  5.869   1.00 41.20 ? 48  ALA B CA  1 
ATOM   938  C C   . ALA B 1 48 ? -1.811  -8.680  4.390   1.00 42.19 ? 48  ALA B C   1 
ATOM   939  O O   . ALA B 1 48 ? -1.059  -7.788  4.001   1.00 42.94 ? 48  ALA B O   1 
ATOM   940  C CB  . ALA B 1 48 ? -3.320  -7.861  6.207   1.00 40.70 ? 48  ALA B CB  1 
ATOM   941  N N   . ASP B 1 49 ? -2.341  -9.575  3.568   1.00 43.45 ? 49  ASP B N   1 
ATOM   942  C CA  . ASP B 1 49 ? -2.033  -9.585  2.137   1.00 44.26 ? 49  ASP B CA  1 
ATOM   943  C C   . ASP B 1 49 ? -2.124  -8.252  1.423   1.00 43.66 ? 49  ASP B C   1 
ATOM   944  O O   . ASP B 1 49 ? -1.345  -7.991  0.512   1.00 44.73 ? 49  ASP B O   1 
ATOM   945  C CB  . ASP B 1 49 ? -2.936  -10.575 1.405   1.00 45.33 ? 49  ASP B CB  1 
ATOM   946  C CG  . ASP B 1 49 ? -2.952  -11.936 2.053   1.00 47.13 ? 49  ASP B CG  1 
ATOM   947  O OD1 . ASP B 1 49 ? -3.657  -12.823 1.533   1.00 50.75 ? 49  ASP B OD1 1 
ATOM   948  O OD2 . ASP B 1 49 ? -2.267  -12.121 3.082   1.00 49.01 ? 49  ASP B OD2 1 
ATOM   949  N N   . ASP B 1 50 ? -3.070  -7.409  1.820   1.00 43.51 ? 50  ASP B N   1 
ATOM   950  C CA  . ASP B 1 50 ? -3.241  -6.121  1.157   1.00 43.56 ? 50  ASP B CA  1 
ATOM   951  C C   . ASP B 1 50 ? -2.413  -4.961  1.705   1.00 42.04 ? 50  ASP B C   1 
ATOM   952  O O   . ASP B 1 50 ? -2.630  -3.807  1.336   1.00 42.27 ? 50  ASP B O   1 
ATOM   953  C CB  . ASP B 1 50 ? -4.733  -5.741  1.111   1.00 45.92 ? 50  ASP B CB  1 
ATOM   954  C CG  . ASP B 1 50 ? -5.365  -5.612  2.489   1.00 47.95 ? 50  ASP B CG  1 
ATOM   955  O OD1 . ASP B 1 50 ? -6.591  -5.375  2.537   1.00 51.66 ? 50  ASP B OD1 1 
ATOM   956  O OD2 . ASP B 1 50 ? -4.666  -5.741  3.517   1.00 49.43 ? 50  ASP B OD2 1 
ATOM   957  N N   . LYS B 1 51 ? -1.462  -5.265  2.581   1.00 40.57 ? 51  LYS B N   1 
ATOM   958  C CA  . LYS B 1 51 ? -0.582  -4.241  3.136   1.00 38.96 ? 51  LYS B CA  1 
ATOM   959  C C   . LYS B 1 51 ? 0.504   -3.947  2.110   1.00 36.98 ? 51  LYS B C   1 
ATOM   960  O O   . LYS B 1 51 ? 1.075   -4.860  1.539   1.00 36.98 ? 51  LYS B O   1 
ATOM   961  C CB  . LYS B 1 51 ? 0.077   -4.740  4.415   1.00 39.77 ? 51  LYS B CB  1 
ATOM   962  C CG  . LYS B 1 51 ? -0.836  -4.770  5.615   1.00 41.13 ? 51  LYS B CG  1 
ATOM   963  C CD  . LYS B 1 51 ? -1.146  -3.368  6.082   1.00 41.67 ? 51  LYS B CD  1 
ATOM   964  C CE  . LYS B 1 51 ? -2.083  -3.386  7.267   1.00 42.34 ? 51  LYS B CE  1 
ATOM   965  N NZ  . LYS B 1 51 ? -2.278  -2.006  7.770   1.00 43.25 ? 51  LYS B NZ  1 
ATOM   966  N N   . PRO B 1 52 ? 0.786   -2.670  1.850   1.00 36.18 ? 52  PRO B N   1 
ATOM   967  C CA  . PRO B 1 52 ? 1.821   -2.301  0.879   1.00 37.06 ? 52  PRO B CA  1 
ATOM   968  C C   . PRO B 1 52 ? 3.227   -2.643  1.376   1.00 38.03 ? 52  PRO B C   1 
ATOM   969  O O   . PRO B 1 52 ? 3.596   -2.315  2.513   1.00 38.53 ? 52  PRO B O   1 
ATOM   970  C CB  . PRO B 1 52 ? 1.637   -0.793  0.726   1.00 35.60 ? 52  PRO B CB  1 
ATOM   971  C CG  . PRO B 1 52 ? 0.209   -0.590  1.044   1.00 36.89 ? 52  PRO B CG  1 
ATOM   972  C CD  . PRO B 1 52 ? 0.008   -1.488  2.240   1.00 37.25 ? 52  PRO B CD  1 
ATOM   973  N N   . VAL B 1 53 ? 3.995   -3.309  0.521   1.00 37.31 ? 53  VAL B N   1 
ATOM   974  C CA  . VAL B 1 53 ? 5.363   -3.674  0.836   1.00 36.87 ? 53  VAL B CA  1 
ATOM   975  C C   . VAL B 1 53 ? 6.233   -3.176  -0.300  1.00 38.19 ? 53  VAL B C   1 
ATOM   976  O O   . VAL B 1 53 ? 5.760   -3.008  -1.420  1.00 39.42 ? 53  VAL B O   1 
ATOM   977  C CB  . VAL B 1 53 ? 5.535   -5.191  0.961   1.00 36.40 ? 53  VAL B CB  1 
ATOM   978  C CG1 . VAL B 1 53 ? 4.881   -5.687  2.233   1.00 35.24 ? 53  VAL B CG1 1 
ATOM   979  C CG2 . VAL B 1 53 ? 4.925   -5.873  -0.230  1.00 35.65 ? 53  VAL B CG2 1 
ATOM   980  N N   . LEU B 1 54 ? 7.500   -2.925  -0.007  1.00 39.55 ? 54  LEU B N   1 
ATOM   981  C CA  . LEU B 1 54 ? 8.441   -2.447  -1.011  1.00 39.23 ? 54  LEU B CA  1 
ATOM   982  C C   . LEU B 1 54 ? 8.616   -3.520  -2.075  1.00 40.50 ? 54  LEU B C   1 
ATOM   983  O O   . LEU B 1 54 ? 8.431   -4.707  -1.810  1.00 41.58 ? 54  LEU B O   1 
ATOM   984  C CB  . LEU B 1 54 ? 9.786   -2.161  -0.361  1.00 38.76 ? 54  LEU B CB  1 
ATOM   985  C CG  . LEU B 1 54 ? 10.771  -1.365  -1.206  1.00 39.53 ? 54  LEU B CG  1 
ATOM   986  C CD1 . LEU B 1 54 ? 10.176  0.004   -1.480  1.00 38.63 ? 54  LEU B CD1 1 
ATOM   987  C CD2 . LEU B 1 54 ? 12.114  -1.239  -0.490  1.00 37.43 ? 54  LEU B CD2 1 
ATOM   988  N N   . ASP B 1 55 ? 8.975   -3.097  -3.280  1.00 41.42 ? 55  ASP B N   1 
ATOM   989  C CA  . ASP B 1 55 ? 9.192   -4.008  -4.402  1.00 41.72 ? 55  ASP B CA  1 
ATOM   990  C C   . ASP B 1 55 ? 10.655  -4.471  -4.359  1.00 40.33 ? 55  ASP B C   1 
ATOM   991  O O   . ASP B 1 55 ? 11.557  -3.679  -4.629  1.00 40.92 ? 55  ASP B O   1 
ATOM   992  C CB  . ASP B 1 55 ? 8.906   -3.258  -5.701  1.00 44.94 ? 55  ASP B CB  1 
ATOM   993  C CG  . ASP B 1 55 ? 8.651   -4.177  -6.866  1.00 48.33 ? 55  ASP B CG  1 
ATOM   994  O OD1 . ASP B 1 55 ? 8.357   -3.656  -7.970  1.00 51.50 ? 55  ASP B OD1 1 
ATOM   995  O OD2 . ASP B 1 55 ? 8.743   -5.412  -6.687  1.00 49.99 ? 55  ASP B OD2 1 
ATOM   996  N N   . ILE B 1 56 ? 10.886  -5.742  -4.028  1.00 38.43 ? 56  ILE B N   1 
ATOM   997  C CA  . ILE B 1 56 ? 12.247  -6.284  -3.906  1.00 37.31 ? 56  ILE B CA  1 
ATOM   998  C C   . ILE B 1 56 ? 12.514  -7.579  -4.670  1.00 37.20 ? 56  ILE B C   1 
ATOM   999  O O   . ILE B 1 56 ? 11.583  -8.312  -5.018  1.00 36.70 ? 56  ILE B O   1 
ATOM   1000 C CB  . ILE B 1 56 ? 12.587  -6.564  -2.425  1.00 36.62 ? 56  ILE B CB  1 
ATOM   1001 C CG1 . ILE B 1 56 ? 11.641  -7.640  -1.871  1.00 35.40 ? 56  ILE B CG1 1 
ATOM   1002 C CG2 . ILE B 1 56 ? 12.460  -5.280  -1.615  1.00 36.84 ? 56  ILE B CG2 1 
ATOM   1003 C CD1 . ILE B 1 56 ? 11.954  -8.085  -0.445  1.00 34.22 ? 56  ILE B CD1 1 
ATOM   1004 N N   . TRP B 1 57 ? 13.792  -7.881  -4.905  1.00 37.99 ? 57  TRP B N   1 
ATOM   1005 C CA  . TRP B 1 57 ? 14.143  -9.100  -5.618  1.00 39.54 ? 57  TRP B CA  1 
ATOM   1006 C C   . TRP B 1 57 ? 13.725  -10.296 -4.797  1.00 40.31 ? 57  TRP B C   1 
ATOM   1007 O O   . TRP B 1 57 ? 13.621  -10.229 -3.575  1.00 41.56 ? 57  TRP B O   1 
ATOM   1008 C CB  . TRP B 1 57 ? 15.641  -9.221  -5.865  1.00 41.28 ? 57  TRP B CB  1 
ATOM   1009 C CG  . TRP B 1 57 ? 16.289  -8.045  -6.495  1.00 44.98 ? 57  TRP B CG  1 
ATOM   1010 C CD1 . TRP B 1 57 ? 15.715  -7.126  -7.324  1.00 44.80 ? 57  TRP B CD1 1 
ATOM   1011 C CD2 . TRP B 1 57 ? 17.671  -7.683  -6.385  1.00 46.22 ? 57  TRP B CD2 1 
ATOM   1012 N NE1 . TRP B 1 57 ? 16.656  -6.210  -7.737  1.00 47.06 ? 57  TRP B NE1 1 
ATOM   1013 C CE2 . TRP B 1 57 ? 17.866  -6.529  -7.177  1.00 46.58 ? 57  TRP B CE2 1 
ATOM   1014 C CE3 . TRP B 1 57 ? 18.766  -8.226  -5.697  1.00 45.76 ? 57  TRP B CE3 1 
ATOM   1015 C CZ2 . TRP B 1 57 ? 19.116  -5.902  -7.300  1.00 47.11 ? 57  TRP B CZ2 1 
ATOM   1016 C CZ3 . TRP B 1 57 ? 20.012  -7.604  -5.819  1.00 47.23 ? 57  TRP B CZ3 1 
ATOM   1017 C CH2 . TRP B 1 57 ? 20.173  -6.452  -6.616  1.00 46.78 ? 57  TRP B CH2 1 
ATOM   1018 N N   . ASP B 1 58 ? 13.518  -11.407 -5.479  1.00 40.93 ? 58  ASP B N   1 
ATOM   1019 C CA  . ASP B 1 58 ? 13.106  -12.625 -4.824  1.00 41.23 ? 58  ASP B CA  1 
ATOM   1020 C C   . ASP B 1 58 ? 14.208  -13.194 -3.956  1.00 40.46 ? 58  ASP B C   1 
ATOM   1021 O O   . ASP B 1 58 ? 13.939  -13.949 -3.021  1.00 41.54 ? 58  ASP B O   1 
ATOM   1022 C CB  . ASP B 1 58 ? 12.665  -13.625 -5.883  1.00 44.14 ? 58  ASP B CB  1 
ATOM   1023 C CG  . ASP B 1 58 ? 11.534  -13.086 -6.728  1.00 48.76 ? 58  ASP B CG  1 
ATOM   1024 O OD1 . ASP B 1 58 ? 10.389  -13.070 -6.226  1.00 51.33 ? 58  ASP B OD1 1 
ATOM   1025 O OD2 . ASP B 1 58 ? 11.790  -12.654 -7.879  1.00 51.06 ? 58  ASP B OD2 1 
ATOM   1026 N N   . SER B 1 59 ? 15.453  -12.843 -4.254  1.00 38.19 ? 59  SER B N   1 
ATOM   1027 C CA  . SER B 1 59 ? 16.544  -13.351 -3.445  1.00 38.11 ? 59  SER B CA  1 
ATOM   1028 C C   . SER B 1 59 ? 16.630  -12.521 -2.157  1.00 36.54 ? 59  SER B C   1 
ATOM   1029 O O   . SER B 1 59 ? 16.943  -13.043 -1.077  1.00 35.89 ? 59  SER B O   1 
ATOM   1030 C CB  . SER B 1 59 ? 17.858  -13.307 -4.229  1.00 38.45 ? 59  SER B CB  1 
ATOM   1031 O OG  . SER B 1 59 ? 18.146  -11.993 -4.660  1.00 40.79 ? 59  SER B OG  1 
ATOM   1032 N N   . THR B 1 60 ? 16.335  -11.232 -2.272  1.00 34.27 ? 60  THR B N   1 
ATOM   1033 C CA  . THR B 1 60 ? 16.364  -10.372 -1.105  1.00 33.55 ? 60  THR B CA  1 
ATOM   1034 C C   . THR B 1 60 ? 15.287  -10.875 -0.158  1.00 34.07 ? 60  THR B C   1 
ATOM   1035 O O   . THR B 1 60 ? 15.519  -11.016 1.042   1.00 34.58 ? 60  THR B O   1 
ATOM   1036 C CB  . THR B 1 60 ? 16.049  -8.927  -1.452  1.00 32.66 ? 60  THR B CB  1 
ATOM   1037 O OG1 . THR B 1 60 ? 17.041  -8.419  -2.346  1.00 32.24 ? 60  THR B OG1 1 
ATOM   1038 C CG2 . THR B 1 60 ? 16.028  -8.094  -0.196  1.00 31.75 ? 60  THR B CG2 1 
ATOM   1039 N N   . LYS B 1 61 ? 14.106  -11.150 -0.701  1.00 33.86 ? 61  LYS B N   1 
ATOM   1040 C CA  . LYS B 1 61 ? 13.021  -11.659 0.123   1.00 34.05 ? 61  LYS B CA  1 
ATOM   1041 C C   . LYS B 1 61 ? 13.444  -12.961 0.785   1.00 32.88 ? 61  LYS B C   1 
ATOM   1042 O O   . LYS B 1 61 ? 13.161  -13.196 1.958   1.00 32.70 ? 61  LYS B O   1 
ATOM   1043 C CB  . LYS B 1 61 ? 11.772  -11.905 -0.712  1.00 34.94 ? 61  LYS B CB  1 
ATOM   1044 C CG  . LYS B 1 61 ? 10.637  -12.425 0.126   1.00 37.95 ? 61  LYS B CG  1 
ATOM   1045 C CD  . LYS B 1 61 ? 9.382   -12.644 -0.682  1.00 40.56 ? 61  LYS B CD  1 
ATOM   1046 C CE  . LYS B 1 61 ? 8.163   -12.710 0.246   1.00 43.30 ? 61  LYS B CE  1 
ATOM   1047 N NZ  . LYS B 1 61 ? 8.207   -13.840 1.229   1.00 42.14 ? 61  LYS B NZ  1 
ATOM   1048 N N   . ASN B 1 62 ? 14.122  -13.807 0.018   1.00 32.79 ? 62  ASN B N   1 
ATOM   1049 C CA  . ASN B 1 62 ? 14.598  -15.087 0.522   1.00 33.32 ? 62  ASN B CA  1 
ATOM   1050 C C   . ASN B 1 62 ? 15.609  -14.844 1.621   1.00 32.29 ? 62  ASN B C   1 
ATOM   1051 O O   . ASN B 1 62 ? 15.549  -15.436 2.694   1.00 30.73 ? 62  ASN B O   1 
ATOM   1052 C CB  . ASN B 1 62 ? 15.270  -15.877 -0.601  1.00 35.09 ? 62  ASN B CB  1 
ATOM   1053 C CG  . ASN B 1 62 ? 14.279  -16.520 -1.540  1.00 35.48 ? 62  ASN B CG  1 
ATOM   1054 O OD1 . ASN B 1 62 ? 14.639  -16.915 -2.640  1.00 39.16 ? 62  ASN B OD1 1 
ATOM   1055 N ND2 . ASN B 1 62 ? 13.033  -16.640 -1.111  1.00 35.73 ? 62  ASN B ND2 1 
ATOM   1056 N N   . TYR B 1 63 ? 16.559  -13.971 1.321   1.00 32.77 ? 63  TYR B N   1 
ATOM   1057 C CA  . TYR B 1 63 ? 17.591  -13.635 2.270   1.00 33.25 ? 63  TYR B CA  1 
ATOM   1058 C C   . TYR B 1 63 ? 16.957  -13.209 3.596   1.00 33.42 ? 63  TYR B C   1 
ATOM   1059 O O   . TYR B 1 63 ? 17.323  -13.714 4.651   1.00 35.13 ? 63  TYR B O   1 
ATOM   1060 C CB  . TYR B 1 63 ? 18.458  -12.508 1.713   1.00 34.62 ? 63  TYR B CB  1 
ATOM   1061 C CG  . TYR B 1 63 ? 19.523  -12.064 2.685   1.00 36.22 ? 63  TYR B CG  1 
ATOM   1062 C CD1 . TYR B 1 63 ? 20.510  -12.950 3.116   1.00 36.89 ? 63  TYR B CD1 1 
ATOM   1063 C CD2 . TYR B 1 63 ? 19.516  -10.775 3.216   1.00 36.44 ? 63  TYR B CD2 1 
ATOM   1064 C CE1 . TYR B 1 63 ? 21.456  -12.572 4.051   1.00 38.17 ? 63  TYR B CE1 1 
ATOM   1065 C CE2 . TYR B 1 63 ? 20.463  -10.382 4.152   1.00 37.72 ? 63  TYR B CE2 1 
ATOM   1066 C CZ  . TYR B 1 63 ? 21.426  -11.289 4.568   1.00 38.77 ? 63  TYR B CZ  1 
ATOM   1067 O OH  . TYR B 1 63 ? 22.340  -10.928 5.525   1.00 39.05 ? 63  TYR B OH  1 
ATOM   1068 N N   . CYS B 1 64 ? 15.997  -12.291 3.547   1.00 32.43 ? 64  CYS B N   1 
ATOM   1069 C CA  . CYS B 1 64 ? 15.352  -11.825 4.766   1.00 31.07 ? 64  CYS B CA  1 
ATOM   1070 C C   . CYS B 1 64 ? 14.468  -12.871 5.430   1.00 32.03 ? 64  CYS B C   1 
ATOM   1071 O O   . CYS B 1 64 ? 14.468  -13.000 6.658   1.00 32.03 ? 64  CYS B O   1 
ATOM   1072 C CB  . CYS B 1 64 ? 14.525  -10.559 4.496   1.00 29.42 ? 64  CYS B CB  1 
ATOM   1073 S SG  . CYS B 1 64 ? 15.495  -9.120  3.923   1.00 25.17 ? 64  CYS B SG  1 
ATOM   1074 N N   . ASP B 1 65 ? 13.722  -13.626 4.631   1.00 32.97 ? 65  ASP B N   1 
ATOM   1075 C CA  . ASP B 1 65 ? 12.819  -14.635 5.174   1.00 34.58 ? 65  ASP B CA  1 
ATOM   1076 C C   . ASP B 1 65 ? 13.459  -15.701 6.067   1.00 36.68 ? 65  ASP B C   1 
ATOM   1077 O O   . ASP B 1 65 ? 12.867  -16.106 7.059   1.00 35.44 ? 65  ASP B O   1 
ATOM   1078 C CB  . ASP B 1 65 ? 12.051  -15.330 4.041   1.00 33.96 ? 65  ASP B CB  1 
ATOM   1079 C CG  . ASP B 1 65 ? 10.842  -14.539 3.579   1.00 33.70 ? 65  ASP B CG  1 
ATOM   1080 O OD1 . ASP B 1 65 ? 10.247  -13.800 4.386   1.00 34.02 ? 65  ASP B OD1 1 
ATOM   1081 O OD2 . ASP B 1 65 ? 10.466  -14.669 2.407   1.00 35.40 ? 65  ASP B OD2 1 
ATOM   1082 N N   . VAL B 1 66 ? 14.663  -16.151 5.720   1.00 40.00 ? 66  VAL B N   1 
ATOM   1083 C CA  . VAL B 1 66 ? 15.339  -17.198 6.479   1.00 43.61 ? 66  VAL B CA  1 
ATOM   1084 C C   . VAL B 1 66 ? 15.693  -16.837 7.906   1.00 46.77 ? 66  VAL B C   1 
ATOM   1085 O O   . VAL B 1 66 ? 16.251  -17.651 8.632   1.00 47.47 ? 66  VAL B O   1 
ATOM   1086 C CB  . VAL B 1 66 ? 16.616  -17.659 5.772   1.00 43.14 ? 66  VAL B CB  1 
ATOM   1087 C CG1 . VAL B 1 66 ? 16.277  -18.104 4.363   1.00 43.44 ? 66  VAL B CG1 1 
ATOM   1088 C CG2 . VAL B 1 66 ? 17.641  -16.541 5.764   1.00 42.72 ? 66  VAL B CG2 1 
ATOM   1089 N N   . GLN B 1 67 ? 15.379  -15.612 8.303   1.00 50.94 ? 67  GLN B N   1 
ATOM   1090 C CA  . GLN B 1 67 ? 15.648  -15.162 9.660   1.00 54.05 ? 67  GLN B CA  1 
ATOM   1091 C C   . GLN B 1 67 ? 14.831  -15.978 10.648  1.00 55.64 ? 67  GLN B C   1 
ATOM   1092 O O   . GLN B 1 67 ? 15.341  -16.418 11.673  1.00 56.54 ? 67  GLN B O   1 
ATOM   1093 C CB  . GLN B 1 67 ? 15.279  -13.689 9.806   1.00 56.24 ? 67  GLN B CB  1 
ATOM   1094 C CG  . GLN B 1 67 ? 15.091  -13.214 11.248  1.00 58.60 ? 67  GLN B CG  1 
ATOM   1095 C CD  . GLN B 1 67 ? 16.361  -13.295 12.077  1.00 60.43 ? 67  GLN B CD  1 
ATOM   1096 O OE1 . GLN B 1 67 ? 16.408  -12.807 13.208  1.00 61.56 ? 67  GLN B OE1 1 
ATOM   1097 N NE2 . GLN B 1 67 ? 17.397  -13.910 11.521  1.00 61.26 ? 67  GLN B NE2 1 
ATOM   1098 N N   . ILE B 1 68 ? 13.554  -16.162 10.337  1.00 57.11 ? 68  ILE B N   1 
ATOM   1099 C CA  . ILE B 1 68 ? 12.660  -16.924 11.200  1.00 58.66 ? 68  ILE B CA  1 
ATOM   1100 C C   . ILE B 1 68 ? 13.133  -18.358 11.402  1.00 59.31 ? 68  ILE B C   1 
ATOM   1101 O O   . ILE B 1 68 ? 12.947  -18.934 12.472  1.00 59.11 ? 68  ILE B O   1 
ATOM   1102 C CB  . ILE B 1 68 ? 11.216  -16.962 10.632  1.00 59.01 ? 68  ILE B CB  1 
ATOM   1103 C CG1 . ILE B 1 68 ? 11.255  -17.227 9.122   1.00 60.29 ? 68  ILE B CG1 1 
ATOM   1104 C CG2 . ILE B 1 68 ? 10.488  -15.674 10.976  1.00 58.63 ? 68  ILE B CG2 1 
ATOM   1105 C CD1 . ILE B 1 68 ? 9.888   -17.233 8.432   1.00 61.13 ? 68  ILE B CD1 1 
ATOM   1106 N N   . ILE B 1 69 ? 13.746  -18.934 10.375  1.00 60.19 ? 69  ILE B N   1 
ATOM   1107 C CA  . ILE B 1 69 ? 14.226  -20.304 10.462  1.00 60.62 ? 69  ILE B CA  1 
ATOM   1108 C C   . ILE B 1 69 ? 15.016  -20.544 11.747  1.00 60.84 ? 69  ILE B C   1 
ATOM   1109 O O   . ILE B 1 69 ? 15.957  -19.815 12.067  1.00 60.41 ? 69  ILE B O   1 
ATOM   1110 C CB  . ILE B 1 69 ? 15.093  -20.683 9.228   1.00 60.91 ? 69  ILE B CB  1 
ATOM   1111 C CG1 . ILE B 1 69 ? 14.196  -21.076 8.049   1.00 60.26 ? 69  ILE B CG1 1 
ATOM   1112 C CG2 . ILE B 1 69 ? 16.013  -21.854 9.567   1.00 61.56 ? 69  ILE B CG2 1 
ATOM   1113 C CD1 . ILE B 1 69 ? 13.200  -20.027 7.635   1.00 60.90 ? 69  ILE B CD1 1 
ATOM   1114 N N   . ASP B 1 70 ? 14.600  -21.578 12.474  1.00 61.56 ? 70  ASP B N   1 
ATOM   1115 C CA  . ASP B 1 70 ? 15.213  -21.981 13.739  1.00 61.56 ? 70  ASP B CA  1 
ATOM   1116 C C   . ASP B 1 70 ? 16.076  -23.227 13.511  1.00 61.56 ? 70  ASP B C   1 
ATOM   1117 O O   . ASP B 1 70 ? 15.557  -24.303 13.203  1.00 61.56 ? 70  ASP B O   1 
ATOM   1118 C CB  . ASP B 1 70 ? 14.112  -22.302 14.764  1.00 61.56 ? 70  ASP B CB  1 
ATOM   1119 C CG  . ASP B 1 70 ? 14.665  -22.805 16.096  1.00 61.56 ? 70  ASP B CG  1 
ATOM   1120 O OD1 . ASP B 1 70 ? 13.868  -23.348 16.898  1.00 61.56 ? 70  ASP B OD1 1 
ATOM   1121 O OD2 . ASP B 1 70 ? 15.884  -22.652 16.345  1.00 61.56 ? 70  ASP B OD2 1 
ATOM   1122 N N   . LEU B 1 71 ? 17.389  -23.079 13.664  1.00 61.49 ? 71  LEU B N   1 
ATOM   1123 C CA  . LEU B 1 71 ? 18.302  -24.196 13.469  1.00 61.56 ? 71  LEU B CA  1 
ATOM   1124 C C   . LEU B 1 71 ? 18.100  -25.273 14.537  1.00 61.56 ? 71  LEU B C   1 
ATOM   1125 O O   . LEU B 1 71 ? 18.495  -26.423 14.346  1.00 61.56 ? 71  LEU B O   1 
ATOM   1126 C CB  . LEU B 1 71 ? 19.753  -23.702 13.479  1.00 61.56 ? 71  LEU B CB  1 
ATOM   1127 C CG  . LEU B 1 71 ? 20.094  -22.623 12.442  1.00 61.56 ? 71  LEU B CG  1 
ATOM   1128 C CD1 . LEU B 1 71 ? 21.569  -22.243 12.556  1.00 61.05 ? 71  LEU B CD1 1 
ATOM   1129 C CD2 . LEU B 1 71 ? 19.772  -23.134 11.036  1.00 61.31 ? 71  LEU B CD2 1 
ATOM   1130 N N   . SER B 1 72 ? 17.490  -24.905 15.660  1.00 61.48 ? 72  SER B N   1 
ATOM   1131 C CA  . SER B 1 72 ? 17.241  -25.876 16.724  1.00 61.56 ? 72  SER B CA  1 
ATOM   1132 C C   . SER B 1 72 ? 15.766  -26.285 16.732  1.00 61.56 ? 72  SER B C   1 
ATOM   1133 O O   . SER B 1 72 ? 15.156  -26.292 17.820  1.00 61.56 ? 72  SER B O   1 
ATOM   1134 C CB  . SER B 1 72 ? 17.629  -25.297 18.094  1.00 61.56 ? 72  SER B CB  1 
ATOM   1135 O OG  . SER B 1 72 ? 16.821  -24.181 18.446  1.00 61.56 ? 72  SER B OG  1 
ATOM   1136 O OXT . SER B 1 72 ? 15.239  -26.604 15.643  1.00 61.56 ? 72  SER B OXT 1 
HETATM 1137 S S   . SO4 C 2 .  ? -20.957 16.546  -20.537 1.00 36.72 ? 101 SO4 A S   1 
HETATM 1138 O O1  . SO4 C 2 .  ? -19.986 16.650  -21.640 1.00 32.87 ? 101 SO4 A O1  1 
HETATM 1139 O O2  . SO4 C 2 .  ? -22.306 16.194  -21.049 1.00 38.26 ? 101 SO4 A O2  1 
HETATM 1140 O O3  . SO4 C 2 .  ? -21.025 17.838  -19.844 1.00 36.11 ? 101 SO4 A O3  1 
HETATM 1141 O O4  . SO4 C 2 .  ? -20.525 15.510  -19.585 1.00 34.50 ? 101 SO4 A O4  1 
HETATM 1142 S S   . SO4 D 2 .  ? -2.906  16.754  -10.299 1.00 46.10 ? 102 SO4 A S   1 
HETATM 1143 O O1  . SO4 D 2 .  ? -2.451  17.545  -9.145  1.00 46.04 ? 102 SO4 A O1  1 
HETATM 1144 O O2  . SO4 D 2 .  ? -4.208  17.271  -10.767 1.00 47.92 ? 102 SO4 A O2  1 
HETATM 1145 O O3  . SO4 D 2 .  ? -1.901  16.829  -11.374 1.00 46.56 ? 102 SO4 A O3  1 
HETATM 1146 O O4  . SO4 D 2 .  ? -3.072  15.351  -9.897  1.00 46.68 ? 102 SO4 A O4  1 
HETATM 1147 S S   . SO4 E 2 .  ? -7.126  19.119  -9.005  1.00 61.56 ? 103 SO4 A S   1 
HETATM 1148 O O1  . SO4 E 2 .  ? -7.074  20.290  -8.098  1.00 60.40 ? 103 SO4 A O1  1 
HETATM 1149 O O2  . SO4 E 2 .  ? -8.232  19.279  -9.970  1.00 60.59 ? 103 SO4 A O2  1 
HETATM 1150 O O3  . SO4 E 2 .  ? -5.849  18.991  -9.740  1.00 60.43 ? 103 SO4 A O3  1 
HETATM 1151 O O4  . SO4 E 2 .  ? -7.346  17.890  -8.212  1.00 61.32 ? 103 SO4 A O4  1 
HETATM 1152 S S   . SO4 F 2 .  ? -17.079 16.151  -6.186  1.00 57.76 ? 104 SO4 A S   1 
HETATM 1153 O O1  . SO4 F 2 .  ? -16.734 15.616  -7.520  1.00 55.56 ? 104 SO4 A O1  1 
HETATM 1154 O O2  . SO4 F 2 .  ? -18.503 15.897  -5.913  1.00 56.00 ? 104 SO4 A O2  1 
HETATM 1155 O O3  . SO4 F 2 .  ? -16.831 17.612  -6.157  1.00 55.02 ? 104 SO4 A O3  1 
HETATM 1156 O O4  . SO4 F 2 .  ? -16.262 15.472  -5.156  1.00 54.30 ? 104 SO4 A O4  1 
HETATM 1157 S S   . SO4 G 2 .  ? 1.743   15.505  8.210   1.00 61.56 ? 105 SO4 A S   1 
HETATM 1158 O O1  . SO4 G 2 .  ? 2.622   14.621  7.416   1.00 61.56 ? 105 SO4 A O1  1 
HETATM 1159 O O2  . SO4 G 2 .  ? 1.998   15.247  9.645   1.00 61.56 ? 105 SO4 A O2  1 
HETATM 1160 O O3  . SO4 G 2 .  ? 2.011   16.928  7.881   1.00 61.53 ? 105 SO4 A O3  1 
HETATM 1161 O O4  . SO4 G 2 .  ? 0.328   15.189  7.905   1.00 61.56 ? 105 SO4 A O4  1 
HETATM 1162 S S   . SO4 H 2 .  ? -0.185  10.939  0.870   1.00 49.26 ? 107 SO4 A S   1 
HETATM 1163 O O1  . SO4 H 2 .  ? -1.421  11.632  1.256   1.00 48.69 ? 107 SO4 A O1  1 
HETATM 1164 O O2  . SO4 H 2 .  ? -0.311  10.398  -0.496  1.00 49.37 ? 107 SO4 A O2  1 
HETATM 1165 O O3  . SO4 H 2 .  ? 0.961   11.874  0.917   1.00 50.48 ? 107 SO4 A O3  1 
HETATM 1166 O O4  . SO4 H 2 .  ? 0.028   9.828   1.813   1.00 50.12 ? 107 SO4 A O4  1 
HETATM 1167 S S   . SO4 I 2 .  ? -3.131  16.536  7.103   1.00 29.43 ? 108 SO4 A S   1 
HETATM 1168 O O1  . SO4 I 2 .  ? -2.068  15.618  7.537   1.00 30.39 ? 108 SO4 A O1  1 
HETATM 1169 O O2  . SO4 I 2 .  ? -3.614  17.359  8.222   1.00 29.65 ? 108 SO4 A O2  1 
HETATM 1170 O O3  . SO4 I 2 .  ? -2.569  17.430  6.085   1.00 30.07 ? 108 SO4 A O3  1 
HETATM 1171 O O4  . SO4 I 2 .  ? -4.253  15.755  6.573   1.00 31.04 ? 108 SO4 A O4  1 
HETATM 1172 S S   . SO4 J 2 .  ? -17.791 14.326  -10.482 1.00 34.44 ? 110 SO4 A S   1 
HETATM 1173 O O1  . SO4 J 2 .  ? -16.911 14.254  -11.655 1.00 33.92 ? 110 SO4 A O1  1 
HETATM 1174 O O2  . SO4 J 2 .  ? -18.192 15.728  -10.285 1.00 35.05 ? 110 SO4 A O2  1 
HETATM 1175 O O3  . SO4 J 2 .  ? -18.981 13.489  -10.689 1.00 33.26 ? 110 SO4 A O3  1 
HETATM 1176 O O4  . SO4 J 2 .  ? -17.071 13.833  -9.290  1.00 34.84 ? 110 SO4 A O4  1 
HETATM 1177 S S   . SO4 K 2 .  ? 21.495  -8.265  7.664   1.00 61.56 ? 106 SO4 B S   1 
HETATM 1178 O O1  . SO4 K 2 .  ? 20.075  -7.927  7.483   1.00 61.56 ? 106 SO4 B O1  1 
HETATM 1179 O O2  . SO4 K 2 .  ? 22.115  -8.510  6.349   1.00 61.56 ? 106 SO4 B O2  1 
HETATM 1180 O O3  . SO4 K 2 .  ? 22.187  -7.131  8.322   1.00 61.56 ? 106 SO4 B O3  1 
HETATM 1181 O O4  . SO4 K 2 .  ? 21.614  -9.486  8.488   1.00 61.56 ? 106 SO4 B O4  1 
HETATM 1182 S S   . SO4 L 2 .  ? 16.522  -12.352 -8.264  1.00 61.56 ? 109 SO4 B S   1 
HETATM 1183 O O1  . SO4 L 2 .  ? 15.057  -12.113 -8.283  1.00 61.37 ? 109 SO4 B O1  1 
HETATM 1184 O O2  . SO4 L 2 .  ? 17.209  -11.420 -9.191  1.00 61.56 ? 109 SO4 B O2  1 
HETATM 1185 O O3  . SO4 L 2 .  ? 17.034  -12.117 -6.903  1.00 61.56 ? 109 SO4 B O3  1 
HETATM 1186 O O4  . SO4 L 2 .  ? 16.815  -13.758 -8.636  1.00 61.56 ? 109 SO4 B O4  1 
HETATM 1187 S S   . SO4 M 2 .  ? 16.017  -4.902  -3.560  1.00 57.51 ? 111 SO4 B S   1 
HETATM 1188 O O1  . SO4 M 2 .  ? 14.871  -4.598  -4.437  1.00 57.38 ? 111 SO4 B O1  1 
HETATM 1189 O O2  . SO4 M 2 .  ? 17.279  -4.489  -4.212  1.00 58.81 ? 111 SO4 B O2  1 
HETATM 1190 O O3  . SO4 M 2 .  ? 15.855  -4.149  -2.302  1.00 59.15 ? 111 SO4 B O3  1 
HETATM 1191 O O4  . SO4 M 2 .  ? 16.070  -6.353  -3.282  1.00 56.48 ? 111 SO4 B O4  1 
HETATM 1192 O O   . HOH N 3 .  ? -9.376  15.310  -19.150 1.00 30.14 ? 111 HOH A O   1 
HETATM 1193 O O   . HOH N 3 .  ? -7.119  6.585   -0.534  1.00 20.37 ? 112 HOH A O   1 
HETATM 1194 O O   . HOH N 3 .  ? -1.772  13.208  -11.926 1.00 17.00 ? 113 HOH A O   1 
HETATM 1195 O O   . HOH N 3 .  ? 2.292   13.682  -1.060  1.00 28.28 ? 114 HOH A O   1 
HETATM 1196 O O   . HOH N 3 .  ? -16.909 -0.371  -5.340  1.00 26.04 ? 115 HOH A O   1 
HETATM 1197 O O   . HOH N 3 .  ? -7.249  10.786  -20.325 1.00 22.85 ? 116 HOH A O   1 
HETATM 1198 O O   . HOH N 3 .  ? -11.121 10.576  -16.123 1.00 31.80 ? 117 HOH A O   1 
HETATM 1199 O O   . HOH N 3 .  ? -7.461  22.126  -5.582  1.00 32.13 ? 118 HOH A O   1 
HETATM 1200 O O   . HOH N 3 .  ? 1.563   10.670  -5.376  1.00 25.29 ? 119 HOH A O   1 
HETATM 1201 O O   . HOH N 3 .  ? -19.597 23.483  -15.574 1.00 44.81 ? 120 HOH A O   1 
HETATM 1202 O O   . HOH N 3 .  ? -9.224  7.872   0.529   1.00 35.58 ? 121 HOH A O   1 
HETATM 1203 O O   . HOH N 3 .  ? -11.493 18.957  -16.089 1.00 49.83 ? 122 HOH A O   1 
HETATM 1204 O O   . HOH N 3 .  ? -5.627  -1.765  -10.604 1.00 45.37 ? 123 HOH A O   1 
HETATM 1205 O O   . HOH N 3 .  ? -9.622  -1.621  -3.676  1.00 31.41 ? 124 HOH A O   1 
HETATM 1206 O O   . HOH N 3 .  ? -6.059  10.940  7.481   1.00 41.34 ? 125 HOH A O   1 
HETATM 1207 O O   . HOH N 3 .  ? -14.858 9.490   0.832   1.00 40.28 ? 126 HOH A O   1 
HETATM 1208 O O   . HOH N 3 .  ? 3.499   10.743  8.479   1.00 51.36 ? 127 HOH A O   1 
HETATM 1209 O O   . HOH N 3 .  ? -17.068 7.157   -15.690 1.00 31.34 ? 128 HOH A O   1 
HETATM 1210 O O   . HOH N 3 .  ? -11.176 13.283  -17.145 1.00 33.91 ? 129 HOH A O   1 
HETATM 1211 O O   . HOH N 3 .  ? -11.277 21.762  -11.254 1.00 44.89 ? 130 HOH A O   1 
HETATM 1212 O O   . HOH N 3 .  ? 3.436   14.939  -3.062  1.00 41.21 ? 131 HOH A O   1 
HETATM 1213 O O   . HOH N 3 .  ? -12.147 -4.768  2.871   1.00 54.11 ? 132 HOH A O   1 
HETATM 1214 O O   . HOH N 3 .  ? -6.738  17.185  -14.206 1.00 22.91 ? 133 HOH A O   1 
HETATM 1215 O O   . HOH N 3 .  ? -1.147  18.038  -0.832  1.00 32.25 ? 134 HOH A O   1 
HETATM 1216 O O   . HOH N 3 .  ? -6.200  21.551  0.760   1.00 37.20 ? 135 HOH A O   1 
HETATM 1217 O O   . HOH N 3 .  ? -15.768 21.747  -7.300  1.00 36.28 ? 136 HOH A O   1 
HETATM 1218 O O   . HOH N 3 .  ? -26.139 17.863  -13.099 1.00 43.90 ? 137 HOH A O   1 
HETATM 1219 O O   . HOH N 3 .  ? -20.690 18.814  -9.599  1.00 54.07 ? 138 HOH A O   1 
HETATM 1220 O O   . HOH N 3 .  ? -0.008  21.686  -10.024 1.00 40.94 ? 139 HOH A O   1 
HETATM 1221 O O   . HOH N 3 .  ? -5.353  13.349  -18.706 1.00 31.81 ? 140 HOH A O   1 
HETATM 1222 O O   . HOH N 3 .  ? -25.771 15.153  -19.635 1.00 52.41 ? 141 HOH A O   1 
HETATM 1223 O O   . HOH N 3 .  ? -4.595  21.358  -12.046 1.00 45.89 ? 142 HOH A O   1 
HETATM 1224 O O   . HOH N 3 .  ? -11.079 26.517  -4.877  0.50 36.20 ? 143 HOH A O   1 
HETATM 1225 O O   . HOH N 3 .  ? 1.953   24.057  -11.265 1.00 44.24 ? 144 HOH A O   1 
HETATM 1226 O O   . HOH N 3 .  ? -6.106  -9.227  0.417   1.00 34.97 ? 145 HOH A O   1 
HETATM 1227 O O   . HOH N 3 .  ? -1.818  22.703  -8.644  1.00 37.29 ? 146 HOH A O   1 
HETATM 1228 O O   . HOH N 3 .  ? 1.478   18.852  5.970   1.00 45.45 ? 147 HOH A O   1 
HETATM 1229 O O   . HOH N 3 .  ? 10.120  14.702  7.470   0.50 51.45 ? 148 HOH A O   1 
HETATM 1230 O O   . HOH N 3 .  ? -24.434 18.068  -22.017 1.00 60.46 ? 149 HOH A O   1 
HETATM 1231 O O   . HOH N 3 .  ? -16.610 -5.965  5.167   1.00 57.70 ? 150 HOH A O   1 
HETATM 1232 O O   . HOH N 3 .  ? -16.555 19.672  -6.836  1.00 37.61 ? 151 HOH A O   1 
HETATM 1233 O O   . HOH O 3 .  ? -9.157  -11.251 8.432   1.00 52.43 ? 112 HOH B O   1 
HETATM 1234 O O   . HOH O 3 .  ? 25.596  -8.192  6.648   1.00 49.65 ? 113 HOH B O   1 
HETATM 1235 O O   . HOH O 3 .  ? 20.417  -6.287  16.609  1.00 25.84 ? 114 HOH B O   1 
HETATM 1236 O O   . HOH O 3 .  ? 20.097  -10.480 -8.994  1.00 54.51 ? 115 HOH B O   1 
HETATM 1237 O O   . HOH O 3 .  ? 3.048   -7.888  -2.133  1.00 24.22 ? 116 HOH B O   1 
HETATM 1238 O O   . HOH O 3 .  ? -3.100  -16.758 5.125   1.00 41.83 ? 117 HOH B O   1 
HETATM 1239 O O   . HOH O 3 .  ? -0.982  -6.057  8.682   1.00 38.27 ? 118 HOH B O   1 
HETATM 1240 O O   . HOH O 3 .  ? 12.661  -19.573 2.972   1.00 45.58 ? 119 HOH B O   1 
HETATM 1241 O O   . HOH O 3 .  ? 11.255  5.365   19.115  1.00 39.99 ? 120 HOH B O   1 
HETATM 1242 O O   . HOH O 3 .  ? 18.444  1.978   5.161   1.00 36.18 ? 121 HOH B O   1 
HETATM 1243 O O   . HOH O 3 .  ? 20.526  -4.859  8.651   1.00 31.59 ? 122 HOH B O   1 
HETATM 1244 O O   . HOH O 3 .  ? 20.670  -10.188 -1.225  1.00 31.31 ? 123 HOH B O   1 
HETATM 1245 O O   . HOH O 3 .  ? 20.326  -4.234  -2.603  1.00 50.48 ? 124 HOH B O   1 
HETATM 1246 O O   . HOH O 3 .  ? 8.984   -5.957  0.444   1.00 21.30 ? 125 HOH B O   1 
HETATM 1247 O O   . HOH O 3 .  ? 8.887   -20.532 7.858   1.00 59.27 ? 126 HOH B O   1 
HETATM 1248 O O   . HOH O 3 .  ? 19.717  -16.188 -0.693  1.00 38.62 ? 127 HOH B O   1 
HETATM 1249 O O   . HOH O 3 .  ? 15.993  -20.337 -0.866  1.00 55.79 ? 128 HOH B O   1 
HETATM 1250 O O   . HOH O 3 .  ? 8.445   -0.153  -4.771  1.00 51.62 ? 129 HOH B O   1 
HETATM 1251 O O   . HOH O 3 .  ? 12.756  2.261   -8.363  1.00 61.18 ? 130 HOH B O   1 
HETATM 1252 O O   . HOH O 3 .  ? 25.015  -12.357 9.399   1.00 47.62 ? 131 HOH B O   1 
HETATM 1253 O O   . HOH O 3 .  ? 26.219  -10.078 5.216   1.00 40.15 ? 132 HOH B O   1 
HETATM 1254 O O   . HOH O 3 .  ? 18.066  -5.582  18.392  1.00 26.56 ? 133 HOH B O   1 
HETATM 1255 O O   . HOH O 3 .  ? 21.634  -16.221 5.008   1.00 50.63 ? 134 HOH B O   1 
HETATM 1256 O O   . HOH O 3 .  ? 13.402  5.717   7.952   1.00 47.19 ? 135 HOH B O   1 
HETATM 1257 O O   . HOH O 3 .  ? 18.831  -12.901 7.860   1.00 46.80 ? 136 HOH B O   1 
# 
